data_3F0C
# 
_entry.id   3F0C 
# 
_audit_conform.dict_name       mmcif_pdbx.dic 
_audit_conform.dict_version    5.397 
_audit_conform.dict_location   http://mmcif.pdb.org/dictionaries/ascii/mmcif_pdbx.dic 
# 
loop_
_database_2.database_id 
_database_2.database_code 
_database_2.pdbx_database_accession 
_database_2.pdbx_DOI 
PDB   3F0C         pdb_00003f0c 10.2210/pdb3f0c/pdb 
RCSB  RCSB049986   ?            ?                   
WWPDB D_1000049986 ?            ?                   
# 
loop_
_pdbx_audit_revision_history.ordinal 
_pdbx_audit_revision_history.data_content_type 
_pdbx_audit_revision_history.major_revision 
_pdbx_audit_revision_history.minor_revision 
_pdbx_audit_revision_history.revision_date 
1 'Structure model' 1 0 2008-11-11 
2 'Structure model' 1 1 2011-07-13 
3 'Structure model' 1 2 2017-10-25 
4 'Structure model' 1 3 2023-12-27 
5 'Structure model' 1 4 2024-10-09 
# 
_pdbx_audit_revision_details.ordinal             1 
_pdbx_audit_revision_details.revision_ordinal    1 
_pdbx_audit_revision_details.data_content_type   'Structure model' 
_pdbx_audit_revision_details.provider            repository 
_pdbx_audit_revision_details.type                'Initial release' 
_pdbx_audit_revision_details.description         ? 
_pdbx_audit_revision_details.details             ? 
# 
loop_
_pdbx_audit_revision_group.ordinal 
_pdbx_audit_revision_group.revision_ordinal 
_pdbx_audit_revision_group.data_content_type 
_pdbx_audit_revision_group.group 
1 2 'Structure model' Advisory                    
2 2 'Structure model' 'Refinement description'    
3 2 'Structure model' 'Source and taxonomy'       
4 2 'Structure model' 'Version format compliance' 
5 3 'Structure model' 'Refinement description'    
6 4 'Structure model' 'Data collection'           
7 4 'Structure model' 'Database references'       
8 4 'Structure model' 'Derived calculations'      
9 5 'Structure model' 'Structure summary'         
# 
loop_
_pdbx_audit_revision_category.ordinal 
_pdbx_audit_revision_category.revision_ordinal 
_pdbx_audit_revision_category.data_content_type 
_pdbx_audit_revision_category.category 
1 3 'Structure model' software                  
2 4 'Structure model' chem_comp_atom            
3 4 'Structure model' chem_comp_bond            
4 4 'Structure model' database_2                
5 4 'Structure model' struct_conn               
6 4 'Structure model' struct_site               
7 5 'Structure model' pdbx_entry_details        
8 5 'Structure model' pdbx_modification_feature 
# 
loop_
_pdbx_audit_revision_item.ordinal 
_pdbx_audit_revision_item.revision_ordinal 
_pdbx_audit_revision_item.data_content_type 
_pdbx_audit_revision_item.item 
1 3 'Structure model' '_software.name'                      
2 4 'Structure model' '_database_2.pdbx_DOI'                
3 4 'Structure model' '_database_2.pdbx_database_accession' 
4 4 'Structure model' '_struct_conn.pdbx_leaving_atom_flag' 
5 4 'Structure model' '_struct_site.pdbx_auth_asym_id'      
6 4 'Structure model' '_struct_site.pdbx_auth_comp_id'      
7 4 'Structure model' '_struct_site.pdbx_auth_seq_id'       
# 
_pdbx_database_status.status_code                     REL 
_pdbx_database_status.entry_id                        3F0C 
_pdbx_database_status.recvd_initial_deposition_date   2008-10-24 
_pdbx_database_status.deposit_site                    RCSB 
_pdbx_database_status.process_site                    RCSB 
_pdbx_database_status.status_code_sf                  REL 
_pdbx_database_status.status_code_mr                  ? 
_pdbx_database_status.SG_entry                        Y 
_pdbx_database_status.pdb_format_compatible           Y 
_pdbx_database_status.status_code_cs                  ? 
_pdbx_database_status.methods_development_category    ? 
_pdbx_database_status.status_code_nmr_data            ? 
# 
_pdbx_database_related.db_name        TargetDB 
_pdbx_database_related.db_id          apc88832 
_pdbx_database_related.details        . 
_pdbx_database_related.content_type   unspecified 
# 
loop_
_audit_author.name 
_audit_author.pdbx_ordinal 
'Nocek, B.'                                     1 
'Maltseva, N.'                                  2 
'Tan, K.'                                       3 
'Abdullah, J.'                                  4 
'Eschenfeldt, W.'                               5 
'Joachimiak, A.'                                6 
'Midwest Center for Structural Genomics (MCSG)' 7 
# 
_citation.id                        primary 
_citation.title                     'Crystal structure of transcriptional regulator from Cytophaga hutchinsonii ATCC 33406' 
_citation.journal_abbrev            'To be Published' 
_citation.journal_volume            ? 
_citation.page_first                ? 
_citation.page_last                 ? 
_citation.year                      ? 
_citation.journal_id_ASTM           ? 
_citation.country                   ? 
_citation.journal_id_ISSN           ? 
_citation.journal_id_CSD            0353 
_citation.book_publisher            ? 
_citation.pdbx_database_id_PubMed   ? 
_citation.pdbx_database_id_DOI      ? 
# 
loop_
_citation_author.citation_id 
_citation_author.name 
_citation_author.ordinal 
_citation_author.identifier_ORCID 
primary 'Nocek, B.'       1 ? 
primary 'Maltseva, N.'    2 ? 
primary 'Tan, K.'         3 ? 
primary 'Abdullah, J.'    4 ? 
primary 'Stols, L.'       5 ? 
primary 'Eschenfeldt, W.' 6 ? 
primary 'Joachimiak, A.'  7 ? 
# 
loop_
_entity.id 
_entity.type 
_entity.src_method 
_entity.pdbx_description 
_entity.formula_weight 
_entity.pdbx_number_of_molecules 
_entity.pdbx_ec 
_entity.pdbx_mutation 
_entity.pdbx_fragment 
_entity.details 
1 polymer     man 'Transcriptional regulator' 25516.377 1 ? ? ? ? 
2 non-polymer syn 'SULFATE ION'               96.063    2 ? ? ? ? 
# 
_entity_name_com.entity_id   1 
_entity_name_com.name        'TetR-molecule A' 
# 
_entity_poly.entity_id                      1 
_entity_poly.type                           'polypeptide(L)' 
_entity_poly.nstd_linkage                   no 
_entity_poly.nstd_monomer                   yes 
_entity_poly.pdbx_seq_one_letter_code       
;(MSE)TDNKIKNEDGKLELIINAAQKRFAHYGLCKTT(MSE)NEIASDVG(MSE)GKASLYYYFPDKETLFEAVIKKEQN
VFFDE(MSE)DKILNSGIDATALLKKYVKLRSLHFRHLLNLSKLRSDFFHNTKPVFAKAFESFKQKEVEIVAGIIQYGIT
TKEFKRGNKHENAEFLVHLLLGVR(MSE)VKLKYKEINDFDESDYEDLDKN(MSE)CKVAG(MSE)FLKEIQTEVASREN
LYFQ
;
_entity_poly.pdbx_seq_one_letter_code_can   
;MTDNKIKNEDGKLELIINAAQKRFAHYGLCKTTMNEIASDVGMGKASLYYYFPDKETLFEAVIKKEQNVFFDEMDKILNS
GIDATALLKKYVKLRSLHFRHLLNLSKLRSDFFHNTKPVFAKAFESFKQKEVEIVAGIIQYGITTKEFKRGNKHENAEFL
VHLLLGVRMVKLKYKEINDFDESDYEDLDKNMCKVAGMFLKEIQTEVASRENLYFQ
;
_entity_poly.pdbx_strand_id                 A 
_entity_poly.pdbx_target_identifier         apc88832 
# 
_pdbx_entity_nonpoly.entity_id   2 
_pdbx_entity_nonpoly.name        'SULFATE ION' 
_pdbx_entity_nonpoly.comp_id     SO4 
# 
loop_
_entity_poly_seq.entity_id 
_entity_poly_seq.num 
_entity_poly_seq.mon_id 
_entity_poly_seq.hetero 
1 1   MSE n 
1 2   THR n 
1 3   ASP n 
1 4   ASN n 
1 5   LYS n 
1 6   ILE n 
1 7   LYS n 
1 8   ASN n 
1 9   GLU n 
1 10  ASP n 
1 11  GLY n 
1 12  LYS n 
1 13  LEU n 
1 14  GLU n 
1 15  LEU n 
1 16  ILE n 
1 17  ILE n 
1 18  ASN n 
1 19  ALA n 
1 20  ALA n 
1 21  GLN n 
1 22  LYS n 
1 23  ARG n 
1 24  PHE n 
1 25  ALA n 
1 26  HIS n 
1 27  TYR n 
1 28  GLY n 
1 29  LEU n 
1 30  CYS n 
1 31  LYS n 
1 32  THR n 
1 33  THR n 
1 34  MSE n 
1 35  ASN n 
1 36  GLU n 
1 37  ILE n 
1 38  ALA n 
1 39  SER n 
1 40  ASP n 
1 41  VAL n 
1 42  GLY n 
1 43  MSE n 
1 44  GLY n 
1 45  LYS n 
1 46  ALA n 
1 47  SER n 
1 48  LEU n 
1 49  TYR n 
1 50  TYR n 
1 51  TYR n 
1 52  PHE n 
1 53  PRO n 
1 54  ASP n 
1 55  LYS n 
1 56  GLU n 
1 57  THR n 
1 58  LEU n 
1 59  PHE n 
1 60  GLU n 
1 61  ALA n 
1 62  VAL n 
1 63  ILE n 
1 64  LYS n 
1 65  LYS n 
1 66  GLU n 
1 67  GLN n 
1 68  ASN n 
1 69  VAL n 
1 70  PHE n 
1 71  PHE n 
1 72  ASP n 
1 73  GLU n 
1 74  MSE n 
1 75  ASP n 
1 76  LYS n 
1 77  ILE n 
1 78  LEU n 
1 79  ASN n 
1 80  SER n 
1 81  GLY n 
1 82  ILE n 
1 83  ASP n 
1 84  ALA n 
1 85  THR n 
1 86  ALA n 
1 87  LEU n 
1 88  LEU n 
1 89  LYS n 
1 90  LYS n 
1 91  TYR n 
1 92  VAL n 
1 93  LYS n 
1 94  LEU n 
1 95  ARG n 
1 96  SER n 
1 97  LEU n 
1 98  HIS n 
1 99  PHE n 
1 100 ARG n 
1 101 HIS n 
1 102 LEU n 
1 103 LEU n 
1 104 ASN n 
1 105 LEU n 
1 106 SER n 
1 107 LYS n 
1 108 LEU n 
1 109 ARG n 
1 110 SER n 
1 111 ASP n 
1 112 PHE n 
1 113 PHE n 
1 114 HIS n 
1 115 ASN n 
1 116 THR n 
1 117 LYS n 
1 118 PRO n 
1 119 VAL n 
1 120 PHE n 
1 121 ALA n 
1 122 LYS n 
1 123 ALA n 
1 124 PHE n 
1 125 GLU n 
1 126 SER n 
1 127 PHE n 
1 128 LYS n 
1 129 GLN n 
1 130 LYS n 
1 131 GLU n 
1 132 VAL n 
1 133 GLU n 
1 134 ILE n 
1 135 VAL n 
1 136 ALA n 
1 137 GLY n 
1 138 ILE n 
1 139 ILE n 
1 140 GLN n 
1 141 TYR n 
1 142 GLY n 
1 143 ILE n 
1 144 THR n 
1 145 THR n 
1 146 LYS n 
1 147 GLU n 
1 148 PHE n 
1 149 LYS n 
1 150 ARG n 
1 151 GLY n 
1 152 ASN n 
1 153 LYS n 
1 154 HIS n 
1 155 GLU n 
1 156 ASN n 
1 157 ALA n 
1 158 GLU n 
1 159 PHE n 
1 160 LEU n 
1 161 VAL n 
1 162 HIS n 
1 163 LEU n 
1 164 LEU n 
1 165 LEU n 
1 166 GLY n 
1 167 VAL n 
1 168 ARG n 
1 169 MSE n 
1 170 VAL n 
1 171 LYS n 
1 172 LEU n 
1 173 LYS n 
1 174 TYR n 
1 175 LYS n 
1 176 GLU n 
1 177 ILE n 
1 178 ASN n 
1 179 ASP n 
1 180 PHE n 
1 181 ASP n 
1 182 GLU n 
1 183 SER n 
1 184 ASP n 
1 185 TYR n 
1 186 GLU n 
1 187 ASP n 
1 188 LEU n 
1 189 ASP n 
1 190 LYS n 
1 191 ASN n 
1 192 MSE n 
1 193 CYS n 
1 194 LYS n 
1 195 VAL n 
1 196 ALA n 
1 197 GLY n 
1 198 MSE n 
1 199 PHE n 
1 200 LEU n 
1 201 LYS n 
1 202 GLU n 
1 203 ILE n 
1 204 GLN n 
1 205 THR n 
1 206 GLU n 
1 207 VAL n 
1 208 ALA n 
1 209 SER n 
1 210 ARG n 
1 211 GLU n 
1 212 ASN n 
1 213 LEU n 
1 214 TYR n 
1 215 PHE n 
1 216 GLN n 
# 
_entity_src_gen.entity_id                          1 
_entity_src_gen.pdbx_src_id                        1 
_entity_src_gen.pdbx_alt_source_flag               sample 
_entity_src_gen.pdbx_seq_type                      ? 
_entity_src_gen.pdbx_beg_seq_num                   ? 
_entity_src_gen.pdbx_end_seq_num                   ? 
_entity_src_gen.gene_src_common_name               ? 
_entity_src_gen.gene_src_genus                     ? 
_entity_src_gen.pdbx_gene_src_gene                 'ycdC, CHU_0940' 
_entity_src_gen.gene_src_species                   ? 
_entity_src_gen.gene_src_strain                    'ATCC 33406' 
_entity_src_gen.gene_src_tissue                    ? 
_entity_src_gen.gene_src_tissue_fraction           ? 
_entity_src_gen.gene_src_details                   ? 
_entity_src_gen.pdbx_gene_src_fragment             ? 
_entity_src_gen.pdbx_gene_src_scientific_name      'Cytophaga hutchinsonii' 
_entity_src_gen.pdbx_gene_src_ncbi_taxonomy_id     269798 
_entity_src_gen.pdbx_gene_src_variant              ? 
_entity_src_gen.pdbx_gene_src_cell_line            ? 
_entity_src_gen.pdbx_gene_src_atcc                 ? 
_entity_src_gen.pdbx_gene_src_organ                ? 
_entity_src_gen.pdbx_gene_src_organelle            ? 
_entity_src_gen.pdbx_gene_src_cell                 ? 
_entity_src_gen.pdbx_gene_src_cellular_location    ? 
_entity_src_gen.host_org_common_name               ? 
_entity_src_gen.pdbx_host_org_scientific_name      'Escherichia coli' 
_entity_src_gen.pdbx_host_org_ncbi_taxonomy_id     562 
_entity_src_gen.host_org_genus                     ? 
_entity_src_gen.pdbx_host_org_gene                 ? 
_entity_src_gen.pdbx_host_org_organ                ? 
_entity_src_gen.host_org_species                   ? 
_entity_src_gen.pdbx_host_org_tissue               ? 
_entity_src_gen.pdbx_host_org_tissue_fraction      ? 
_entity_src_gen.pdbx_host_org_strain               BL21DE3 
_entity_src_gen.pdbx_host_org_variant              ? 
_entity_src_gen.pdbx_host_org_cell_line            ? 
_entity_src_gen.pdbx_host_org_atcc                 ? 
_entity_src_gen.pdbx_host_org_culture_collection   ? 
_entity_src_gen.pdbx_host_org_cell                 ? 
_entity_src_gen.pdbx_host_org_organelle            ? 
_entity_src_gen.pdbx_host_org_cellular_location    ? 
_entity_src_gen.pdbx_host_org_vector_type          plasmid 
_entity_src_gen.pdbx_host_org_vector               ? 
_entity_src_gen.host_org_details                   ? 
_entity_src_gen.expression_system_id               ? 
_entity_src_gen.plasmid_name                       pMCSG7 
_entity_src_gen.plasmid_details                    ? 
_entity_src_gen.pdbx_description                   ? 
# 
loop_
_chem_comp.id 
_chem_comp.type 
_chem_comp.mon_nstd_flag 
_chem_comp.name 
_chem_comp.pdbx_synonyms 
_chem_comp.formula 
_chem_comp.formula_weight 
ALA 'L-peptide linking' y ALANINE          ? 'C3 H7 N O2'     89.093  
ARG 'L-peptide linking' y ARGININE         ? 'C6 H15 N4 O2 1' 175.209 
ASN 'L-peptide linking' y ASPARAGINE       ? 'C4 H8 N2 O3'    132.118 
ASP 'L-peptide linking' y 'ASPARTIC ACID'  ? 'C4 H7 N O4'     133.103 
CYS 'L-peptide linking' y CYSTEINE         ? 'C3 H7 N O2 S'   121.158 
GLN 'L-peptide linking' y GLUTAMINE        ? 'C5 H10 N2 O3'   146.144 
GLU 'L-peptide linking' y 'GLUTAMIC ACID'  ? 'C5 H9 N O4'     147.129 
GLY 'peptide linking'   y GLYCINE          ? 'C2 H5 N O2'     75.067  
HIS 'L-peptide linking' y HISTIDINE        ? 'C6 H10 N3 O2 1' 156.162 
ILE 'L-peptide linking' y ISOLEUCINE       ? 'C6 H13 N O2'    131.173 
LEU 'L-peptide linking' y LEUCINE          ? 'C6 H13 N O2'    131.173 
LYS 'L-peptide linking' y LYSINE           ? 'C6 H15 N2 O2 1' 147.195 
MSE 'L-peptide linking' n SELENOMETHIONINE ? 'C5 H11 N O2 Se' 196.106 
PHE 'L-peptide linking' y PHENYLALANINE    ? 'C9 H11 N O2'    165.189 
PRO 'L-peptide linking' y PROLINE          ? 'C5 H9 N O2'     115.130 
SER 'L-peptide linking' y SERINE           ? 'C3 H7 N O3'     105.093 
SO4 non-polymer         . 'SULFATE ION'    ? 'O4 S -2'        96.063  
THR 'L-peptide linking' y THREONINE        ? 'C4 H9 N O3'     119.119 
TYR 'L-peptide linking' y TYROSINE         ? 'C9 H11 N O3'    181.189 
VAL 'L-peptide linking' y VALINE           ? 'C5 H11 N O2'    117.146 
# 
loop_
_pdbx_poly_seq_scheme.asym_id 
_pdbx_poly_seq_scheme.entity_id 
_pdbx_poly_seq_scheme.seq_id 
_pdbx_poly_seq_scheme.mon_id 
_pdbx_poly_seq_scheme.ndb_seq_num 
_pdbx_poly_seq_scheme.pdb_seq_num 
_pdbx_poly_seq_scheme.auth_seq_num 
_pdbx_poly_seq_scheme.pdb_mon_id 
_pdbx_poly_seq_scheme.auth_mon_id 
_pdbx_poly_seq_scheme.pdb_strand_id 
_pdbx_poly_seq_scheme.pdb_ins_code 
_pdbx_poly_seq_scheme.hetero 
A 1 1   MSE 1   1   ?   ?   ?   A . n 
A 1 2   THR 2   2   ?   ?   ?   A . n 
A 1 3   ASP 3   3   ?   ?   ?   A . n 
A 1 4   ASN 4   4   ?   ?   ?   A . n 
A 1 5   LYS 5   5   ?   ?   ?   A . n 
A 1 6   ILE 6   6   ?   ?   ?   A . n 
A 1 7   LYS 7   7   ?   ?   ?   A . n 
A 1 8   ASN 8   8   ?   ?   ?   A . n 
A 1 9   GLU 9   9   ?   ?   ?   A . n 
A 1 10  ASP 10  10  10  ASP ASP A . n 
A 1 11  GLY 11  11  11  GLY GLY A . n 
A 1 12  LYS 12  12  12  LYS LYS A . n 
A 1 13  LEU 13  13  13  LEU LEU A . n 
A 1 14  GLU 14  14  14  GLU GLU A . n 
A 1 15  LEU 15  15  15  LEU LEU A . n 
A 1 16  ILE 16  16  16  ILE ILE A . n 
A 1 17  ILE 17  17  17  ILE ILE A . n 
A 1 18  ASN 18  18  18  ASN ASN A . n 
A 1 19  ALA 19  19  19  ALA ALA A . n 
A 1 20  ALA 20  20  20  ALA ALA A . n 
A 1 21  GLN 21  21  21  GLN GLN A . n 
A 1 22  LYS 22  22  22  LYS LYS A . n 
A 1 23  ARG 23  23  23  ARG ARG A . n 
A 1 24  PHE 24  24  24  PHE PHE A . n 
A 1 25  ALA 25  25  25  ALA ALA A . n 
A 1 26  HIS 26  26  26  HIS HIS A . n 
A 1 27  TYR 27  27  27  TYR TYR A . n 
A 1 28  GLY 28  28  28  GLY GLY A . n 
A 1 29  LEU 29  29  29  LEU LEU A . n 
A 1 30  CYS 30  30  30  CYS CYS A . n 
A 1 31  LYS 31  31  31  LYS LYS A . n 
A 1 32  THR 32  32  32  THR THR A . n 
A 1 33  THR 33  33  33  THR THR A . n 
A 1 34  MSE 34  34  34  MSE MSE A . n 
A 1 35  ASN 35  35  35  ASN ASN A . n 
A 1 36  GLU 36  36  36  GLU GLU A . n 
A 1 37  ILE 37  37  37  ILE ILE A . n 
A 1 38  ALA 38  38  38  ALA ALA A . n 
A 1 39  SER 39  39  39  SER SER A . n 
A 1 40  ASP 40  40  40  ASP ASP A . n 
A 1 41  VAL 41  41  41  VAL VAL A . n 
A 1 42  GLY 42  42  42  GLY GLY A . n 
A 1 43  MSE 43  43  43  MSE MSE A . n 
A 1 44  GLY 44  44  44  GLY GLY A . n 
A 1 45  LYS 45  45  45  LYS LYS A . n 
A 1 46  ALA 46  46  46  ALA ALA A . n 
A 1 47  SER 47  47  47  SER SER A . n 
A 1 48  LEU 48  48  48  LEU LEU A . n 
A 1 49  TYR 49  49  49  TYR TYR A . n 
A 1 50  TYR 50  50  50  TYR TYR A . n 
A 1 51  TYR 51  51  51  TYR TYR A . n 
A 1 52  PHE 52  52  52  PHE PHE A . n 
A 1 53  PRO 53  53  53  PRO PRO A . n 
A 1 54  ASP 54  54  54  ASP ASP A . n 
A 1 55  LYS 55  55  55  LYS LYS A . n 
A 1 56  GLU 56  56  56  GLU GLU A . n 
A 1 57  THR 57  57  57  THR THR A . n 
A 1 58  LEU 58  58  58  LEU LEU A . n 
A 1 59  PHE 59  59  59  PHE PHE A . n 
A 1 60  GLU 60  60  60  GLU GLU A . n 
A 1 61  ALA 61  61  61  ALA ALA A . n 
A 1 62  VAL 62  62  62  VAL VAL A . n 
A 1 63  ILE 63  63  63  ILE ILE A . n 
A 1 64  LYS 64  64  64  LYS LYS A . n 
A 1 65  LYS 65  65  65  LYS LYS A . n 
A 1 66  GLU 66  66  66  GLU GLU A . n 
A 1 67  GLN 67  67  67  GLN GLN A . n 
A 1 68  ASN 68  68  68  ASN ASN A . n 
A 1 69  VAL 69  69  69  VAL VAL A . n 
A 1 70  PHE 70  70  70  PHE PHE A . n 
A 1 71  PHE 71  71  71  PHE PHE A . n 
A 1 72  ASP 72  72  72  ASP ASP A . n 
A 1 73  GLU 73  73  73  GLU GLU A . n 
A 1 74  MSE 74  74  74  MSE MSE A . n 
A 1 75  ASP 75  75  75  ASP ASP A . n 
A 1 76  LYS 76  76  76  LYS LYS A . n 
A 1 77  ILE 77  77  77  ILE ILE A . n 
A 1 78  LEU 78  78  78  LEU LEU A . n 
A 1 79  ASN 79  79  79  ASN ASN A . n 
A 1 80  SER 80  80  80  SER SER A . n 
A 1 81  GLY 81  81  81  GLY GLY A . n 
A 1 82  ILE 82  82  82  ILE ILE A . n 
A 1 83  ASP 83  83  83  ASP ASP A . n 
A 1 84  ALA 84  84  84  ALA ALA A . n 
A 1 85  THR 85  85  85  THR THR A . n 
A 1 86  ALA 86  86  86  ALA ALA A . n 
A 1 87  LEU 87  87  87  LEU LEU A . n 
A 1 88  LEU 88  88  88  LEU LEU A . n 
A 1 89  LYS 89  89  89  LYS LYS A . n 
A 1 90  LYS 90  90  90  LYS LYS A . n 
A 1 91  TYR 91  91  91  TYR TYR A . n 
A 1 92  VAL 92  92  92  VAL VAL A . n 
A 1 93  LYS 93  93  93  LYS LYS A . n 
A 1 94  LEU 94  94  94  LEU LEU A . n 
A 1 95  ARG 95  95  95  ARG ARG A . n 
A 1 96  SER 96  96  96  SER SER A . n 
A 1 97  LEU 97  97  97  LEU LEU A . n 
A 1 98  HIS 98  98  98  HIS HIS A . n 
A 1 99  PHE 99  99  99  PHE PHE A . n 
A 1 100 ARG 100 100 100 ARG ARG A . n 
A 1 101 HIS 101 101 101 HIS HIS A . n 
A 1 102 LEU 102 102 102 LEU LEU A . n 
A 1 103 LEU 103 103 103 LEU LEU A . n 
A 1 104 ASN 104 104 104 ASN ASN A . n 
A 1 105 LEU 105 105 105 LEU LEU A . n 
A 1 106 SER 106 106 106 SER SER A . n 
A 1 107 LYS 107 107 107 LYS LYS A . n 
A 1 108 LEU 108 108 108 LEU LEU A . n 
A 1 109 ARG 109 109 109 ARG ARG A . n 
A 1 110 SER 110 110 110 SER SER A . n 
A 1 111 ASP 111 111 111 ASP ASP A . n 
A 1 112 PHE 112 112 112 PHE PHE A . n 
A 1 113 PHE 113 113 ?   ?   ?   A . n 
A 1 114 HIS 114 114 ?   ?   ?   A . n 
A 1 115 ASN 115 115 ?   ?   ?   A . n 
A 1 116 THR 116 116 116 THR THR A . n 
A 1 117 LYS 117 117 117 LYS LYS A . n 
A 1 118 PRO 118 118 118 PRO PRO A . n 
A 1 119 VAL 119 119 119 VAL VAL A . n 
A 1 120 PHE 120 120 120 PHE PHE A . n 
A 1 121 ALA 121 121 121 ALA ALA A . n 
A 1 122 LYS 122 122 122 LYS LYS A . n 
A 1 123 ALA 123 123 123 ALA ALA A . n 
A 1 124 PHE 124 124 124 PHE PHE A . n 
A 1 125 GLU 125 125 125 GLU GLU A . n 
A 1 126 SER 126 126 126 SER SER A . n 
A 1 127 PHE 127 127 127 PHE PHE A . n 
A 1 128 LYS 128 128 128 LYS LYS A . n 
A 1 129 GLN 129 129 129 GLN GLN A . n 
A 1 130 LYS 130 130 130 LYS LYS A . n 
A 1 131 GLU 131 131 131 GLU GLU A . n 
A 1 132 VAL 132 132 132 VAL VAL A . n 
A 1 133 GLU 133 133 133 GLU GLU A . n 
A 1 134 ILE 134 134 134 ILE ILE A . n 
A 1 135 VAL 135 135 135 VAL VAL A . n 
A 1 136 ALA 136 136 136 ALA ALA A . n 
A 1 137 GLY 137 137 137 GLY GLY A . n 
A 1 138 ILE 138 138 138 ILE ILE A . n 
A 1 139 ILE 139 139 139 ILE ILE A . n 
A 1 140 GLN 140 140 140 GLN GLN A . n 
A 1 141 TYR 141 141 141 TYR TYR A . n 
A 1 142 GLY 142 142 142 GLY GLY A . n 
A 1 143 ILE 143 143 143 ILE ILE A . n 
A 1 144 THR 144 144 144 THR THR A . n 
A 1 145 THR 145 145 145 THR THR A . n 
A 1 146 LYS 146 146 146 LYS LYS A . n 
A 1 147 GLU 147 147 147 GLU GLU A . n 
A 1 148 PHE 148 148 148 PHE PHE A . n 
A 1 149 LYS 149 149 149 LYS LYS A . n 
A 1 150 ARG 150 150 150 ARG ARG A . n 
A 1 151 GLY 151 151 151 GLY GLY A . n 
A 1 152 ASN 152 152 152 ASN ASN A . n 
A 1 153 LYS 153 153 153 LYS LYS A . n 
A 1 154 HIS 154 154 154 HIS HIS A . n 
A 1 155 GLU 155 155 155 GLU GLU A . n 
A 1 156 ASN 156 156 156 ASN ASN A . n 
A 1 157 ALA 157 157 157 ALA ALA A . n 
A 1 158 GLU 158 158 158 GLU GLU A . n 
A 1 159 PHE 159 159 159 PHE PHE A . n 
A 1 160 LEU 160 160 160 LEU LEU A . n 
A 1 161 VAL 161 161 161 VAL VAL A . n 
A 1 162 HIS 162 162 162 HIS HIS A . n 
A 1 163 LEU 163 163 163 LEU LEU A . n 
A 1 164 LEU 164 164 164 LEU LEU A . n 
A 1 165 LEU 165 165 165 LEU LEU A . n 
A 1 166 GLY 166 166 166 GLY GLY A . n 
A 1 167 VAL 167 167 167 VAL VAL A . n 
A 1 168 ARG 168 168 168 ARG ARG A . n 
A 1 169 MSE 169 169 169 MSE MSE A . n 
A 1 170 VAL 170 170 170 VAL VAL A . n 
A 1 171 LYS 171 171 171 LYS LYS A . n 
A 1 172 LEU 172 172 172 LEU LEU A . n 
A 1 173 LYS 173 173 173 LYS LYS A . n 
A 1 174 TYR 174 174 174 TYR TYR A . n 
A 1 175 LYS 175 175 175 LYS LYS A . n 
A 1 176 GLU 176 176 176 GLU GLU A . n 
A 1 177 ILE 177 177 177 ILE ILE A . n 
A 1 178 ASN 178 178 178 ASN ASN A . n 
A 1 179 ASP 179 179 179 ASP ASP A . n 
A 1 180 PHE 180 180 180 PHE PHE A . n 
A 1 181 ASP 181 181 181 ASP ASP A . n 
A 1 182 GLU 182 182 182 GLU GLU A . n 
A 1 183 SER 183 183 183 SER SER A . n 
A 1 184 ASP 184 184 184 ASP ASP A . n 
A 1 185 TYR 185 185 185 TYR TYR A . n 
A 1 186 GLU 186 186 186 GLU GLU A . n 
A 1 187 ASP 187 187 187 ASP ASP A . n 
A 1 188 LEU 188 188 188 LEU LEU A . n 
A 1 189 ASP 189 189 189 ASP ASP A . n 
A 1 190 LYS 190 190 190 LYS LYS A . n 
A 1 191 ASN 191 191 191 ASN ASN A . n 
A 1 192 MSE 192 192 192 MSE MSE A . n 
A 1 193 CYS 193 193 193 CYS CYS A . n 
A 1 194 LYS 194 194 194 LYS LYS A . n 
A 1 195 VAL 195 195 195 VAL VAL A . n 
A 1 196 ALA 196 196 196 ALA ALA A . n 
A 1 197 GLY 197 197 197 GLY GLY A . n 
A 1 198 MSE 198 198 198 MSE MSE A . n 
A 1 199 PHE 199 199 199 PHE PHE A . n 
A 1 200 LEU 200 200 200 LEU LEU A . n 
A 1 201 LYS 201 201 201 LYS LYS A . n 
A 1 202 GLU 202 202 202 GLU GLU A . n 
A 1 203 ILE 203 203 203 ILE ILE A . n 
A 1 204 GLN 204 204 204 GLN GLN A . n 
A 1 205 THR 205 205 205 THR THR A . n 
A 1 206 GLU 206 206 ?   ?   ?   A . n 
A 1 207 VAL 207 207 ?   ?   ?   A . n 
A 1 208 ALA 208 208 ?   ?   ?   A . n 
A 1 209 SER 209 209 ?   ?   ?   A . n 
A 1 210 ARG 210 210 ?   ?   ?   A . n 
A 1 211 GLU 211 211 ?   ?   ?   A . n 
A 1 212 ASN 212 212 ?   ?   ?   A . n 
A 1 213 LEU 213 213 ?   ?   ?   A . n 
A 1 214 TYR 214 214 ?   ?   ?   A . n 
A 1 215 PHE 215 215 ?   ?   ?   A . n 
A 1 216 GLN 216 216 ?   ?   ?   A . n 
# 
loop_
_pdbx_nonpoly_scheme.asym_id 
_pdbx_nonpoly_scheme.entity_id 
_pdbx_nonpoly_scheme.mon_id 
_pdbx_nonpoly_scheme.ndb_seq_num 
_pdbx_nonpoly_scheme.pdb_seq_num 
_pdbx_nonpoly_scheme.auth_seq_num 
_pdbx_nonpoly_scheme.pdb_mon_id 
_pdbx_nonpoly_scheme.auth_mon_id 
_pdbx_nonpoly_scheme.pdb_strand_id 
_pdbx_nonpoly_scheme.pdb_ins_code 
B 2 SO4 1 217 1 SO4 SO4 A . 
C 2 SO4 1 218 2 SO4 SO4 A . 
# 
loop_
_pdbx_unobs_or_zero_occ_atoms.id 
_pdbx_unobs_or_zero_occ_atoms.PDB_model_num 
_pdbx_unobs_or_zero_occ_atoms.polymer_flag 
_pdbx_unobs_or_zero_occ_atoms.occupancy_flag 
_pdbx_unobs_or_zero_occ_atoms.auth_asym_id 
_pdbx_unobs_or_zero_occ_atoms.auth_comp_id 
_pdbx_unobs_or_zero_occ_atoms.auth_seq_id 
_pdbx_unobs_or_zero_occ_atoms.PDB_ins_code 
_pdbx_unobs_or_zero_occ_atoms.auth_atom_id 
_pdbx_unobs_or_zero_occ_atoms.label_alt_id 
_pdbx_unobs_or_zero_occ_atoms.label_asym_id 
_pdbx_unobs_or_zero_occ_atoms.label_comp_id 
_pdbx_unobs_or_zero_occ_atoms.label_seq_id 
_pdbx_unobs_or_zero_occ_atoms.label_atom_id 
1  1 Y 1 A LEU 108 ? CG  ? A LEU 108 CG  
2  1 Y 1 A LEU 108 ? CD1 ? A LEU 108 CD1 
3  1 Y 1 A LEU 108 ? CD2 ? A LEU 108 CD2 
4  1 Y 1 A ARG 109 ? CG  ? A ARG 109 CG  
5  1 Y 1 A ARG 109 ? CD  ? A ARG 109 CD  
6  1 Y 1 A ARG 109 ? NE  ? A ARG 109 NE  
7  1 Y 1 A ARG 109 ? CZ  ? A ARG 109 CZ  
8  1 Y 1 A ARG 109 ? NH1 ? A ARG 109 NH1 
9  1 Y 1 A ARG 109 ? NH2 ? A ARG 109 NH2 
10 1 Y 1 A PHE 112 ? CG  ? A PHE 112 CG  
11 1 Y 1 A PHE 112 ? CD1 ? A PHE 112 CD1 
12 1 Y 1 A PHE 112 ? CD2 ? A PHE 112 CD2 
13 1 Y 1 A PHE 112 ? CE1 ? A PHE 112 CE1 
14 1 Y 1 A PHE 112 ? CE2 ? A PHE 112 CE2 
15 1 Y 1 A PHE 112 ? CZ  ? A PHE 112 CZ  
16 1 Y 1 A LYS 171 ? CG  ? A LYS 171 CG  
17 1 Y 1 A LYS 171 ? CD  ? A LYS 171 CD  
18 1 Y 1 A LYS 171 ? CE  ? A LYS 171 CE  
19 1 Y 1 A LYS 171 ? NZ  ? A LYS 171 NZ  
20 1 Y 1 A LYS 175 ? CG  ? A LYS 175 CG  
21 1 Y 1 A LYS 175 ? CD  ? A LYS 175 CD  
22 1 Y 1 A LYS 175 ? CE  ? A LYS 175 CE  
23 1 Y 1 A LYS 175 ? NZ  ? A LYS 175 NZ  
24 1 Y 1 A GLU 176 ? CG  ? A GLU 176 CG  
25 1 Y 1 A GLU 176 ? CD  ? A GLU 176 CD  
26 1 Y 1 A GLU 176 ? OE1 ? A GLU 176 OE1 
27 1 Y 1 A GLU 176 ? OE2 ? A GLU 176 OE2 
28 1 Y 1 A ILE 177 ? CG1 ? A ILE 177 CG1 
29 1 Y 1 A ILE 177 ? CG2 ? A ILE 177 CG2 
30 1 Y 1 A ILE 177 ? CD1 ? A ILE 177 CD1 
31 1 Y 1 A ASN 178 ? CG  ? A ASN 178 CG  
32 1 Y 1 A ASN 178 ? OD1 ? A ASN 178 OD1 
33 1 Y 1 A ASN 178 ? ND2 ? A ASN 178 ND2 
34 1 Y 1 A ASP 179 ? CG  ? A ASP 179 CG  
35 1 Y 1 A ASP 179 ? OD1 ? A ASP 179 OD1 
36 1 Y 1 A ASP 179 ? OD2 ? A ASP 179 OD2 
# 
loop_
_software.name 
_software.classification 
_software.version 
_software.citation_id 
_software.pdbx_ordinal 
SBC-Collect 'data collection' Collect  ? 1  
HKL-3000    phasing           .        ? 2  
SHELX       'model building'  .        ? 3  
Coot        'model building'  .        ? 4  
MLPHARE     phasing           .        ? 5  
DM          'model building'  .        ? 6  
REFMAC      refinement        5.5.0054 ? 7  
HKL-3000    'data reduction'  .        ? 8  
HKL-3000    'data scaling'    .        ? 9  
SHELX       phasing           .        ? 10 
DM          phasing           .        ? 11 
# 
_cell.entry_id           3F0C 
_cell.length_a           116.099 
_cell.length_b           116.099 
_cell.length_c           46.367 
_cell.angle_alpha        90.00 
_cell.angle_beta         90.00 
_cell.angle_gamma        120.00 
_cell.Z_PDB              6 
_cell.pdbx_unique_axis   ? 
_cell.length_a_esd       ? 
_cell.length_b_esd       ? 
_cell.length_c_esd       ? 
_cell.angle_alpha_esd    ? 
_cell.angle_beta_esd     ? 
_cell.angle_gamma_esd    ? 
# 
_symmetry.entry_id                         3F0C 
_symmetry.space_group_name_H-M             'P 32 2 1' 
_symmetry.pdbx_full_space_group_name_H-M   ? 
_symmetry.cell_setting                     ? 
_symmetry.Int_Tables_number                154 
_symmetry.space_group_name_Hall            ? 
# 
_exptl.entry_id          3F0C 
_exptl.method            'X-RAY DIFFRACTION' 
_exptl.crystals_number   1 
# 
_exptl_crystal.id                    1 
_exptl_crystal.density_meas          ? 
_exptl_crystal.density_Matthews      3.54 
_exptl_crystal.density_percent_sol   65.21 
_exptl_crystal.description           ? 
_exptl_crystal.F_000                 ? 
_exptl_crystal.preparation           ? 
# 
_exptl_crystal_grow.crystal_id      1 
_exptl_crystal_grow.method          'VAPOR DIFFUSION, SITTING DROP' 
_exptl_crystal_grow.temp            292 
_exptl_crystal_grow.temp_details    ? 
_exptl_crystal_grow.pH              7.0 
_exptl_crystal_grow.pdbx_details    
'1.0 Ammonium sulfate, 0.1M Hepes, 0.5% Pag 8000, pH 7.0 , VAPOR DIFFUSION, SITTING DROP, temperature 292K' 
_exptl_crystal_grow.pdbx_pH_range   ? 
# 
_diffrn.id                     1 
_diffrn.ambient_temp           100 
_diffrn.ambient_temp_details   ? 
_diffrn.crystal_id             1 
# 
_diffrn_detector.diffrn_id              1 
_diffrn_detector.detector               CCD 
_diffrn_detector.type                   'ADSC QUANTUM 315' 
_diffrn_detector.pdbx_collection_date   2008-06-01 
_diffrn_detector.details                mirrors 
# 
_diffrn_radiation.diffrn_id                        1 
_diffrn_radiation.wavelength_id                    1 
_diffrn_radiation.pdbx_monochromatic_or_laue_m_l   M 
_diffrn_radiation.monochromator                    'double crystal' 
_diffrn_radiation.pdbx_diffrn_protocol             'SINGLE WAVELENGTH' 
_diffrn_radiation.pdbx_scattering_type             x-ray 
# 
_diffrn_radiation_wavelength.id           1 
_diffrn_radiation_wavelength.wavelength   0.9794 
_diffrn_radiation_wavelength.wt           1.0 
# 
_diffrn_source.diffrn_id                   1 
_diffrn_source.source                      SYNCHROTRON 
_diffrn_source.type                        'APS BEAMLINE 19-ID' 
_diffrn_source.pdbx_synchrotron_site       APS 
_diffrn_source.pdbx_synchrotron_beamline   19-ID 
_diffrn_source.pdbx_wavelength             0.9794 
_diffrn_source.pdbx_wavelength_list        ? 
# 
_reflns.entry_id                     3F0C 
_reflns.observed_criterion_sigma_I   2.0 
_reflns.observed_criterion_sigma_F   2.0 
_reflns.d_resolution_low             40 
_reflns.d_resolution_high            2.95 
_reflns.number_obs                   7695 
_reflns.number_all                   7735 
_reflns.percent_possible_obs         99.5 
_reflns.pdbx_Rmerge_I_obs            0.10 
_reflns.pdbx_Rsym_value              ? 
_reflns.pdbx_netI_over_sigmaI        25 
_reflns.B_iso_Wilson_estimate        86.3 
_reflns.pdbx_redundancy              8.4 
_reflns.R_free_details               ? 
_reflns.limit_h_max                  ? 
_reflns.limit_h_min                  ? 
_reflns.limit_k_max                  ? 
_reflns.limit_k_min                  ? 
_reflns.limit_l_max                  ? 
_reflns.limit_l_min                  ? 
_reflns.observed_criterion_F_max     ? 
_reflns.observed_criterion_F_min     ? 
_reflns.pdbx_chi_squared             ? 
_reflns.pdbx_scaling_rejects         ? 
_reflns.pdbx_ordinal                 1 
_reflns.pdbx_diffrn_id               1 
# 
_reflns_shell.d_res_high             2.95 
_reflns_shell.d_res_low              3.00 
_reflns_shell.percent_possible_all   100 
_reflns_shell.Rmerge_I_obs           0.591 
_reflns_shell.pdbx_Rsym_value        ? 
_reflns_shell.meanI_over_sigI_obs    3.8 
_reflns_shell.pdbx_redundancy        8.6 
_reflns_shell.percent_possible_obs   ? 
_reflns_shell.number_unique_all      362 
_reflns_shell.number_measured_all    ? 
_reflns_shell.number_measured_obs    ? 
_reflns_shell.number_unique_obs      ? 
_reflns_shell.pdbx_chi_squared       ? 
_reflns_shell.pdbx_ordinal           1 
_reflns_shell.pdbx_diffrn_id         1 
# 
_refine.entry_id                                 3F0C 
_refine.ls_number_reflns_obs                     7335 
_refine.ls_number_reflns_all                     7685 
_refine.pdbx_ls_sigma_I                          2.0 
_refine.pdbx_ls_sigma_F                          2.0 
_refine.pdbx_data_cutoff_high_absF               ? 
_refine.pdbx_data_cutoff_low_absF                ? 
_refine.pdbx_data_cutoff_high_rms_absF           ? 
_refine.ls_d_res_low                             40.00 
_refine.ls_d_res_high                            2.96 
_refine.ls_percent_reflns_obs                    99.42 
_refine.ls_R_factor_obs                          0.21046 
_refine.ls_R_factor_all                          0.220 
_refine.ls_R_factor_R_work                       0.20883 
_refine.ls_R_factor_R_free                       0.27083 
_refine.ls_R_factor_R_free_error                 ? 
_refine.ls_R_factor_R_free_error_details         ? 
_refine.ls_percent_reflns_R_free                 4.6 
_refine.ls_number_reflns_R_free                  350 
_refine.ls_number_parameters                     ? 
_refine.ls_number_restraints                     ? 
_refine.occupancy_min                            ? 
_refine.occupancy_max                            ? 
_refine.correlation_coeff_Fo_to_Fc               0.949 
_refine.correlation_coeff_Fo_to_Fc_free          0.908 
_refine.B_iso_mean                               32.875 
_refine.aniso_B[1][1]                            -1.40 
_refine.aniso_B[2][2]                            -1.40 
_refine.aniso_B[3][3]                            2.09 
_refine.aniso_B[1][2]                            -0.70 
_refine.aniso_B[1][3]                            0.00 
_refine.aniso_B[2][3]                            0.00 
_refine.solvent_model_details                    MASK 
_refine.solvent_model_param_ksol                 ? 
_refine.solvent_model_param_bsol                 ? 
_refine.pdbx_solvent_vdw_probe_radii             1.20 
_refine.pdbx_solvent_ion_probe_radii             0.80 
_refine.pdbx_solvent_shrinkage_radii             0.80 
_refine.pdbx_ls_cross_valid_method               THROUGHOUT 
_refine.details                                  'HYDROGENS HAVE BEEN ADDED IN THE RIDING POSITIONS' 
_refine.pdbx_starting_model                      ? 
_refine.pdbx_method_to_determine_struct          SAD 
_refine.pdbx_isotropic_thermal_model             ? 
_refine.pdbx_stereochemistry_target_values       'MAXIMUM LIKELIHOOD' 
_refine.pdbx_stereochem_target_val_spec_case     ? 
_refine.pdbx_R_Free_selection_details            RANDOM 
_refine.pdbx_overall_ESU_R                       0.730 
_refine.pdbx_overall_ESU_R_Free                  0.374 
_refine.overall_SU_ML                            0.291 
_refine.overall_SU_B                             35.724 
_refine.ls_redundancy_reflns_obs                 ? 
_refine.B_iso_min                                ? 
_refine.B_iso_max                                ? 
_refine.overall_SU_R_Cruickshank_DPI             ? 
_refine.overall_SU_R_free                        ? 
_refine.ls_wR_factor_R_free                      ? 
_refine.ls_wR_factor_R_work                      ? 
_refine.overall_FOM_free_R_set                   ? 
_refine.overall_FOM_work_R_set                   ? 
_refine.pdbx_overall_phase_error                 ? 
_refine.pdbx_refine_id                           'X-RAY DIFFRACTION' 
_refine.pdbx_TLS_residual_ADP_flag               'LIKELY RESIDUAL' 
_refine.pdbx_diffrn_id                           1 
_refine.pdbx_overall_SU_R_free_Cruickshank_DPI   ? 
_refine.pdbx_overall_SU_R_Blow_DPI               ? 
_refine.pdbx_overall_SU_R_free_Blow_DPI          ? 
# 
_refine_hist.pdbx_refine_id                   'X-RAY DIFFRACTION' 
_refine_hist.cycle_id                         LAST 
_refine_hist.pdbx_number_atoms_protein        1536 
_refine_hist.pdbx_number_atoms_nucleic_acid   0 
_refine_hist.pdbx_number_atoms_ligand         10 
_refine_hist.number_atoms_solvent             0 
_refine_hist.number_atoms_total               1546 
_refine_hist.d_res_high                       2.96 
_refine_hist.d_res_low                        40.00 
# 
loop_
_refine_ls_restr.type 
_refine_ls_restr.dev_ideal 
_refine_ls_restr.dev_ideal_target 
_refine_ls_restr.weight 
_refine_ls_restr.number 
_refine_ls_restr.pdbx_refine_id 
_refine_ls_restr.pdbx_restraint_function 
r_bond_refined_d             0.020  0.022  ? 1574 'X-RAY DIFFRACTION' ? 
r_bond_other_d               0.002  0.020  ? 1085 'X-RAY DIFFRACTION' ? 
r_angle_refined_deg          1.844  1.974  ? 2108 'X-RAY DIFFRACTION' ? 
r_angle_other_deg            1.002  3.000  ? 2657 'X-RAY DIFFRACTION' ? 
r_dihedral_angle_1_deg       7.146  5.000  ? 191  'X-RAY DIFFRACTION' ? 
r_dihedral_angle_2_deg       38.697 24.857 ? 70   'X-RAY DIFFRACTION' ? 
r_dihedral_angle_3_deg       21.617 15.000 ? 305  'X-RAY DIFFRACTION' ? 
r_dihedral_angle_4_deg       23.979 15.000 ? 5    'X-RAY DIFFRACTION' ? 
r_chiral_restr               0.088  0.200  ? 233  'X-RAY DIFFRACTION' ? 
r_gen_planes_refined         0.006  0.020  ? 1705 'X-RAY DIFFRACTION' ? 
r_gen_planes_other           0.001  0.020  ? 316  'X-RAY DIFFRACTION' ? 
r_nbd_refined                ?      ?      ? ?    'X-RAY DIFFRACTION' ? 
r_nbd_other                  ?      ?      ? ?    'X-RAY DIFFRACTION' ? 
r_nbtor_refined              ?      ?      ? ?    'X-RAY DIFFRACTION' ? 
r_nbtor_other                ?      ?      ? ?    'X-RAY DIFFRACTION' ? 
r_xyhbond_nbd_refined        ?      ?      ? ?    'X-RAY DIFFRACTION' ? 
r_xyhbond_nbd_other          ?      ?      ? ?    'X-RAY DIFFRACTION' ? 
r_metal_ion_refined          ?      ?      ? ?    'X-RAY DIFFRACTION' ? 
r_metal_ion_other            ?      ?      ? ?    'X-RAY DIFFRACTION' ? 
r_symmetry_vdw_refined       ?      ?      ? ?    'X-RAY DIFFRACTION' ? 
r_symmetry_vdw_other         ?      ?      ? ?    'X-RAY DIFFRACTION' ? 
r_symmetry_hbond_refined     ?      ?      ? ?    'X-RAY DIFFRACTION' ? 
r_symmetry_hbond_other       ?      ?      ? ?    'X-RAY DIFFRACTION' ? 
r_symmetry_metal_ion_refined ?      ?      ? ?    'X-RAY DIFFRACTION' ? 
r_symmetry_metal_ion_other   ?      ?      ? ?    'X-RAY DIFFRACTION' ? 
r_mcbond_it                  0.698  1.500  ? 955  'X-RAY DIFFRACTION' ? 
r_mcbond_other               0.102  1.500  ? 393  'X-RAY DIFFRACTION' ? 
r_mcangle_it                 1.415  2.000  ? 1523 'X-RAY DIFFRACTION' ? 
r_scbond_it                  2.051  3.000  ? 619  'X-RAY DIFFRACTION' ? 
r_scangle_it                 3.402  4.500  ? 585  'X-RAY DIFFRACTION' ? 
r_rigid_bond_restr           ?      ?      ? ?    'X-RAY DIFFRACTION' ? 
r_sphericity_free            ?      ?      ? ?    'X-RAY DIFFRACTION' ? 
r_sphericity_bonded          ?      ?      ? ?    'X-RAY DIFFRACTION' ? 
# 
_refine_ls_shell.pdbx_total_number_of_bins_used   20 
_refine_ls_shell.d_res_high                       2.955 
_refine_ls_shell.d_res_low                        3.032 
_refine_ls_shell.number_reflns_R_work             527 
_refine_ls_shell.R_factor_R_work                  0.274 
_refine_ls_shell.percent_reflns_obs               99.82 
_refine_ls_shell.R_factor_R_free                  0.269 
_refine_ls_shell.R_factor_R_free_error            ? 
_refine_ls_shell.percent_reflns_R_free            ? 
_refine_ls_shell.number_reflns_R_free             26 
_refine_ls_shell.number_reflns_all                ? 
_refine_ls_shell.R_factor_all                     ? 
_refine_ls_shell.number_reflns_obs                ? 
_refine_ls_shell.redundancy_reflns_obs            ? 
_refine_ls_shell.pdbx_refine_id                   'X-RAY DIFFRACTION' 
# 
_struct.entry_id                  3F0C 
_struct.title                     'Crystal structure of transcriptional regulator from Cytophaga hutchinsonii ATCC 33406' 
_struct.pdbx_model_details        ? 
_struct.pdbx_CASP_flag            ? 
_struct.pdbx_model_type_details   ? 
# 
_struct_keywords.entry_id        3F0C 
_struct_keywords.pdbx_keywords   'transcription regulator' 
_struct_keywords.text            
;TETR, MCSG, PSI, SAD, Structural Genomics, Protein Structure Initiative, Midwest Center for Structural Genomics, DNA-binding, Transcription, Transcription regulation, transcription regulator
;
# 
loop_
_struct_asym.id 
_struct_asym.pdbx_blank_PDB_chainid_flag 
_struct_asym.pdbx_modified 
_struct_asym.entity_id 
_struct_asym.details 
A N N 1 ? 
B N N 2 ? 
C N N 2 ? 
# 
_struct_ref.id                         1 
_struct_ref.db_name                    UNP 
_struct_ref.db_code                    Q11WJ7_CYTH3 
_struct_ref.pdbx_db_accession          Q11WJ7 
_struct_ref.entity_id                  1 
_struct_ref.pdbx_seq_one_letter_code   
;MTDNKIKNEDGKLELIINAAQKRFAHYGLCKTTMNEIASDVGMGKASLYYYFPDKETLFEAVIKKEQNVFFDEMDKILNS
GIDATALLKKYVKLRSLHFRHLLNLSKLRSDFFHNTKPVFAKAFESFKQKEVEIVAGIIQYGITTKEFKRGNKHENAEFL
VHLLLGVRMVKLKYKEINDFDESDYEDLDKNMCKVAGMFLKEIQTEVASR
;
_struct_ref.pdbx_align_begin           1 
_struct_ref.pdbx_db_isoform            ? 
# 
_struct_ref_seq.align_id                      1 
_struct_ref_seq.ref_id                        1 
_struct_ref_seq.pdbx_PDB_id_code              3F0C 
_struct_ref_seq.pdbx_strand_id                A 
_struct_ref_seq.seq_align_beg                 1 
_struct_ref_seq.pdbx_seq_align_beg_ins_code   ? 
_struct_ref_seq.seq_align_end                 210 
_struct_ref_seq.pdbx_seq_align_end_ins_code   ? 
_struct_ref_seq.pdbx_db_accession             Q11WJ7 
_struct_ref_seq.db_align_beg                  1 
_struct_ref_seq.pdbx_db_align_beg_ins_code    ? 
_struct_ref_seq.db_align_end                  210 
_struct_ref_seq.pdbx_db_align_end_ins_code    ? 
_struct_ref_seq.pdbx_auth_seq_align_beg       1 
_struct_ref_seq.pdbx_auth_seq_align_end       210 
# 
loop_
_struct_ref_seq_dif.align_id 
_struct_ref_seq_dif.pdbx_pdb_id_code 
_struct_ref_seq_dif.mon_id 
_struct_ref_seq_dif.pdbx_pdb_strand_id 
_struct_ref_seq_dif.seq_num 
_struct_ref_seq_dif.pdbx_pdb_ins_code 
_struct_ref_seq_dif.pdbx_seq_db_name 
_struct_ref_seq_dif.pdbx_seq_db_accession_code 
_struct_ref_seq_dif.db_mon_id 
_struct_ref_seq_dif.pdbx_seq_db_seq_num 
_struct_ref_seq_dif.details 
_struct_ref_seq_dif.pdbx_auth_seq_num 
_struct_ref_seq_dif.pdbx_ordinal 
1 3F0C GLU A 211 ? UNP Q11WJ7 ? ? 'expression tag' 211 1 
1 3F0C ASN A 212 ? UNP Q11WJ7 ? ? 'expression tag' 212 2 
1 3F0C LEU A 213 ? UNP Q11WJ7 ? ? 'expression tag' 213 3 
1 3F0C TYR A 214 ? UNP Q11WJ7 ? ? 'expression tag' 214 4 
1 3F0C PHE A 215 ? UNP Q11WJ7 ? ? 'expression tag' 215 5 
1 3F0C GLN A 216 ? UNP Q11WJ7 ? ? 'expression tag' 216 6 
# 
_pdbx_struct_assembly.id                   1 
_pdbx_struct_assembly.details              author_and_software_defined_assembly 
_pdbx_struct_assembly.method_details       PISA 
_pdbx_struct_assembly.oligomeric_details   dimeric 
_pdbx_struct_assembly.oligomeric_count     2 
# 
loop_
_pdbx_struct_assembly_prop.biol_id 
_pdbx_struct_assembly_prop.type 
_pdbx_struct_assembly_prop.value 
_pdbx_struct_assembly_prop.details 
1 'ABSA (A^2)' 2540  ? 
1 MORE         -55   ? 
1 'SSA (A^2)'  20690 ? 
# 
_pdbx_struct_assembly_gen.assembly_id       1 
_pdbx_struct_assembly_gen.oper_expression   1,2 
_pdbx_struct_assembly_gen.asym_id_list      A,B,C 
# 
loop_
_pdbx_struct_oper_list.id 
_pdbx_struct_oper_list.type 
_pdbx_struct_oper_list.name 
_pdbx_struct_oper_list.symmetry_operation 
_pdbx_struct_oper_list.matrix[1][1] 
_pdbx_struct_oper_list.matrix[1][2] 
_pdbx_struct_oper_list.matrix[1][3] 
_pdbx_struct_oper_list.vector[1] 
_pdbx_struct_oper_list.matrix[2][1] 
_pdbx_struct_oper_list.matrix[2][2] 
_pdbx_struct_oper_list.matrix[2][3] 
_pdbx_struct_oper_list.vector[2] 
_pdbx_struct_oper_list.matrix[3][1] 
_pdbx_struct_oper_list.matrix[3][2] 
_pdbx_struct_oper_list.matrix[3][3] 
_pdbx_struct_oper_list.vector[3] 
1 'identity operation'         1_555 x,y,z    1.0000000000  0.0000000000  0.0000000000 0.0000000000  0.0000000000  1.0000000000  0.0000000000  0.0000000000   0.0000000000 0.0000000000  1.0000000000  0.0000000000   
2 'crystal symmetry operation' 4_556 y,x,-z+1 -0.1167951918 -0.8112352408 0.5729365299 -5.9960648270 -0.8112352408 -0.2548697542 -0.5262497435 -22.0952657164 0.5729365299 -0.5262497435 -0.6283350540 -22.0420661928 
# 
_struct_biol.id        1 
_struct_biol.details   likely-dimer 
# 
loop_
_struct_conf.conf_type_id 
_struct_conf.id 
_struct_conf.pdbx_PDB_helix_id 
_struct_conf.beg_label_comp_id 
_struct_conf.beg_label_asym_id 
_struct_conf.beg_label_seq_id 
_struct_conf.pdbx_beg_PDB_ins_code 
_struct_conf.end_label_comp_id 
_struct_conf.end_label_asym_id 
_struct_conf.end_label_seq_id 
_struct_conf.pdbx_end_PDB_ins_code 
_struct_conf.beg_auth_comp_id 
_struct_conf.beg_auth_asym_id 
_struct_conf.beg_auth_seq_id 
_struct_conf.end_auth_comp_id 
_struct_conf.end_auth_asym_id 
_struct_conf.end_auth_seq_id 
_struct_conf.pdbx_PDB_helix_class 
_struct_conf.details 
_struct_conf.pdbx_PDB_helix_length 
HELX_P HELX_P1 1 GLY A 11  ? GLY A 28  ? GLY A 11  GLY A 28  1 ? 18 
HELX_P HELX_P2 2 THR A 33  ? GLY A 42  ? THR A 33  GLY A 42  1 ? 10 
HELX_P HELX_P3 3 GLY A 44  ? PHE A 52  ? GLY A 44  PHE A 52  1 ? 9  
HELX_P HELX_P4 4 ASP A 54  ? ASN A 79  ? ASP A 54  ASN A 79  1 ? 26 
HELX_P HELX_P5 5 ASP A 83  ? LYS A 107 ? ASP A 83  LYS A 107 1 ? 25 
HELX_P HELX_P6 6 LYS A 117 ? THR A 145 ? LYS A 117 THR A 145 1 ? 29 
HELX_P HELX_P7 7 ASN A 152 ? LYS A 175 ? ASN A 152 LYS A 175 1 ? 24 
HELX_P HELX_P8 8 GLU A 182 ? GLU A 202 ? GLU A 182 GLU A 202 1 ? 21 
# 
_struct_conf_type.id          HELX_P 
_struct_conf_type.criteria    ? 
_struct_conf_type.reference   ? 
# 
loop_
_struct_conn.id 
_struct_conn.conn_type_id 
_struct_conn.pdbx_leaving_atom_flag 
_struct_conn.pdbx_PDB_id 
_struct_conn.ptnr1_label_asym_id 
_struct_conn.ptnr1_label_comp_id 
_struct_conn.ptnr1_label_seq_id 
_struct_conn.ptnr1_label_atom_id 
_struct_conn.pdbx_ptnr1_label_alt_id 
_struct_conn.pdbx_ptnr1_PDB_ins_code 
_struct_conn.pdbx_ptnr1_standard_comp_id 
_struct_conn.ptnr1_symmetry 
_struct_conn.ptnr2_label_asym_id 
_struct_conn.ptnr2_label_comp_id 
_struct_conn.ptnr2_label_seq_id 
_struct_conn.ptnr2_label_atom_id 
_struct_conn.pdbx_ptnr2_label_alt_id 
_struct_conn.pdbx_ptnr2_PDB_ins_code 
_struct_conn.ptnr1_auth_asym_id 
_struct_conn.ptnr1_auth_comp_id 
_struct_conn.ptnr1_auth_seq_id 
_struct_conn.ptnr2_auth_asym_id 
_struct_conn.ptnr2_auth_comp_id 
_struct_conn.ptnr2_auth_seq_id 
_struct_conn.ptnr2_symmetry 
_struct_conn.pdbx_ptnr3_label_atom_id 
_struct_conn.pdbx_ptnr3_label_seq_id 
_struct_conn.pdbx_ptnr3_label_comp_id 
_struct_conn.pdbx_ptnr3_label_asym_id 
_struct_conn.pdbx_ptnr3_label_alt_id 
_struct_conn.pdbx_ptnr3_PDB_ins_code 
_struct_conn.details 
_struct_conn.pdbx_dist_value 
_struct_conn.pdbx_value_order 
_struct_conn.pdbx_role 
covale1  covale both ? A THR 33  C ? ? ? 1_555 A MSE 34  N ? ? A THR 33  A MSE 34  1_555 ? ? ? ? ? ? ? 1.308 ? ? 
covale2  covale both ? A MSE 34  C ? ? ? 1_555 A ASN 35  N ? ? A MSE 34  A ASN 35  1_555 ? ? ? ? ? ? ? 1.316 ? ? 
covale3  covale both ? A GLY 42  C ? ? ? 1_555 A MSE 43  N ? ? A GLY 42  A MSE 43  1_555 ? ? ? ? ? ? ? 1.321 ? ? 
covale4  covale both ? A MSE 43  C ? ? ? 1_555 A GLY 44  N ? ? A MSE 43  A GLY 44  1_555 ? ? ? ? ? ? ? 1.321 ? ? 
covale5  covale both ? A GLU 73  C ? ? ? 1_555 A MSE 74  N ? ? A GLU 73  A MSE 74  1_555 ? ? ? ? ? ? ? 1.336 ? ? 
covale6  covale both ? A MSE 74  C ? ? ? 1_555 A ASP 75  N ? ? A MSE 74  A ASP 75  1_555 ? ? ? ? ? ? ? 1.325 ? ? 
covale7  covale both ? A ARG 168 C ? ? ? 1_555 A MSE 169 N ? ? A ARG 168 A MSE 169 1_555 ? ? ? ? ? ? ? 1.315 ? ? 
covale8  covale both ? A MSE 169 C ? ? ? 1_555 A VAL 170 N ? ? A MSE 169 A VAL 170 1_555 ? ? ? ? ? ? ? 1.329 ? ? 
covale9  covale both ? A ASN 191 C ? ? ? 1_555 A MSE 192 N ? ? A ASN 191 A MSE 192 1_555 ? ? ? ? ? ? ? 1.330 ? ? 
covale10 covale both ? A MSE 192 C ? ? ? 1_555 A CYS 193 N ? ? A MSE 192 A CYS 193 1_555 ? ? ? ? ? ? ? 1.328 ? ? 
covale11 covale both ? A GLY 197 C ? ? ? 1_555 A MSE 198 N ? ? A GLY 197 A MSE 198 1_555 ? ? ? ? ? ? ? 1.319 ? ? 
covale12 covale both ? A MSE 198 C ? ? ? 1_555 A PHE 199 N ? ? A MSE 198 A PHE 199 1_555 ? ? ? ? ? ? ? 1.323 ? ? 
# 
_struct_conn_type.id          covale 
_struct_conn_type.criteria    ? 
_struct_conn_type.reference   ? 
# 
loop_
_pdbx_modification_feature.ordinal 
_pdbx_modification_feature.label_comp_id 
_pdbx_modification_feature.label_asym_id 
_pdbx_modification_feature.label_seq_id 
_pdbx_modification_feature.label_alt_id 
_pdbx_modification_feature.modified_residue_label_comp_id 
_pdbx_modification_feature.modified_residue_label_asym_id 
_pdbx_modification_feature.modified_residue_label_seq_id 
_pdbx_modification_feature.modified_residue_label_alt_id 
_pdbx_modification_feature.auth_comp_id 
_pdbx_modification_feature.auth_asym_id 
_pdbx_modification_feature.auth_seq_id 
_pdbx_modification_feature.PDB_ins_code 
_pdbx_modification_feature.symmetry 
_pdbx_modification_feature.modified_residue_auth_comp_id 
_pdbx_modification_feature.modified_residue_auth_asym_id 
_pdbx_modification_feature.modified_residue_auth_seq_id 
_pdbx_modification_feature.modified_residue_PDB_ins_code 
_pdbx_modification_feature.modified_residue_symmetry 
_pdbx_modification_feature.comp_id_linking_atom 
_pdbx_modification_feature.modified_residue_id_linking_atom 
_pdbx_modification_feature.modified_residue_id 
_pdbx_modification_feature.ref_pcm_id 
_pdbx_modification_feature.ref_comp_id 
_pdbx_modification_feature.type 
_pdbx_modification_feature.category 
1 MSE A 34  ? . . . . MSE A 34  ? 1_555 . . . . . . . MET 1 MSE Selenomethionine 'Named protein modification' 
2 MSE A 43  ? . . . . MSE A 43  ? 1_555 . . . . . . . MET 1 MSE Selenomethionine 'Named protein modification' 
3 MSE A 74  ? . . . . MSE A 74  ? 1_555 . . . . . . . MET 1 MSE Selenomethionine 'Named protein modification' 
4 MSE A 169 ? . . . . MSE A 169 ? 1_555 . . . . . . . MET 1 MSE Selenomethionine 'Named protein modification' 
5 MSE A 192 ? . . . . MSE A 192 ? 1_555 . . . . . . . MET 1 MSE Selenomethionine 'Named protein modification' 
6 MSE A 198 ? . . . . MSE A 198 ? 1_555 . . . . . . . MET 1 MSE Selenomethionine 'Named protein modification' 
# 
_struct_mon_prot_cis.pdbx_id                1 
_struct_mon_prot_cis.label_comp_id          ARG 
_struct_mon_prot_cis.label_seq_id           150 
_struct_mon_prot_cis.label_asym_id          A 
_struct_mon_prot_cis.label_alt_id           . 
_struct_mon_prot_cis.pdbx_PDB_ins_code      ? 
_struct_mon_prot_cis.auth_comp_id           ARG 
_struct_mon_prot_cis.auth_seq_id            150 
_struct_mon_prot_cis.auth_asym_id           A 
_struct_mon_prot_cis.pdbx_label_comp_id_2   GLY 
_struct_mon_prot_cis.pdbx_label_seq_id_2    151 
_struct_mon_prot_cis.pdbx_label_asym_id_2   A 
_struct_mon_prot_cis.pdbx_PDB_ins_code_2    ? 
_struct_mon_prot_cis.pdbx_auth_comp_id_2    GLY 
_struct_mon_prot_cis.pdbx_auth_seq_id_2     151 
_struct_mon_prot_cis.pdbx_auth_asym_id_2    A 
_struct_mon_prot_cis.pdbx_PDB_model_num     1 
_struct_mon_prot_cis.pdbx_omega_angle       3.73 
# 
loop_
_struct_site.id 
_struct_site.pdbx_evidence_code 
_struct_site.pdbx_auth_asym_id 
_struct_site.pdbx_auth_comp_id 
_struct_site.pdbx_auth_seq_id 
_struct_site.pdbx_auth_ins_code 
_struct_site.pdbx_num_residues 
_struct_site.details 
AC1 Software A SO4 217 ? 1 'BINDING SITE FOR RESIDUE SO4 A 217' 
AC2 Software A SO4 218 ? 6 'BINDING SITE FOR RESIDUE SO4 A 218' 
# 
loop_
_struct_site_gen.id 
_struct_site_gen.site_id 
_struct_site_gen.pdbx_num_res 
_struct_site_gen.label_comp_id 
_struct_site_gen.label_asym_id 
_struct_site_gen.label_seq_id 
_struct_site_gen.pdbx_auth_ins_code 
_struct_site_gen.auth_comp_id 
_struct_site_gen.auth_asym_id 
_struct_site_gen.auth_seq_id 
_struct_site_gen.label_atom_id 
_struct_site_gen.label_alt_id 
_struct_site_gen.symmetry 
_struct_site_gen.details 
1 AC1 1 ARG A 23 ? ARG A 23 . ? 1_555 ? 
2 AC2 6 THR A 33 ? THR A 33 . ? 1_555 ? 
3 AC2 6 MSE A 34 ? MSE A 34 . ? 1_555 ? 
4 AC2 6 ASN A 35 ? ASN A 35 . ? 1_555 ? 
5 AC2 6 LYS A 45 ? LYS A 45 . ? 1_555 ? 
6 AC2 6 TYR A 49 ? TYR A 49 . ? 1_555 ? 
7 AC2 6 LYS A 55 ? LYS A 55 . ? 1_555 ? 
# 
_pdbx_entry_details.entry_id                   3F0C 
_pdbx_entry_details.compound_details           ? 
_pdbx_entry_details.source_details             ? 
_pdbx_entry_details.nonpolymer_details         ? 
_pdbx_entry_details.sequence_details           ? 
_pdbx_entry_details.has_ligand_of_interest     ? 
_pdbx_entry_details.has_protein_modification   Y 
# 
loop_
_pdbx_validate_torsion.id 
_pdbx_validate_torsion.PDB_model_num 
_pdbx_validate_torsion.auth_comp_id 
_pdbx_validate_torsion.auth_asym_id 
_pdbx_validate_torsion.auth_seq_id 
_pdbx_validate_torsion.PDB_ins_code 
_pdbx_validate_torsion.label_alt_id 
_pdbx_validate_torsion.phi 
_pdbx_validate_torsion.psi 
1 1 MSE A 43  ? ? -126.64 -153.81 
2 1 LYS A 107 ? ? 35.59   69.82   
3 1 LEU A 108 ? ? -178.70 -149.91 
4 1 PHE A 124 ? ? -52.75  -70.01  
5 1 LYS A 173 ? ? 67.61   -60.57  
# 
_pdbx_SG_project.id                    1 
_pdbx_SG_project.project_name          'PSI, Protein Structure Initiative' 
_pdbx_SG_project.full_name_of_center   'Midwest Center for Structural Genomics' 
_pdbx_SG_project.initial_of_center     MCSG 
# 
loop_
_pdbx_struct_mod_residue.id 
_pdbx_struct_mod_residue.label_asym_id 
_pdbx_struct_mod_residue.label_comp_id 
_pdbx_struct_mod_residue.label_seq_id 
_pdbx_struct_mod_residue.auth_asym_id 
_pdbx_struct_mod_residue.auth_comp_id 
_pdbx_struct_mod_residue.auth_seq_id 
_pdbx_struct_mod_residue.PDB_ins_code 
_pdbx_struct_mod_residue.parent_comp_id 
_pdbx_struct_mod_residue.details 
1 A MSE 34  A MSE 34  ? MET SELENOMETHIONINE 
2 A MSE 43  A MSE 43  ? MET SELENOMETHIONINE 
3 A MSE 74  A MSE 74  ? MET SELENOMETHIONINE 
4 A MSE 169 A MSE 169 ? MET SELENOMETHIONINE 
5 A MSE 192 A MSE 192 ? MET SELENOMETHIONINE 
6 A MSE 198 A MSE 198 ? MET SELENOMETHIONINE 
# 
loop_
_pdbx_refine_tls.pdbx_refine_id 
_pdbx_refine_tls.id 
_pdbx_refine_tls.details 
_pdbx_refine_tls.method 
_pdbx_refine_tls.origin_x 
_pdbx_refine_tls.origin_y 
_pdbx_refine_tls.origin_z 
_pdbx_refine_tls.T[1][1] 
_pdbx_refine_tls.T[2][2] 
_pdbx_refine_tls.T[3][3] 
_pdbx_refine_tls.T[1][2] 
_pdbx_refine_tls.T[1][3] 
_pdbx_refine_tls.T[2][3] 
_pdbx_refine_tls.L[1][1] 
_pdbx_refine_tls.L[2][2] 
_pdbx_refine_tls.L[3][3] 
_pdbx_refine_tls.L[1][2] 
_pdbx_refine_tls.L[1][3] 
_pdbx_refine_tls.L[2][3] 
_pdbx_refine_tls.S[1][1] 
_pdbx_refine_tls.S[2][2] 
_pdbx_refine_tls.S[3][3] 
_pdbx_refine_tls.S[1][2] 
_pdbx_refine_tls.S[1][3] 
_pdbx_refine_tls.S[2][3] 
_pdbx_refine_tls.S[2][1] 
_pdbx_refine_tls.S[3][1] 
_pdbx_refine_tls.S[3][2] 
'X-RAY DIFFRACTION' 1  ? refined -6.9381  16.1708  6.5093   0.6620 0.4036 0.6152 -0.1341 0.0754  0.1529  13.1628 20.9304 7.2961  5.9289  -3.7113 -4.3349 -0.1334 -0.3215 0.4549  -0.9634 0.1335  -1.0805 0.4411  -0.5579 0.5134  
'X-RAY DIFFRACTION' 2  ? refined -16.7708 9.0876   1.7763   0.7420 0.3306 0.7491 -0.2651 0.0435  0.1100  15.6808 17.4365 6.2475  3.7773  -2.8968 -2.2933 -0.8362 0.6993  0.1368  0.3505  -0.7371 1.2097  -1.6811 0.5815  -0.7345 
'X-RAY DIFFRACTION' 3  ? refined -12.8378 22.0463  1.8974   0.8837 0.5169 0.9973 -0.0022 -0.1185 -0.0133 11.9736 15.9587 2.6564  4.4635  -4.0017 -5.2686 -0.1069 0.3928  -0.2859 0.1216  1.5052  1.2678  -0.4918 -0.1343 -0.3397 
'X-RAY DIFFRACTION' 4  ? refined -7.1173  11.8008  -3.0706  0.6241 0.4416 1.0140 -0.0724 0.2190  0.2245  4.5195  10.0697 6.1717  -0.8125 -4.9104 3.6625  0.7061  -0.2005 -0.5055 0.7405  1.0199  1.0894  -0.5473 -0.7359 -0.7900 
'X-RAY DIFFRACTION' 5  ? refined 2.1494   5.2623   2.7607   0.8479 0.5064 0.9151 -0.3231 0.3027  0.0123  6.7336  13.1885 1.2216  -7.5502 1.6629  -0.1373 0.2768  -0.3795 0.1027  -0.0284 0.7584  -0.2625 0.2537  -0.0165 -0.0633 
'X-RAY DIFFRACTION' 6  ? refined 8.8249   2.8958   6.4667   0.7133 0.6137 0.8023 -0.3555 -0.0278 -0.0695 8.8203  11.0067 20.6892 -1.6065 6.6226  -3.8791 0.3882  0.0510  -0.4391 -0.7576 0.9424  -0.7926 1.5026  -0.1664 0.3854  
'X-RAY DIFFRACTION' 7  ? refined 11.8164  -6.9866  7.4881   0.6338 0.5338 0.5558 -0.2045 -0.2041 0.0679  9.0222  8.5025  3.5227  -1.0864 -1.2151 0.8264  0.2777  0.0518  -0.3295 -1.1607 -0.2290 -1.3446 1.3629  0.3566  0.9360  
'X-RAY DIFFRACTION' 8  ? refined -5.0099  -1.3284  1.5327   0.5534 0.4685 0.6387 -0.2934 0.1344  0.0351  13.1184 9.0366  2.4450  -3.1738 -1.6698 1.2199  0.2566  -0.2029 -0.0536 -0.0834 0.4341  1.0956  0.7798  -0.0735 -0.5303 
'X-RAY DIFFRACTION' 9  ? refined -3.5585  4.2745   -10.1470 0.8264 1.0193 0.7767 0.1473  0.0328  0.2226  4.2923  3.5042  2.8239  0.6528  -1.8769 0.6785  0.4876  -0.3131 -0.1745 1.7774  0.8982  0.6610  -1.0412 -0.6527 -0.6258 
'X-RAY DIFFRACTION' 10 ? refined 8.7535   -0.3142  -5.7241  0.4329 0.4199 0.5365 -0.2176 0.0963  0.1070  9.8592  15.6118 11.2081 -2.3233 -1.3116 3.3084  0.5117  -0.1734 -0.3384 0.7971  0.6727  -0.9033 -0.6970 -0.2592 0.1818  
'X-RAY DIFFRACTION' 11 ? refined 20.0698  -8.4716  1.4410   0.4977 1.0193 1.2782 -0.0265 -0.1742 0.0990  1.0137  3.7040  4.7986  0.9325  -0.0015 3.6867  0.3729  0.5137  -0.8866 -0.7776 -0.7334 -1.6216 0.7504  0.8881  1.2229  
'X-RAY DIFFRACTION' 12 ? refined 11.7430  -10.7853 -6.9751  0.4979 0.5128 0.7285 -0.1299 0.0240  -0.0333 9.7083  7.8200  4.8771  -2.2358 -0.5606 1.2944  0.3274  -0.0842 -0.2434 0.8766  -0.5485 -1.3359 -0.4084 0.4653  0.7359  
'X-RAY DIFFRACTION' 13 ? refined -5.2224  -10.3103 -6.3219  0.5444 0.5787 0.7325 -0.2552 -0.0461 -0.0859 13.5425 15.4746 6.5180  1.7434  -2.1603 2.7246  0.4040  -0.5011 0.0972  1.0988  -0.3443 1.3450  -0.1288 -0.1045 -0.8085 
'X-RAY DIFFRACTION' 14 ? refined -14.8269 -9.3772  -0.9980  0.7472 0.9135 1.7797 -0.4538 0.2459  -0.2698 5.5794  3.8387  8.2425  -1.7211 -1.7207 -3.3281 0.0900  -0.1716 0.0816  0.5470  -1.0355 1.8269  0.5275  -0.0583 -1.1253 
'X-RAY DIFFRACTION' 15 ? refined 3.3784   -15.5563 1.1533   0.7297 0.4302 0.7551 -0.2491 -0.0147 0.0732  11.4231 6.7820  3.0224  -1.2430 -0.8910 0.9364  0.0400  -0.1443 0.1042  -0.2100 -1.2097 0.0967  0.8491  0.7272  -0.0702 
# 
loop_
_pdbx_refine_tls_group.pdbx_refine_id 
_pdbx_refine_tls_group.id 
_pdbx_refine_tls_group.refine_tls_id 
_pdbx_refine_tls_group.beg_auth_asym_id 
_pdbx_refine_tls_group.beg_auth_seq_id 
_pdbx_refine_tls_group.end_auth_asym_id 
_pdbx_refine_tls_group.end_auth_seq_id 
_pdbx_refine_tls_group.selection_details 
_pdbx_refine_tls_group.beg_label_asym_id 
_pdbx_refine_tls_group.beg_label_seq_id 
_pdbx_refine_tls_group.end_label_asym_id 
_pdbx_refine_tls_group.end_label_seq_id 
_pdbx_refine_tls_group.selection 
'X-RAY DIFFRACTION' 1  1  A 10  A 23  ? . . . . ? 
'X-RAY DIFFRACTION' 2  2  A 24  A 34  ? . . . . ? 
'X-RAY DIFFRACTION' 3  3  A 35  A 54  ? . . . . ? 
'X-RAY DIFFRACTION' 4  4  A 55  A 64  ? . . . . ? 
'X-RAY DIFFRACTION' 5  5  A 65  A 70  ? . . . . ? 
'X-RAY DIFFRACTION' 6  6  A 71  A 76  ? . . . . ? 
'X-RAY DIFFRACTION' 7  7  A 77  A 94  ? . . . . ? 
'X-RAY DIFFRACTION' 8  8  A 95  A 106 ? . . . . ? 
'X-RAY DIFFRACTION' 9  9  A 107 A 126 ? . . . . ? 
'X-RAY DIFFRACTION' 10 10 A 127 A 133 ? . . . . ? 
'X-RAY DIFFRACTION' 11 11 A 134 A 147 ? . . . . ? 
'X-RAY DIFFRACTION' 12 12 A 148 A 166 ? . . . . ? 
'X-RAY DIFFRACTION' 13 13 A 167 A 172 ? . . . . ? 
'X-RAY DIFFRACTION' 14 14 A 173 A 184 ? . . . . ? 
'X-RAY DIFFRACTION' 15 15 A 185 A 204 ? . . . . ? 
# 
loop_
_pdbx_unobs_or_zero_occ_residues.id 
_pdbx_unobs_or_zero_occ_residues.PDB_model_num 
_pdbx_unobs_or_zero_occ_residues.polymer_flag 
_pdbx_unobs_or_zero_occ_residues.occupancy_flag 
_pdbx_unobs_or_zero_occ_residues.auth_asym_id 
_pdbx_unobs_or_zero_occ_residues.auth_comp_id 
_pdbx_unobs_or_zero_occ_residues.auth_seq_id 
_pdbx_unobs_or_zero_occ_residues.PDB_ins_code 
_pdbx_unobs_or_zero_occ_residues.label_asym_id 
_pdbx_unobs_or_zero_occ_residues.label_comp_id 
_pdbx_unobs_or_zero_occ_residues.label_seq_id 
1  1 Y 1 A MSE 1   ? A MSE 1   
2  1 Y 1 A THR 2   ? A THR 2   
3  1 Y 1 A ASP 3   ? A ASP 3   
4  1 Y 1 A ASN 4   ? A ASN 4   
5  1 Y 1 A LYS 5   ? A LYS 5   
6  1 Y 1 A ILE 6   ? A ILE 6   
7  1 Y 1 A LYS 7   ? A LYS 7   
8  1 Y 1 A ASN 8   ? A ASN 8   
9  1 Y 1 A GLU 9   ? A GLU 9   
10 1 Y 1 A PHE 113 ? A PHE 113 
11 1 Y 1 A HIS 114 ? A HIS 114 
12 1 Y 1 A ASN 115 ? A ASN 115 
13 1 Y 1 A GLU 206 ? A GLU 206 
14 1 Y 1 A VAL 207 ? A VAL 207 
15 1 Y 1 A ALA 208 ? A ALA 208 
16 1 Y 1 A SER 209 ? A SER 209 
17 1 Y 1 A ARG 210 ? A ARG 210 
18 1 Y 1 A GLU 211 ? A GLU 211 
19 1 Y 1 A ASN 212 ? A ASN 212 
20 1 Y 1 A LEU 213 ? A LEU 213 
21 1 Y 1 A TYR 214 ? A TYR 214 
22 1 Y 1 A PHE 215 ? A PHE 215 
23 1 Y 1 A GLN 216 ? A GLN 216 
# 
loop_
_chem_comp_atom.comp_id 
_chem_comp_atom.atom_id 
_chem_comp_atom.type_symbol 
_chem_comp_atom.pdbx_aromatic_flag 
_chem_comp_atom.pdbx_stereo_config 
_chem_comp_atom.pdbx_ordinal 
ALA N    N  N N 1   
ALA CA   C  N S 2   
ALA C    C  N N 3   
ALA O    O  N N 4   
ALA CB   C  N N 5   
ALA OXT  O  N N 6   
ALA H    H  N N 7   
ALA H2   H  N N 8   
ALA HA   H  N N 9   
ALA HB1  H  N N 10  
ALA HB2  H  N N 11  
ALA HB3  H  N N 12  
ALA HXT  H  N N 13  
ARG N    N  N N 14  
ARG CA   C  N S 15  
ARG C    C  N N 16  
ARG O    O  N N 17  
ARG CB   C  N N 18  
ARG CG   C  N N 19  
ARG CD   C  N N 20  
ARG NE   N  N N 21  
ARG CZ   C  N N 22  
ARG NH1  N  N N 23  
ARG NH2  N  N N 24  
ARG OXT  O  N N 25  
ARG H    H  N N 26  
ARG H2   H  N N 27  
ARG HA   H  N N 28  
ARG HB2  H  N N 29  
ARG HB3  H  N N 30  
ARG HG2  H  N N 31  
ARG HG3  H  N N 32  
ARG HD2  H  N N 33  
ARG HD3  H  N N 34  
ARG HE   H  N N 35  
ARG HH11 H  N N 36  
ARG HH12 H  N N 37  
ARG HH21 H  N N 38  
ARG HH22 H  N N 39  
ARG HXT  H  N N 40  
ASN N    N  N N 41  
ASN CA   C  N S 42  
ASN C    C  N N 43  
ASN O    O  N N 44  
ASN CB   C  N N 45  
ASN CG   C  N N 46  
ASN OD1  O  N N 47  
ASN ND2  N  N N 48  
ASN OXT  O  N N 49  
ASN H    H  N N 50  
ASN H2   H  N N 51  
ASN HA   H  N N 52  
ASN HB2  H  N N 53  
ASN HB3  H  N N 54  
ASN HD21 H  N N 55  
ASN HD22 H  N N 56  
ASN HXT  H  N N 57  
ASP N    N  N N 58  
ASP CA   C  N S 59  
ASP C    C  N N 60  
ASP O    O  N N 61  
ASP CB   C  N N 62  
ASP CG   C  N N 63  
ASP OD1  O  N N 64  
ASP OD2  O  N N 65  
ASP OXT  O  N N 66  
ASP H    H  N N 67  
ASP H2   H  N N 68  
ASP HA   H  N N 69  
ASP HB2  H  N N 70  
ASP HB3  H  N N 71  
ASP HD2  H  N N 72  
ASP HXT  H  N N 73  
CYS N    N  N N 74  
CYS CA   C  N R 75  
CYS C    C  N N 76  
CYS O    O  N N 77  
CYS CB   C  N N 78  
CYS SG   S  N N 79  
CYS OXT  O  N N 80  
CYS H    H  N N 81  
CYS H2   H  N N 82  
CYS HA   H  N N 83  
CYS HB2  H  N N 84  
CYS HB3  H  N N 85  
CYS HG   H  N N 86  
CYS HXT  H  N N 87  
GLN N    N  N N 88  
GLN CA   C  N S 89  
GLN C    C  N N 90  
GLN O    O  N N 91  
GLN CB   C  N N 92  
GLN CG   C  N N 93  
GLN CD   C  N N 94  
GLN OE1  O  N N 95  
GLN NE2  N  N N 96  
GLN OXT  O  N N 97  
GLN H    H  N N 98  
GLN H2   H  N N 99  
GLN HA   H  N N 100 
GLN HB2  H  N N 101 
GLN HB3  H  N N 102 
GLN HG2  H  N N 103 
GLN HG3  H  N N 104 
GLN HE21 H  N N 105 
GLN HE22 H  N N 106 
GLN HXT  H  N N 107 
GLU N    N  N N 108 
GLU CA   C  N S 109 
GLU C    C  N N 110 
GLU O    O  N N 111 
GLU CB   C  N N 112 
GLU CG   C  N N 113 
GLU CD   C  N N 114 
GLU OE1  O  N N 115 
GLU OE2  O  N N 116 
GLU OXT  O  N N 117 
GLU H    H  N N 118 
GLU H2   H  N N 119 
GLU HA   H  N N 120 
GLU HB2  H  N N 121 
GLU HB3  H  N N 122 
GLU HG2  H  N N 123 
GLU HG3  H  N N 124 
GLU HE2  H  N N 125 
GLU HXT  H  N N 126 
GLY N    N  N N 127 
GLY CA   C  N N 128 
GLY C    C  N N 129 
GLY O    O  N N 130 
GLY OXT  O  N N 131 
GLY H    H  N N 132 
GLY H2   H  N N 133 
GLY HA2  H  N N 134 
GLY HA3  H  N N 135 
GLY HXT  H  N N 136 
HIS N    N  N N 137 
HIS CA   C  N S 138 
HIS C    C  N N 139 
HIS O    O  N N 140 
HIS CB   C  N N 141 
HIS CG   C  Y N 142 
HIS ND1  N  Y N 143 
HIS CD2  C  Y N 144 
HIS CE1  C  Y N 145 
HIS NE2  N  Y N 146 
HIS OXT  O  N N 147 
HIS H    H  N N 148 
HIS H2   H  N N 149 
HIS HA   H  N N 150 
HIS HB2  H  N N 151 
HIS HB3  H  N N 152 
HIS HD1  H  N N 153 
HIS HD2  H  N N 154 
HIS HE1  H  N N 155 
HIS HE2  H  N N 156 
HIS HXT  H  N N 157 
ILE N    N  N N 158 
ILE CA   C  N S 159 
ILE C    C  N N 160 
ILE O    O  N N 161 
ILE CB   C  N S 162 
ILE CG1  C  N N 163 
ILE CG2  C  N N 164 
ILE CD1  C  N N 165 
ILE OXT  O  N N 166 
ILE H    H  N N 167 
ILE H2   H  N N 168 
ILE HA   H  N N 169 
ILE HB   H  N N 170 
ILE HG12 H  N N 171 
ILE HG13 H  N N 172 
ILE HG21 H  N N 173 
ILE HG22 H  N N 174 
ILE HG23 H  N N 175 
ILE HD11 H  N N 176 
ILE HD12 H  N N 177 
ILE HD13 H  N N 178 
ILE HXT  H  N N 179 
LEU N    N  N N 180 
LEU CA   C  N S 181 
LEU C    C  N N 182 
LEU O    O  N N 183 
LEU CB   C  N N 184 
LEU CG   C  N N 185 
LEU CD1  C  N N 186 
LEU CD2  C  N N 187 
LEU OXT  O  N N 188 
LEU H    H  N N 189 
LEU H2   H  N N 190 
LEU HA   H  N N 191 
LEU HB2  H  N N 192 
LEU HB3  H  N N 193 
LEU HG   H  N N 194 
LEU HD11 H  N N 195 
LEU HD12 H  N N 196 
LEU HD13 H  N N 197 
LEU HD21 H  N N 198 
LEU HD22 H  N N 199 
LEU HD23 H  N N 200 
LEU HXT  H  N N 201 
LYS N    N  N N 202 
LYS CA   C  N S 203 
LYS C    C  N N 204 
LYS O    O  N N 205 
LYS CB   C  N N 206 
LYS CG   C  N N 207 
LYS CD   C  N N 208 
LYS CE   C  N N 209 
LYS NZ   N  N N 210 
LYS OXT  O  N N 211 
LYS H    H  N N 212 
LYS H2   H  N N 213 
LYS HA   H  N N 214 
LYS HB2  H  N N 215 
LYS HB3  H  N N 216 
LYS HG2  H  N N 217 
LYS HG3  H  N N 218 
LYS HD2  H  N N 219 
LYS HD3  H  N N 220 
LYS HE2  H  N N 221 
LYS HE3  H  N N 222 
LYS HZ1  H  N N 223 
LYS HZ2  H  N N 224 
LYS HZ3  H  N N 225 
LYS HXT  H  N N 226 
MSE N    N  N N 227 
MSE CA   C  N S 228 
MSE C    C  N N 229 
MSE O    O  N N 230 
MSE OXT  O  N N 231 
MSE CB   C  N N 232 
MSE CG   C  N N 233 
MSE SE   SE N N 234 
MSE CE   C  N N 235 
MSE H    H  N N 236 
MSE H2   H  N N 237 
MSE HA   H  N N 238 
MSE HXT  H  N N 239 
MSE HB2  H  N N 240 
MSE HB3  H  N N 241 
MSE HG2  H  N N 242 
MSE HG3  H  N N 243 
MSE HE1  H  N N 244 
MSE HE2  H  N N 245 
MSE HE3  H  N N 246 
PHE N    N  N N 247 
PHE CA   C  N S 248 
PHE C    C  N N 249 
PHE O    O  N N 250 
PHE CB   C  N N 251 
PHE CG   C  Y N 252 
PHE CD1  C  Y N 253 
PHE CD2  C  Y N 254 
PHE CE1  C  Y N 255 
PHE CE2  C  Y N 256 
PHE CZ   C  Y N 257 
PHE OXT  O  N N 258 
PHE H    H  N N 259 
PHE H2   H  N N 260 
PHE HA   H  N N 261 
PHE HB2  H  N N 262 
PHE HB3  H  N N 263 
PHE HD1  H  N N 264 
PHE HD2  H  N N 265 
PHE HE1  H  N N 266 
PHE HE2  H  N N 267 
PHE HZ   H  N N 268 
PHE HXT  H  N N 269 
PRO N    N  N N 270 
PRO CA   C  N S 271 
PRO C    C  N N 272 
PRO O    O  N N 273 
PRO CB   C  N N 274 
PRO CG   C  N N 275 
PRO CD   C  N N 276 
PRO OXT  O  N N 277 
PRO H    H  N N 278 
PRO HA   H  N N 279 
PRO HB2  H  N N 280 
PRO HB3  H  N N 281 
PRO HG2  H  N N 282 
PRO HG3  H  N N 283 
PRO HD2  H  N N 284 
PRO HD3  H  N N 285 
PRO HXT  H  N N 286 
SER N    N  N N 287 
SER CA   C  N S 288 
SER C    C  N N 289 
SER O    O  N N 290 
SER CB   C  N N 291 
SER OG   O  N N 292 
SER OXT  O  N N 293 
SER H    H  N N 294 
SER H2   H  N N 295 
SER HA   H  N N 296 
SER HB2  H  N N 297 
SER HB3  H  N N 298 
SER HG   H  N N 299 
SER HXT  H  N N 300 
SO4 S    S  N N 301 
SO4 O1   O  N N 302 
SO4 O2   O  N N 303 
SO4 O3   O  N N 304 
SO4 O4   O  N N 305 
THR N    N  N N 306 
THR CA   C  N S 307 
THR C    C  N N 308 
THR O    O  N N 309 
THR CB   C  N R 310 
THR OG1  O  N N 311 
THR CG2  C  N N 312 
THR OXT  O  N N 313 
THR H    H  N N 314 
THR H2   H  N N 315 
THR HA   H  N N 316 
THR HB   H  N N 317 
THR HG1  H  N N 318 
THR HG21 H  N N 319 
THR HG22 H  N N 320 
THR HG23 H  N N 321 
THR HXT  H  N N 322 
TYR N    N  N N 323 
TYR CA   C  N S 324 
TYR C    C  N N 325 
TYR O    O  N N 326 
TYR CB   C  N N 327 
TYR CG   C  Y N 328 
TYR CD1  C  Y N 329 
TYR CD2  C  Y N 330 
TYR CE1  C  Y N 331 
TYR CE2  C  Y N 332 
TYR CZ   C  Y N 333 
TYR OH   O  N N 334 
TYR OXT  O  N N 335 
TYR H    H  N N 336 
TYR H2   H  N N 337 
TYR HA   H  N N 338 
TYR HB2  H  N N 339 
TYR HB3  H  N N 340 
TYR HD1  H  N N 341 
TYR HD2  H  N N 342 
TYR HE1  H  N N 343 
TYR HE2  H  N N 344 
TYR HH   H  N N 345 
TYR HXT  H  N N 346 
VAL N    N  N N 347 
VAL CA   C  N S 348 
VAL C    C  N N 349 
VAL O    O  N N 350 
VAL CB   C  N N 351 
VAL CG1  C  N N 352 
VAL CG2  C  N N 353 
VAL OXT  O  N N 354 
VAL H    H  N N 355 
VAL H2   H  N N 356 
VAL HA   H  N N 357 
VAL HB   H  N N 358 
VAL HG11 H  N N 359 
VAL HG12 H  N N 360 
VAL HG13 H  N N 361 
VAL HG21 H  N N 362 
VAL HG22 H  N N 363 
VAL HG23 H  N N 364 
VAL HXT  H  N N 365 
# 
loop_
_chem_comp_bond.comp_id 
_chem_comp_bond.atom_id_1 
_chem_comp_bond.atom_id_2 
_chem_comp_bond.value_order 
_chem_comp_bond.pdbx_aromatic_flag 
_chem_comp_bond.pdbx_stereo_config 
_chem_comp_bond.pdbx_ordinal 
ALA N   CA   sing N N 1   
ALA N   H    sing N N 2   
ALA N   H2   sing N N 3   
ALA CA  C    sing N N 4   
ALA CA  CB   sing N N 5   
ALA CA  HA   sing N N 6   
ALA C   O    doub N N 7   
ALA C   OXT  sing N N 8   
ALA CB  HB1  sing N N 9   
ALA CB  HB2  sing N N 10  
ALA CB  HB3  sing N N 11  
ALA OXT HXT  sing N N 12  
ARG N   CA   sing N N 13  
ARG N   H    sing N N 14  
ARG N   H2   sing N N 15  
ARG CA  C    sing N N 16  
ARG CA  CB   sing N N 17  
ARG CA  HA   sing N N 18  
ARG C   O    doub N N 19  
ARG C   OXT  sing N N 20  
ARG CB  CG   sing N N 21  
ARG CB  HB2  sing N N 22  
ARG CB  HB3  sing N N 23  
ARG CG  CD   sing N N 24  
ARG CG  HG2  sing N N 25  
ARG CG  HG3  sing N N 26  
ARG CD  NE   sing N N 27  
ARG CD  HD2  sing N N 28  
ARG CD  HD3  sing N N 29  
ARG NE  CZ   sing N N 30  
ARG NE  HE   sing N N 31  
ARG CZ  NH1  sing N N 32  
ARG CZ  NH2  doub N N 33  
ARG NH1 HH11 sing N N 34  
ARG NH1 HH12 sing N N 35  
ARG NH2 HH21 sing N N 36  
ARG NH2 HH22 sing N N 37  
ARG OXT HXT  sing N N 38  
ASN N   CA   sing N N 39  
ASN N   H    sing N N 40  
ASN N   H2   sing N N 41  
ASN CA  C    sing N N 42  
ASN CA  CB   sing N N 43  
ASN CA  HA   sing N N 44  
ASN C   O    doub N N 45  
ASN C   OXT  sing N N 46  
ASN CB  CG   sing N N 47  
ASN CB  HB2  sing N N 48  
ASN CB  HB3  sing N N 49  
ASN CG  OD1  doub N N 50  
ASN CG  ND2  sing N N 51  
ASN ND2 HD21 sing N N 52  
ASN ND2 HD22 sing N N 53  
ASN OXT HXT  sing N N 54  
ASP N   CA   sing N N 55  
ASP N   H    sing N N 56  
ASP N   H2   sing N N 57  
ASP CA  C    sing N N 58  
ASP CA  CB   sing N N 59  
ASP CA  HA   sing N N 60  
ASP C   O    doub N N 61  
ASP C   OXT  sing N N 62  
ASP CB  CG   sing N N 63  
ASP CB  HB2  sing N N 64  
ASP CB  HB3  sing N N 65  
ASP CG  OD1  doub N N 66  
ASP CG  OD2  sing N N 67  
ASP OD2 HD2  sing N N 68  
ASP OXT HXT  sing N N 69  
CYS N   CA   sing N N 70  
CYS N   H    sing N N 71  
CYS N   H2   sing N N 72  
CYS CA  C    sing N N 73  
CYS CA  CB   sing N N 74  
CYS CA  HA   sing N N 75  
CYS C   O    doub N N 76  
CYS C   OXT  sing N N 77  
CYS CB  SG   sing N N 78  
CYS CB  HB2  sing N N 79  
CYS CB  HB3  sing N N 80  
CYS SG  HG   sing N N 81  
CYS OXT HXT  sing N N 82  
GLN N   CA   sing N N 83  
GLN N   H    sing N N 84  
GLN N   H2   sing N N 85  
GLN CA  C    sing N N 86  
GLN CA  CB   sing N N 87  
GLN CA  HA   sing N N 88  
GLN C   O    doub N N 89  
GLN C   OXT  sing N N 90  
GLN CB  CG   sing N N 91  
GLN CB  HB2  sing N N 92  
GLN CB  HB3  sing N N 93  
GLN CG  CD   sing N N 94  
GLN CG  HG2  sing N N 95  
GLN CG  HG3  sing N N 96  
GLN CD  OE1  doub N N 97  
GLN CD  NE2  sing N N 98  
GLN NE2 HE21 sing N N 99  
GLN NE2 HE22 sing N N 100 
GLN OXT HXT  sing N N 101 
GLU N   CA   sing N N 102 
GLU N   H    sing N N 103 
GLU N   H2   sing N N 104 
GLU CA  C    sing N N 105 
GLU CA  CB   sing N N 106 
GLU CA  HA   sing N N 107 
GLU C   O    doub N N 108 
GLU C   OXT  sing N N 109 
GLU CB  CG   sing N N 110 
GLU CB  HB2  sing N N 111 
GLU CB  HB3  sing N N 112 
GLU CG  CD   sing N N 113 
GLU CG  HG2  sing N N 114 
GLU CG  HG3  sing N N 115 
GLU CD  OE1  doub N N 116 
GLU CD  OE2  sing N N 117 
GLU OE2 HE2  sing N N 118 
GLU OXT HXT  sing N N 119 
GLY N   CA   sing N N 120 
GLY N   H    sing N N 121 
GLY N   H2   sing N N 122 
GLY CA  C    sing N N 123 
GLY CA  HA2  sing N N 124 
GLY CA  HA3  sing N N 125 
GLY C   O    doub N N 126 
GLY C   OXT  sing N N 127 
GLY OXT HXT  sing N N 128 
HIS N   CA   sing N N 129 
HIS N   H    sing N N 130 
HIS N   H2   sing N N 131 
HIS CA  C    sing N N 132 
HIS CA  CB   sing N N 133 
HIS CA  HA   sing N N 134 
HIS C   O    doub N N 135 
HIS C   OXT  sing N N 136 
HIS CB  CG   sing N N 137 
HIS CB  HB2  sing N N 138 
HIS CB  HB3  sing N N 139 
HIS CG  ND1  sing Y N 140 
HIS CG  CD2  doub Y N 141 
HIS ND1 CE1  doub Y N 142 
HIS ND1 HD1  sing N N 143 
HIS CD2 NE2  sing Y N 144 
HIS CD2 HD2  sing N N 145 
HIS CE1 NE2  sing Y N 146 
HIS CE1 HE1  sing N N 147 
HIS NE2 HE2  sing N N 148 
HIS OXT HXT  sing N N 149 
ILE N   CA   sing N N 150 
ILE N   H    sing N N 151 
ILE N   H2   sing N N 152 
ILE CA  C    sing N N 153 
ILE CA  CB   sing N N 154 
ILE CA  HA   sing N N 155 
ILE C   O    doub N N 156 
ILE C   OXT  sing N N 157 
ILE CB  CG1  sing N N 158 
ILE CB  CG2  sing N N 159 
ILE CB  HB   sing N N 160 
ILE CG1 CD1  sing N N 161 
ILE CG1 HG12 sing N N 162 
ILE CG1 HG13 sing N N 163 
ILE CG2 HG21 sing N N 164 
ILE CG2 HG22 sing N N 165 
ILE CG2 HG23 sing N N 166 
ILE CD1 HD11 sing N N 167 
ILE CD1 HD12 sing N N 168 
ILE CD1 HD13 sing N N 169 
ILE OXT HXT  sing N N 170 
LEU N   CA   sing N N 171 
LEU N   H    sing N N 172 
LEU N   H2   sing N N 173 
LEU CA  C    sing N N 174 
LEU CA  CB   sing N N 175 
LEU CA  HA   sing N N 176 
LEU C   O    doub N N 177 
LEU C   OXT  sing N N 178 
LEU CB  CG   sing N N 179 
LEU CB  HB2  sing N N 180 
LEU CB  HB3  sing N N 181 
LEU CG  CD1  sing N N 182 
LEU CG  CD2  sing N N 183 
LEU CG  HG   sing N N 184 
LEU CD1 HD11 sing N N 185 
LEU CD1 HD12 sing N N 186 
LEU CD1 HD13 sing N N 187 
LEU CD2 HD21 sing N N 188 
LEU CD2 HD22 sing N N 189 
LEU CD2 HD23 sing N N 190 
LEU OXT HXT  sing N N 191 
LYS N   CA   sing N N 192 
LYS N   H    sing N N 193 
LYS N   H2   sing N N 194 
LYS CA  C    sing N N 195 
LYS CA  CB   sing N N 196 
LYS CA  HA   sing N N 197 
LYS C   O    doub N N 198 
LYS C   OXT  sing N N 199 
LYS CB  CG   sing N N 200 
LYS CB  HB2  sing N N 201 
LYS CB  HB3  sing N N 202 
LYS CG  CD   sing N N 203 
LYS CG  HG2  sing N N 204 
LYS CG  HG3  sing N N 205 
LYS CD  CE   sing N N 206 
LYS CD  HD2  sing N N 207 
LYS CD  HD3  sing N N 208 
LYS CE  NZ   sing N N 209 
LYS CE  HE2  sing N N 210 
LYS CE  HE3  sing N N 211 
LYS NZ  HZ1  sing N N 212 
LYS NZ  HZ2  sing N N 213 
LYS NZ  HZ3  sing N N 214 
LYS OXT HXT  sing N N 215 
MSE N   CA   sing N N 216 
MSE N   H    sing N N 217 
MSE N   H2   sing N N 218 
MSE CA  C    sing N N 219 
MSE CA  CB   sing N N 220 
MSE CA  HA   sing N N 221 
MSE C   O    doub N N 222 
MSE C   OXT  sing N N 223 
MSE OXT HXT  sing N N 224 
MSE CB  CG   sing N N 225 
MSE CB  HB2  sing N N 226 
MSE CB  HB3  sing N N 227 
MSE CG  SE   sing N N 228 
MSE CG  HG2  sing N N 229 
MSE CG  HG3  sing N N 230 
MSE SE  CE   sing N N 231 
MSE CE  HE1  sing N N 232 
MSE CE  HE2  sing N N 233 
MSE CE  HE3  sing N N 234 
PHE N   CA   sing N N 235 
PHE N   H    sing N N 236 
PHE N   H2   sing N N 237 
PHE CA  C    sing N N 238 
PHE CA  CB   sing N N 239 
PHE CA  HA   sing N N 240 
PHE C   O    doub N N 241 
PHE C   OXT  sing N N 242 
PHE CB  CG   sing N N 243 
PHE CB  HB2  sing N N 244 
PHE CB  HB3  sing N N 245 
PHE CG  CD1  doub Y N 246 
PHE CG  CD2  sing Y N 247 
PHE CD1 CE1  sing Y N 248 
PHE CD1 HD1  sing N N 249 
PHE CD2 CE2  doub Y N 250 
PHE CD2 HD2  sing N N 251 
PHE CE1 CZ   doub Y N 252 
PHE CE1 HE1  sing N N 253 
PHE CE2 CZ   sing Y N 254 
PHE CE2 HE2  sing N N 255 
PHE CZ  HZ   sing N N 256 
PHE OXT HXT  sing N N 257 
PRO N   CA   sing N N 258 
PRO N   CD   sing N N 259 
PRO N   H    sing N N 260 
PRO CA  C    sing N N 261 
PRO CA  CB   sing N N 262 
PRO CA  HA   sing N N 263 
PRO C   O    doub N N 264 
PRO C   OXT  sing N N 265 
PRO CB  CG   sing N N 266 
PRO CB  HB2  sing N N 267 
PRO CB  HB3  sing N N 268 
PRO CG  CD   sing N N 269 
PRO CG  HG2  sing N N 270 
PRO CG  HG3  sing N N 271 
PRO CD  HD2  sing N N 272 
PRO CD  HD3  sing N N 273 
PRO OXT HXT  sing N N 274 
SER N   CA   sing N N 275 
SER N   H    sing N N 276 
SER N   H2   sing N N 277 
SER CA  C    sing N N 278 
SER CA  CB   sing N N 279 
SER CA  HA   sing N N 280 
SER C   O    doub N N 281 
SER C   OXT  sing N N 282 
SER CB  OG   sing N N 283 
SER CB  HB2  sing N N 284 
SER CB  HB3  sing N N 285 
SER OG  HG   sing N N 286 
SER OXT HXT  sing N N 287 
SO4 S   O1   doub N N 288 
SO4 S   O2   doub N N 289 
SO4 S   O3   sing N N 290 
SO4 S   O4   sing N N 291 
THR N   CA   sing N N 292 
THR N   H    sing N N 293 
THR N   H2   sing N N 294 
THR CA  C    sing N N 295 
THR CA  CB   sing N N 296 
THR CA  HA   sing N N 297 
THR C   O    doub N N 298 
THR C   OXT  sing N N 299 
THR CB  OG1  sing N N 300 
THR CB  CG2  sing N N 301 
THR CB  HB   sing N N 302 
THR OG1 HG1  sing N N 303 
THR CG2 HG21 sing N N 304 
THR CG2 HG22 sing N N 305 
THR CG2 HG23 sing N N 306 
THR OXT HXT  sing N N 307 
TYR N   CA   sing N N 308 
TYR N   H    sing N N 309 
TYR N   H2   sing N N 310 
TYR CA  C    sing N N 311 
TYR CA  CB   sing N N 312 
TYR CA  HA   sing N N 313 
TYR C   O    doub N N 314 
TYR C   OXT  sing N N 315 
TYR CB  CG   sing N N 316 
TYR CB  HB2  sing N N 317 
TYR CB  HB3  sing N N 318 
TYR CG  CD1  doub Y N 319 
TYR CG  CD2  sing Y N 320 
TYR CD1 CE1  sing Y N 321 
TYR CD1 HD1  sing N N 322 
TYR CD2 CE2  doub Y N 323 
TYR CD2 HD2  sing N N 324 
TYR CE1 CZ   doub Y N 325 
TYR CE1 HE1  sing N N 326 
TYR CE2 CZ   sing Y N 327 
TYR CE2 HE2  sing N N 328 
TYR CZ  OH   sing N N 329 
TYR OH  HH   sing N N 330 
TYR OXT HXT  sing N N 331 
VAL N   CA   sing N N 332 
VAL N   H    sing N N 333 
VAL N   H2   sing N N 334 
VAL CA  C    sing N N 335 
VAL CA  CB   sing N N 336 
VAL CA  HA   sing N N 337 
VAL C   O    doub N N 338 
VAL C   OXT  sing N N 339 
VAL CB  CG1  sing N N 340 
VAL CB  CG2  sing N N 341 
VAL CB  HB   sing N N 342 
VAL CG1 HG11 sing N N 343 
VAL CG1 HG12 sing N N 344 
VAL CG1 HG13 sing N N 345 
VAL CG2 HG21 sing N N 346 
VAL CG2 HG22 sing N N 347 
VAL CG2 HG23 sing N N 348 
VAL OXT HXT  sing N N 349 
# 
_atom_sites.entry_id                    3F0C 
_atom_sites.fract_transf_matrix[1][1]   0.00908214 
_atom_sites.fract_transf_matrix[1][2]   -0.00159025 
_atom_sites.fract_transf_matrix[1][3]   0.00372832 
_atom_sites.fract_transf_matrix[2][1]   0.00236529 
_atom_sites.fract_transf_matrix[2][2]   -0.00892493 
_atom_sites.fract_transf_matrix[2][3]   0.00369783 
_atom_sites.fract_transf_matrix[3][1]   0.00689684 
_atom_sites.fract_transf_matrix[3][2]   -0.00623501 
_atom_sites.fract_transf_matrix[3][3]   -0.01946006 
_atom_sites.fract_transf_vector[1]      0.598894 
_atom_sites.fract_transf_vector[2]      0.497405 
_atom_sites.fract_transf_vector[3]      0.237323 
# 
loop_
_atom_type.symbol 
C  
N  
O  
S  
SE 
# 
loop_
_atom_site.group_PDB 
_atom_site.id 
_atom_site.type_symbol 
_atom_site.label_atom_id 
_atom_site.label_alt_id 
_atom_site.label_comp_id 
_atom_site.label_asym_id 
_atom_site.label_entity_id 
_atom_site.label_seq_id 
_atom_site.pdbx_PDB_ins_code 
_atom_site.Cartn_x 
_atom_site.Cartn_y 
_atom_site.Cartn_z 
_atom_site.occupancy 
_atom_site.B_iso_or_equiv 
_atom_site.pdbx_formal_charge 
_atom_site.auth_seq_id 
_atom_site.auth_comp_id 
_atom_site.auth_asym_id 
_atom_site.auth_atom_id 
_atom_site.pdbx_PDB_model_num 
ATOM   1    N  N   . ASP A 1 10  ? -1.295  26.671  7.643   1.00 42.43  ? 10  ASP A N   1 
ATOM   2    C  CA  . ASP A 1 10  ? 0.106   26.169  7.451   1.00 43.38  ? 10  ASP A CA  1 
ATOM   3    C  C   . ASP A 1 10  ? 0.129   24.643  7.226   1.00 43.34  ? 10  ASP A C   1 
ATOM   4    O  O   . ASP A 1 10  ? 0.646   24.133  6.217   1.00 43.99  ? 10  ASP A O   1 
ATOM   5    C  CB  . ASP A 1 10  ? 0.973   26.518  8.668   1.00 43.40  ? 10  ASP A CB  1 
ATOM   6    C  CG  . ASP A 1 10  ? 1.499   27.971  8.632   1.00 46.48  ? 10  ASP A CG  1 
ATOM   7    O  OD1 . ASP A 1 10  ? 0.792   28.844  8.077   1.00 50.83  ? 10  ASP A OD1 1 
ATOM   8    O  OD2 . ASP A 1 10  ? 2.614   28.267  9.161   1.00 48.02  ? 10  ASP A OD2 1 
ATOM   9    N  N   . GLY A 1 11  ? -0.408  23.919  8.205   1.00 42.61  ? 11  GLY A N   1 
ATOM   10   C  CA  . GLY A 1 11  ? -0.557  22.494  8.128   1.00 41.39  ? 11  GLY A CA  1 
ATOM   11   C  C   . GLY A 1 11  ? -2.025  22.207  8.214   1.00 40.90  ? 11  GLY A C   1 
ATOM   12   O  O   . GLY A 1 11  ? -2.404  21.166  8.727   1.00 41.01  ? 11  GLY A O   1 
ATOM   13   N  N   . LYS A 1 12  ? -2.863  23.128  7.722   1.00 40.35  ? 12  LYS A N   1 
ATOM   14   C  CA  . LYS A 1 12  ? -4.324  22.870  7.567   1.00 39.54  ? 12  LYS A CA  1 
ATOM   15   C  C   . LYS A 1 12  ? -4.551  21.838  6.497   1.00 38.62  ? 12  LYS A C   1 
ATOM   16   O  O   . LYS A 1 12  ? -5.466  21.045  6.562   1.00 38.92  ? 12  LYS A O   1 
ATOM   17   C  CB  . LYS A 1 12  ? -5.090  24.110  7.116   1.00 39.48  ? 12  LYS A CB  1 
ATOM   18   C  CG  . LYS A 1 12  ? -5.133  25.254  8.112   1.00 40.23  ? 12  LYS A CG  1 
ATOM   19   C  CD  . LYS A 1 12  ? -6.399  26.098  7.948   1.00 40.71  ? 12  LYS A CD  1 
ATOM   20   C  CE  . LYS A 1 12  ? -6.074  27.593  7.843   1.00 42.57  ? 12  LYS A CE  1 
ATOM   21   N  NZ  . LYS A 1 12  ? -7.283  28.464  7.659   1.00 42.81  ? 12  LYS A NZ  1 
ATOM   22   N  N   . LEU A 1 13  ? -3.726  21.887  5.473   1.00 37.54  ? 13  LEU A N   1 
ATOM   23   C  CA  . LEU A 1 13  ? -3.689  20.828  4.494   1.00 36.91  ? 13  LEU A CA  1 
ATOM   24   C  C   . LEU A 1 13  ? -3.757  19.479  5.207   1.00 36.41  ? 13  LEU A C   1 
ATOM   25   O  O   . LEU A 1 13  ? -4.673  18.713  5.004   1.00 36.37  ? 13  LEU A O   1 
ATOM   26   C  CB  . LEU A 1 13  ? -2.412  20.952  3.663   1.00 36.58  ? 13  LEU A CB  1 
ATOM   27   C  CG  . LEU A 1 13  ? -2.577  20.669  2.189   1.00 35.61  ? 13  LEU A CG  1 
ATOM   28   C  CD1 . LEU A 1 13  ? -3.407  21.759  1.588   1.00 34.46  ? 13  LEU A CD1 1 
ATOM   29   C  CD2 . LEU A 1 13  ? -1.237  20.613  1.543   1.00 34.57  ? 13  LEU A CD2 1 
ATOM   30   N  N   . GLU A 1 14  ? -2.821  19.256  6.111   1.00 36.15  ? 14  GLU A N   1 
ATOM   31   C  CA  . GLU A 1 14  ? -2.695  18.011  6.826   1.00 36.29  ? 14  GLU A CA  1 
ATOM   32   C  C   . GLU A 1 14  ? -4.004  17.699  7.536   1.00 35.48  ? 14  GLU A C   1 
ATOM   33   O  O   . GLU A 1 14  ? -4.474  16.594  7.466   1.00 35.09  ? 14  GLU A O   1 
ATOM   34   C  CB  . GLU A 1 14  ? -1.541  18.094  7.829   1.00 36.93  ? 14  GLU A CB  1 
ATOM   35   C  CG  . GLU A 1 14  ? -0.088  18.243  7.242   1.00 39.83  ? 14  GLU A CG  1 
ATOM   36   C  CD  . GLU A 1 14  ? 0.040   19.203  6.023   1.00 44.91  ? 14  GLU A CD  1 
ATOM   37   O  OE1 . GLU A 1 14  ? 0.630   20.354  6.109   1.00 44.93  ? 14  GLU A OE1 1 
ATOM   38   O  OE2 . GLU A 1 14  ? -0.472  18.760  4.958   1.00 48.03  ? 14  GLU A OE2 1 
ATOM   39   N  N   . LEU A 1 15  ? -4.609  18.681  8.189   1.00 35.16  ? 15  LEU A N   1 
ATOM   40   C  CA  . LEU A 1 15  ? -5.958  18.505  8.709   1.00 35.33  ? 15  LEU A CA  1 
ATOM   41   C  C   . LEU A 1 15  ? -6.928  18.077  7.644   1.00 35.81  ? 15  LEU A C   1 
ATOM   42   O  O   . LEU A 1 15  ? -7.718  17.195  7.860   1.00 36.32  ? 15  LEU A O   1 
ATOM   43   C  CB  . LEU A 1 15  ? -6.529  19.780  9.308   1.00 35.21  ? 15  LEU A CB  1 
ATOM   44   C  CG  . LEU A 1 15  ? -6.181  19.970  10.770  1.00 35.71  ? 15  LEU A CG  1 
ATOM   45   C  CD1 . LEU A 1 15  ? -4.829  20.692  10.893  1.00 36.33  ? 15  LEU A CD1 1 
ATOM   46   C  CD2 . LEU A 1 15  ? -7.298  20.718  11.456  1.00 34.78  ? 15  LEU A CD2 1 
ATOM   47   N  N   . ILE A 1 16  ? -6.916  18.721  6.496   1.00 36.27  ? 16  ILE A N   1 
ATOM   48   C  CA  . ILE A 1 16  ? -7.910  18.377  5.510   1.00 36.48  ? 16  ILE A CA  1 
ATOM   49   C  C   . ILE A 1 16  ? -7.661  16.942  5.033   1.00 36.60  ? 16  ILE A C   1 
ATOM   50   O  O   . ILE A 1 16  ? -8.600  16.118  4.933   1.00 36.99  ? 16  ILE A O   1 
ATOM   51   C  CB  . ILE A 1 16  ? -7.910  19.335  4.343   1.00 36.61  ? 16  ILE A CB  1 
ATOM   52   C  CG1 . ILE A 1 16  ? -8.215  20.749  4.831   1.00 36.85  ? 16  ILE A CG1 1 
ATOM   53   C  CG2 . ILE A 1 16  ? -8.972  18.901  3.348   1.00 36.66  ? 16  ILE A CG2 1 
ATOM   54   C  CD1 . ILE A 1 16  ? -7.873  21.828  3.834   1.00 36.38  ? 16  ILE A CD1 1 
ATOM   55   N  N   . ILE A 1 17  ? -6.401  16.627  4.776   1.00 36.16  ? 17  ILE A N   1 
ATOM   56   C  CA  . ILE A 1 17  ? -6.060  15.279  4.411   1.00 36.51  ? 17  ILE A CA  1 
ATOM   57   C  C   . ILE A 1 17  ? -6.546  14.226  5.468   1.00 37.09  ? 17  ILE A C   1 
ATOM   58   O  O   . ILE A 1 17  ? -7.071  13.142  5.122   1.00 37.26  ? 17  ILE A O   1 
ATOM   59   C  CB  . ILE A 1 17  ? -4.553  15.145  4.168   1.00 36.37  ? 17  ILE A CB  1 
ATOM   60   C  CG1 . ILE A 1 17  ? -4.160  15.703  2.776   1.00 36.66  ? 17  ILE A CG1 1 
ATOM   61   C  CG2 . ILE A 1 17  ? -4.141  13.693  4.262   1.00 35.89  ? 17  ILE A CG2 1 
ATOM   62   C  CD1 . ILE A 1 17  ? -3.598  17.109  2.777   1.00 35.44  ? 17  ILE A CD1 1 
ATOM   63   N  N   . ASN A 1 18  ? -6.379  14.524  6.747   1.00 36.98  ? 18  ASN A N   1 
ATOM   64   C  CA  . ASN A 1 18  ? -6.690  13.523  7.766   1.00 37.48  ? 18  ASN A CA  1 
ATOM   65   C  C   . ASN A 1 18  ? -8.219  13.260  7.887   1.00 37.29  ? 18  ASN A C   1 
ATOM   66   O  O   . ASN A 1 18  ? -8.691  12.097  7.945   1.00 37.27  ? 18  ASN A O   1 
ATOM   67   C  CB  . ASN A 1 18  ? -6.066  13.940  9.101   1.00 37.71  ? 18  ASN A CB  1 
ATOM   68   C  CG  . ASN A 1 18  ? -4.532  13.869  9.075   1.00 39.95  ? 18  ASN A CG  1 
ATOM   69   O  OD1 . ASN A 1 18  ? -3.891  13.872  8.004   1.00 43.55  ? 18  ASN A OD1 1 
ATOM   70   N  ND2 . ASN A 1 18  ? -3.938  13.789  10.256  1.00 43.01  ? 18  ASN A ND2 1 
ATOM   71   N  N   . ALA A 1 19  ? -8.954  14.374  7.916   1.00 36.27  ? 19  ALA A N   1 
ATOM   72   C  CA  . ALA A 1 19  ? -10.369 14.413  7.864   1.00 35.23  ? 19  ALA A CA  1 
ATOM   73   C  C   . ALA A 1 19  ? -10.767 13.499  6.738   1.00 35.34  ? 19  ALA A C   1 
ATOM   74   O  O   . ALA A 1 19  ? -11.466 12.503  6.934   1.00 35.24  ? 19  ALA A O   1 
ATOM   75   C  CB  . ALA A 1 19  ? -10.802 15.852  7.595   1.00 34.22  ? 19  ALA A CB  1 
ATOM   76   N  N   . ALA A 1 20  ? -10.283 13.836  5.549   1.00 36.12  ? 20  ALA A N   1 
ATOM   77   C  CA  . ALA A 1 20  ? -10.619 13.100  4.327   1.00 36.27  ? 20  ALA A CA  1 
ATOM   78   C  C   . ALA A 1 20  ? -10.346 11.610  4.497   1.00 36.05  ? 20  ALA A C   1 
ATOM   79   O  O   . ALA A 1 20  ? -11.180 10.813  4.188   1.00 35.94  ? 20  ALA A O   1 
ATOM   80   C  CB  . ALA A 1 20  ? -9.823  13.662  3.147   1.00 35.50  ? 20  ALA A CB  1 
ATOM   81   N  N   . GLN A 1 21  ? -9.170  11.269  5.004   1.00 36.44  ? 21  GLN A N   1 
ATOM   82   C  CA  . GLN A 1 21  ? -8.755  9.891   5.200   1.00 37.04  ? 21  GLN A CA  1 
ATOM   83   C  C   . GLN A 1 21  ? -9.788  9.090   5.969   1.00 37.22  ? 21  GLN A C   1 
ATOM   84   O  O   . GLN A 1 21  ? -10.180 7.999   5.586   1.00 36.57  ? 21  GLN A O   1 
ATOM   85   C  CB  . GLN A 1 21  ? -7.427  9.874   5.963   1.00 37.31  ? 21  GLN A CB  1 
ATOM   86   C  CG  . GLN A 1 21  ? -6.922  8.487   6.291   1.00 37.57  ? 21  GLN A CG  1 
ATOM   87   C  CD  . GLN A 1 21  ? -5.406  8.400   6.366   1.00 40.06  ? 21  GLN A CD  1 
ATOM   88   O  OE1 . GLN A 1 21  ? -4.702  9.406   6.472   1.00 44.23  ? 21  GLN A OE1 1 
ATOM   89   N  NE2 . GLN A 1 21  ? -4.892  7.188   6.290   1.00 41.84  ? 21  GLN A NE2 1 
ATOM   90   N  N   . LYS A 1 22  ? -10.224 9.658   7.069   1.00 37.74  ? 22  LYS A N   1 
ATOM   91   C  CA  . LYS A 1 22  ? -11.199 9.010   7.892   1.00 38.32  ? 22  LYS A CA  1 
ATOM   92   C  C   . LYS A 1 22  ? -12.506 8.846   7.172   1.00 38.78  ? 22  LYS A C   1 
ATOM   93   O  O   . LYS A 1 22  ? -13.123 7.792   7.252   1.00 39.06  ? 22  LYS A O   1 
ATOM   94   C  CB  . LYS A 1 22  ? -11.427 9.806   9.160   1.00 38.44  ? 22  LYS A CB  1 
ATOM   95   C  CG  . LYS A 1 22  ? -10.188 9.863   10.022  1.00 39.95  ? 22  LYS A CG  1 
ATOM   96   C  CD  . LYS A 1 22  ? -10.414 10.560  11.361  1.00 42.36  ? 22  LYS A CD  1 
ATOM   97   C  CE  . LYS A 1 22  ? -9.118  10.441  12.226  1.00 45.21  ? 22  LYS A CE  1 
ATOM   98   N  NZ  . LYS A 1 22  ? -9.190  10.892  13.684  1.00 47.60  ? 22  LYS A NZ  1 
ATOM   99   N  N   . ARG A 1 23  ? -12.964 9.893   6.506   1.00 39.50  ? 23  ARG A N   1 
ATOM   100  C  CA  . ARG A 1 23  ? -14.255 9.809   5.802   1.00 40.37  ? 23  ARG A CA  1 
ATOM   101  C  C   . ARG A 1 23  ? -14.226 8.702   4.813   1.00 40.30  ? 23  ARG A C   1 
ATOM   102  O  O   . ARG A 1 23  ? -15.161 7.916   4.716   1.00 41.27  ? 23  ARG A O   1 
ATOM   103  C  CB  . ARG A 1 23  ? -14.557 11.038  4.965   1.00 40.73  ? 23  ARG A CB  1 
ATOM   104  C  CG  . ARG A 1 23  ? -15.030 12.214  5.731   1.00 42.16  ? 23  ARG A CG  1 
ATOM   105  C  CD  . ARG A 1 23  ? -16.526 12.296  5.779   1.00 42.42  ? 23  ARG A CD  1 
ATOM   106  N  NE  . ARG A 1 23  ? -16.897 12.961  7.015   1.00 41.72  ? 23  ARG A NE  1 
ATOM   107  C  CZ  . ARG A 1 23  ? -18.060 12.822  7.602   1.00 40.05  ? 23  ARG A CZ  1 
ATOM   108  N  NH1 . ARG A 1 23  ? -18.280 13.458  8.742   1.00 39.60  ? 23  ARG A NH1 1 
ATOM   109  N  NH2 . ARG A 1 23  ? -18.995 12.056  7.043   1.00 39.83  ? 23  ARG A NH2 1 
ATOM   110  N  N   . PHE A 1 24  ? -13.170 8.691   4.030   1.00 39.57  ? 24  PHE A N   1 
ATOM   111  C  CA  . PHE A 1 24  ? -13.073 7.748   2.987   1.00 39.67  ? 24  PHE A CA  1 
ATOM   112  C  C   . PHE A 1 24  ? -12.900 6.356   3.612   1.00 39.47  ? 24  PHE A C   1 
ATOM   113  O  O   . PHE A 1 24  ? -13.437 5.387   3.108   1.00 39.66  ? 24  PHE A O   1 
ATOM   114  C  CB  . PHE A 1 24  ? -11.891 8.082   2.100   1.00 40.21  ? 24  PHE A CB  1 
ATOM   115  C  CG  . PHE A 1 24  ? -11.996 9.403   1.361   1.00 40.69  ? 24  PHE A CG  1 
ATOM   116  C  CD1 . PHE A 1 24  ? -13.202 9.867   0.872   1.00 42.77  ? 24  PHE A CD1 1 
ATOM   117  C  CD2 . PHE A 1 24  ? -10.852 10.139  1.102   1.00 41.26  ? 24  PHE A CD2 1 
ATOM   118  C  CE1 . PHE A 1 24  ? -13.261 11.068  0.142   1.00 44.29  ? 24  PHE A CE1 1 
ATOM   119  C  CE2 . PHE A 1 24  ? -10.898 11.338  0.386   1.00 43.01  ? 24  PHE A CE2 1 
ATOM   120  C  CZ  . PHE A 1 24  ? -12.101 11.803  -0.102  1.00 43.47  ? 24  PHE A CZ  1 
ATOM   121  N  N   . ALA A 1 25  ? -12.188 6.257   4.730   1.00 38.87  ? 25  ALA A N   1 
ATOM   122  C  CA  . ALA A 1 25  ? -12.002 4.966   5.380   1.00 37.89  ? 25  ALA A CA  1 
ATOM   123  C  C   . ALA A 1 25  ? -13.321 4.391   5.801   1.00 37.43  ? 25  ALA A C   1 
ATOM   124  O  O   . ALA A 1 25  ? -13.544 3.206   5.641   1.00 38.19  ? 25  ALA A O   1 
ATOM   125  C  CB  . ALA A 1 25  ? -11.133 5.107   6.559   1.00 37.89  ? 25  ALA A CB  1 
ATOM   126  N  N   . HIS A 1 26  ? -14.195 5.233   6.335   1.00 37.21  ? 26  HIS A N   1 
ATOM   127  C  CA  . HIS A 1 26  ? -15.507 4.802   6.869   1.00 37.03  ? 26  HIS A CA  1 
ATOM   128  C  C   . HIS A 1 26  ? -16.583 4.663   5.832   1.00 36.01  ? 26  HIS A C   1 
ATOM   129  O  O   . HIS A 1 26  ? -17.388 3.734   5.877   1.00 35.76  ? 26  HIS A O   1 
ATOM   130  C  CB  . HIS A 1 26  ? -16.008 5.765   7.944   1.00 37.37  ? 26  HIS A CB  1 
ATOM   131  C  CG  . HIS A 1 26  ? -15.464 5.438   9.286   1.00 40.52  ? 26  HIS A CG  1 
ATOM   132  N  ND1 . HIS A 1 26  ? -14.123 5.552   9.578   1.00 43.53  ? 26  HIS A ND1 1 
ATOM   133  C  CD2 . HIS A 1 26  ? -16.050 4.899   10.382  1.00 43.41  ? 26  HIS A CD2 1 
ATOM   134  C  CE1 . HIS A 1 26  ? -13.912 5.129   10.813  1.00 44.29  ? 26  HIS A CE1 1 
ATOM   135  N  NE2 . HIS A 1 26  ? -15.064 4.726   11.322  1.00 44.11  ? 26  HIS A NE2 1 
ATOM   136  N  N   . TYR A 1 27  ? -16.596 5.589   4.891   1.00 35.07  ? 27  TYR A N   1 
ATOM   137  C  CA  . TYR A 1 27  ? -17.688 5.671   3.959   1.00 34.17  ? 27  TYR A CA  1 
ATOM   138  C  C   . TYR A 1 27  ? -17.327 5.497   2.508   1.00 34.26  ? 27  TYR A C   1 
ATOM   139  O  O   . TYR A 1 27  ? -18.190 5.206   1.715   1.00 34.19  ? 27  TYR A O   1 
ATOM   140  C  CB  . TYR A 1 27  ? -18.331 7.008   4.146   1.00 33.92  ? 27  TYR A CB  1 
ATOM   141  C  CG  . TYR A 1 27  ? -18.869 7.184   5.543   1.00 32.84  ? 27  TYR A CG  1 
ATOM   142  C  CD1 . TYR A 1 27  ? -19.900 6.429   5.994   1.00 32.56  ? 27  TYR A CD1 1 
ATOM   143  C  CD2 . TYR A 1 27  ? -18.360 8.128   6.398   1.00 32.80  ? 27  TYR A CD2 1 
ATOM   144  C  CE1 . TYR A 1 27  ? -20.392 6.589   7.276   1.00 32.99  ? 27  TYR A CE1 1 
ATOM   145  C  CE2 . TYR A 1 27  ? -18.877 8.309   7.682   1.00 30.20  ? 27  TYR A CE2 1 
ATOM   146  C  CZ  . TYR A 1 27  ? -19.870 7.545   8.102   1.00 30.54  ? 27  TYR A CZ  1 
ATOM   147  O  OH  . TYR A 1 27  ? -20.369 7.711   9.356   1.00 31.19  ? 27  TYR A OH  1 
ATOM   148  N  N   . GLY A 1 28  ? -16.063 5.684   2.149   1.00 34.51  ? 28  GLY A N   1 
ATOM   149  C  CA  . GLY A 1 28  ? -15.647 5.670   0.748   1.00 34.25  ? 28  GLY A CA  1 
ATOM   150  C  C   . GLY A 1 28  ? -15.762 7.035   0.090   1.00 34.39  ? 28  GLY A C   1 
ATOM   151  O  O   . GLY A 1 28  ? -16.180 8.007   0.711   1.00 34.09  ? 28  GLY A O   1 
ATOM   152  N  N   . LEU A 1 29  ? -15.399 7.054   -1.197  1.00 34.70  ? 29  LEU A N   1 
ATOM   153  C  CA  . LEU A 1 29  ? -15.217 8.243   -2.033  1.00 34.56  ? 29  LEU A CA  1 
ATOM   154  C  C   . LEU A 1 29  ? -16.552 8.735   -2.597  1.00 35.03  ? 29  LEU A C   1 
ATOM   155  O  O   . LEU A 1 29  ? -16.837 9.921   -2.674  1.00 35.76  ? 29  LEU A O   1 
ATOM   156  C  CB  . LEU A 1 29  ? -14.223 7.904   -3.177  1.00 34.01  ? 29  LEU A CB  1 
ATOM   157  C  CG  . LEU A 1 29  ? -13.727 8.935   -4.227  1.00 33.86  ? 29  LEU A CG  1 
ATOM   158  C  CD1 . LEU A 1 29  ? -13.256 10.302  -3.664  1.00 30.96  ? 29  LEU A CD1 1 
ATOM   159  C  CD2 . LEU A 1 29  ? -12.604 8.289   -5.043  1.00 32.51  ? 29  LEU A CD2 1 
ATOM   160  N  N   . CYS A 1 30  ? -17.384 7.816   -3.000  1.00 35.72  ? 30  CYS A N   1 
ATOM   161  C  CA  . CYS A 1 30  ? -18.587 8.183   -3.698  1.00 36.49  ? 30  CYS A CA  1 
ATOM   162  C  C   . CYS A 1 30  ? -19.637 8.780   -2.776  1.00 35.85  ? 30  CYS A C   1 
ATOM   163  O  O   . CYS A 1 30  ? -20.122 9.887   -2.986  1.00 35.39  ? 30  CYS A O   1 
ATOM   164  C  CB  . CYS A 1 30  ? -19.130 6.950   -4.367  1.00 36.62  ? 30  CYS A CB  1 
ATOM   165  S  SG  . CYS A 1 30  ? -20.226 7.419   -5.633  1.00 42.99  ? 30  CYS A SG  1 
ATOM   166  N  N   . LYS A 1 31  ? -19.975 8.023   -1.743  1.00 36.01  ? 31  LYS A N   1 
ATOM   167  C  CA  . LYS A 1 31  ? -20.902 8.483   -0.732  1.00 35.84  ? 31  LYS A CA  1 
ATOM   168  C  C   . LYS A 1 31  ? -20.364 9.712   0.047   1.00 35.63  ? 31  LYS A C   1 
ATOM   169  O  O   . LYS A 1 31  ? -21.176 10.457  0.606   1.00 35.83  ? 31  LYS A O   1 
ATOM   170  C  CB  . LYS A 1 31  ? -21.245 7.337   0.202   1.00 35.55  ? 31  LYS A CB  1 
ATOM   171  C  CG  . LYS A 1 31  ? -21.977 6.161   -0.482  1.00 37.15  ? 31  LYS A CG  1 
ATOM   172  C  CD  . LYS A 1 31  ? -23.509 6.236   -0.302  1.00 38.32  ? 31  LYS A CD  1 
ATOM   173  C  CE  . LYS A 1 31  ? -24.256 5.038   -0.873  1.00 36.73  ? 31  LYS A CE  1 
ATOM   174  N  NZ  . LYS A 1 31  ? -25.124 5.494   -1.997  1.00 36.37  ? 31  LYS A NZ  1 
ATOM   175  N  N   . THR A 1 32  ? -19.037 9.930   0.070   1.00 35.08  ? 32  THR A N   1 
ATOM   176  C  CA  . THR A 1 32  ? -18.439 11.078  0.807   1.00 35.23  ? 32  THR A CA  1 
ATOM   177  C  C   . THR A 1 32  ? -18.586 12.422  0.065   1.00 35.62  ? 32  THR A C   1 
ATOM   178  O  O   . THR A 1 32  ? -18.661 12.467  -1.176  1.00 36.12  ? 32  THR A O   1 
ATOM   179  C  CB  . THR A 1 32  ? -16.941 10.836  1.172   1.00 35.06  ? 32  THR A CB  1 
ATOM   180  O  OG1 . THR A 1 32  ? -16.852 9.783   2.155   1.00 36.61  ? 32  THR A OG1 1 
ATOM   181  C  CG2 . THR A 1 32  ? -16.285 12.104  1.721   1.00 32.49  ? 32  THR A CG2 1 
ATOM   182  N  N   . THR A 1 33  ? -18.629 13.521  0.814   1.00 35.64  ? 33  THR A N   1 
ATOM   183  C  CA  . THR A 1 33  ? -18.982 14.813  0.223   1.00 35.62  ? 33  THR A CA  1 
ATOM   184  C  C   . THR A 1 33  ? -18.060 15.965  0.636   1.00 35.53  ? 33  THR A C   1 
ATOM   185  O  O   . THR A 1 33  ? -17.614 16.071  1.758   1.00 35.21  ? 33  THR A O   1 
ATOM   186  C  CB  . THR A 1 33  ? -20.466 15.121  0.558   1.00 35.58  ? 33  THR A CB  1 
ATOM   187  O  OG1 . THR A 1 33  ? -21.097 15.756  -0.551  1.00 36.13  ? 33  THR A OG1 1 
ATOM   188  C  CG2 . THR A 1 33  ? -20.598 15.984  1.759   1.00 34.74  ? 33  THR A CG2 1 
HETATM 189  N  N   . MSE A 1 34  ? -17.755 16.848  -0.279  1.00 36.38  ? 34  MSE A N   1 
HETATM 190  C  CA  . MSE A 1 34  ? -16.920 17.981  0.112   1.00 37.24  ? 34  MSE A CA  1 
HETATM 191  C  C   . MSE A 1 34  ? -17.603 18.812  1.189   1.00 36.25  ? 34  MSE A C   1 
HETATM 192  O  O   . MSE A 1 34  ? -16.905 19.298  2.071   1.00 36.06  ? 34  MSE A O   1 
HETATM 193  C  CB  . MSE A 1 34  ? -16.609 18.855  -1.084  1.00 38.31  ? 34  MSE A CB  1 
HETATM 194  C  CG  . MSE A 1 34  ? -15.835 18.113  -2.155  1.00 42.65  ? 34  MSE A CG  1 
HETATM 195  SE SE  . MSE A 1 34  ? -13.963 17.792  -1.655  0.80 51.93  ? 34  MSE A SE  1 
HETATM 196  C  CE  . MSE A 1 34  ? -13.137 19.171  -2.830  1.00 45.39  ? 34  MSE A CE  1 
ATOM   197  N  N   . ASN A 1 35  ? -18.914 18.933  1.178   1.00 35.09  ? 35  ASN A N   1 
ATOM   198  C  CA  . ASN A 1 35  ? -19.542 19.660  2.254   1.00 34.23  ? 35  ASN A CA  1 
ATOM   199  C  C   . ASN A 1 35  ? -19.291 18.965  3.576   1.00 32.55  ? 35  ASN A C   1 
ATOM   200  O  O   . ASN A 1 35  ? -19.148 19.612  4.594   1.00 31.88  ? 35  ASN A O   1 
ATOM   201  C  CB  . ASN A 1 35  ? -21.037 19.845  2.011   1.00 34.55  ? 35  ASN A CB  1 
ATOM   202  C  CG  . ASN A 1 35  ? -21.329 20.827  0.903   1.00 38.03  ? 35  ASN A CG  1 
ATOM   203  O  OD1 . ASN A 1 35  ? -21.074 20.551  -0.277  1.00 40.25  ? 35  ASN A OD1 1 
ATOM   204  N  ND2 . ASN A 1 35  ? -21.862 21.986  1.269   1.00 38.90  ? 35  ASN A ND2 1 
ATOM   205  N  N   . GLU A 1 36  ? -19.243 17.643  3.564   1.00 31.20  ? 36  GLU A N   1 
ATOM   206  C  CA  . GLU A 1 36  ? -18.952 16.900  4.788   1.00 30.50  ? 36  GLU A CA  1 
ATOM   207  C  C   . GLU A 1 36  ? -17.552 17.199  5.310   1.00 30.06  ? 36  GLU A C   1 
ATOM   208  O  O   . GLU A 1 36  ? -17.390 17.532  6.477   1.00 29.97  ? 36  GLU A O   1 
ATOM   209  C  CB  . GLU A 1 36  ? -19.093 15.376  4.569   1.00 30.41  ? 36  GLU A CB  1 
ATOM   210  C  CG  . GLU A 1 36  ? -20.523 14.848  4.672   1.00 30.04  ? 36  GLU A CG  1 
ATOM   211  C  CD  . GLU A 1 36  ? -20.769 13.472  4.009   1.00 30.67  ? 36  GLU A CD  1 
ATOM   212  O  OE1 . GLU A 1 36  ? -19.816 12.796  3.553   1.00 29.42  ? 36  GLU A OE1 1 
ATOM   213  O  OE2 . GLU A 1 36  ? -21.958 13.058  3.962   1.00 31.20  ? 36  GLU A OE2 1 
ATOM   214  N  N   . ILE A 1 37  ? -16.543 17.073  4.443   1.00 29.44  ? 37  ILE A N   1 
ATOM   215  C  CA  . ILE A 1 37  ? -15.130 17.240  4.848   1.00 28.60  ? 37  ILE A CA  1 
ATOM   216  C  C   . ILE A 1 37  ? -14.878 18.635  5.354   1.00 27.77  ? 37  ILE A C   1 
ATOM   217  O  O   . ILE A 1 37  ? -14.123 18.830  6.293   1.00 26.88  ? 37  ILE A O   1 
ATOM   218  C  CB  . ILE A 1 37  ? -14.141 16.953  3.697   1.00 28.60  ? 37  ILE A CB  1 
ATOM   219  C  CG1 . ILE A 1 37  ? -14.417 15.564  3.103   1.00 29.51  ? 37  ILE A CG1 1 
ATOM   220  C  CG2 . ILE A 1 37  ? -12.716 17.021  4.194   1.00 27.69  ? 37  ILE A CG2 1 
ATOM   221  C  CD1 . ILE A 1 37  ? -13.162 14.767  2.685   1.00 30.09  ? 37  ILE A CD1 1 
ATOM   222  N  N   . ALA A 1 38  ? -15.522 19.600  4.718   1.00 27.47  ? 38  ALA A N   1 
ATOM   223  C  CA  . ALA A 1 38  ? -15.455 20.957  5.179   1.00 27.75  ? 38  ALA A CA  1 
ATOM   224  C  C   . ALA A 1 38  ? -15.983 20.992  6.620   1.00 28.19  ? 38  ALA A C   1 
ATOM   225  O  O   . ALA A 1 38  ? -15.278 21.373  7.545   1.00 27.57  ? 38  ALA A O   1 
ATOM   226  C  CB  . ALA A 1 38  ? -16.241 21.854  4.272   1.00 27.24  ? 38  ALA A CB  1 
ATOM   227  N  N   . SER A 1 39  ? -17.211 20.538  6.827   1.00 29.17  ? 39  SER A N   1 
ATOM   228  C  CA  . SER A 1 39  ? -17.757 20.457  8.194   1.00 29.75  ? 39  SER A CA  1 
ATOM   229  C  C   . SER A 1 39  ? -16.716 19.947  9.193   1.00 29.83  ? 39  SER A C   1 
ATOM   230  O  O   . SER A 1 39  ? -16.556 20.504  10.278  1.00 29.47  ? 39  SER A O   1 
ATOM   231  C  CB  . SER A 1 39  ? -18.985 19.527  8.256   1.00 29.81  ? 39  SER A CB  1 
ATOM   232  O  OG  . SER A 1 39  ? -20.161 20.194  7.832   1.00 30.94  ? 39  SER A OG  1 
ATOM   233  N  N   . ASP A 1 40  ? -16.018 18.880  8.811   1.00 30.11  ? 40  ASP A N   1 
ATOM   234  C  CA  . ASP A 1 40  ? -15.170 18.132  9.744   1.00 30.13  ? 40  ASP A CA  1 
ATOM   235  C  C   . ASP A 1 40  ? -14.040 19.011  10.247  1.00 29.88  ? 40  ASP A C   1 
ATOM   236  O  O   . ASP A 1 40  ? -13.831 19.154  11.447  1.00 29.76  ? 40  ASP A O   1 
ATOM   237  C  CB  . ASP A 1 40  ? -14.627 16.866  9.073   1.00 30.18  ? 40  ASP A CB  1 
ATOM   238  C  CG  . ASP A 1 40  ? -15.735 15.851  8.743   1.00 31.02  ? 40  ASP A CG  1 
ATOM   239  O  OD1 . ASP A 1 40  ? -16.914 16.287  8.647   1.00 32.34  ? 40  ASP A OD1 1 
ATOM   240  O  OD2 . ASP A 1 40  ? -15.426 14.630  8.593   1.00 29.55  ? 40  ASP A OD2 1 
ATOM   241  N  N   . VAL A 1 41  ? -13.340 19.628  9.307   1.00 29.76  ? 41  VAL A N   1 
ATOM   242  C  CA  . VAL A 1 41  ? -12.274 20.560  9.618   1.00 29.41  ? 41  VAL A CA  1 
ATOM   243  C  C   . VAL A 1 41  ? -12.817 21.924  10.114  1.00 29.65  ? 41  VAL A C   1 
ATOM   244  O  O   . VAL A 1 41  ? -12.059 22.772  10.559  1.00 29.72  ? 41  VAL A O   1 
ATOM   245  C  CB  . VAL A 1 41  ? -11.355 20.759  8.382   1.00 29.53  ? 41  VAL A CB  1 
ATOM   246  C  CG1 . VAL A 1 41  ? -10.437 19.545  8.159   1.00 29.13  ? 41  VAL A CG1 1 
ATOM   247  C  CG2 . VAL A 1 41  ? -12.176 21.037  7.123   1.00 29.25  ? 41  VAL A CG2 1 
ATOM   248  N  N   . GLY A 1 42  ? -14.125 22.144  10.052  1.00 29.92  ? 42  GLY A N   1 
ATOM   249  C  CA  . GLY A 1 42  ? -14.697 23.420  10.482  1.00 29.91  ? 42  GLY A CA  1 
ATOM   250  C  C   . GLY A 1 42  ? -14.411 24.560  9.521   1.00 30.07  ? 42  GLY A C   1 
ATOM   251  O  O   . GLY A 1 42  ? -14.007 25.633  9.933   1.00 30.42  ? 42  GLY A O   1 
HETATM 252  N  N   . MSE A 1 43  ? -14.615 24.311  8.239   1.00 30.31  ? 43  MSE A N   1 
HETATM 253  C  CA  . MSE A 1 43  ? -14.398 25.322  7.234   1.00 30.55  ? 43  MSE A CA  1 
HETATM 254  C  C   . MSE A 1 43  ? -15.632 25.460  6.394   1.00 30.93  ? 43  MSE A C   1 
HETATM 255  O  O   . MSE A 1 43  ? -16.725 25.161  6.835   1.00 31.55  ? 43  MSE A O   1 
HETATM 256  C  CB  . MSE A 1 43  ? -13.261 24.931  6.315   1.00 30.34  ? 43  MSE A CB  1 
HETATM 257  C  CG  . MSE A 1 43  ? -11.962 24.698  6.984   1.00 30.44  ? 43  MSE A CG  1 
HETATM 258  SE SE  . MSE A 1 43  ? -10.726 24.401  5.579   0.60 33.24  ? 43  MSE A SE  1 
HETATM 259  C  CE  . MSE A 1 43  ? -11.919 24.669  4.105   1.00 32.15  ? 43  MSE A CE  1 
ATOM   260  N  N   . GLY A 1 44  ? -15.444 25.906  5.165   1.00 30.93  ? 44  GLY A N   1 
ATOM   261  C  CA  . GLY A 1 44  ? -16.532 26.043  4.228   1.00 30.96  ? 44  GLY A CA  1 
ATOM   262  C  C   . GLY A 1 44  ? -16.009 25.696  2.863   1.00 30.97  ? 44  GLY A C   1 
ATOM   263  O  O   . GLY A 1 44  ? -14.924 26.106  2.493   1.00 30.78  ? 44  GLY A O   1 
ATOM   264  N  N   . LYS A 1 45  ? -16.793 24.933  2.109   1.00 31.21  ? 45  LYS A N   1 
ATOM   265  C  CA  . LYS A 1 45  ? -16.404 24.533  0.762   1.00 31.44  ? 45  LYS A CA  1 
ATOM   266  C  C   . LYS A 1 45  ? -15.546 25.605  0.100   1.00 30.66  ? 45  LYS A C   1 
ATOM   267  O  O   . LYS A 1 45  ? -14.542 25.300  -0.545  1.00 30.40  ? 45  LYS A O   1 
ATOM   268  C  CB  . LYS A 1 45  ? -17.641 24.248  -0.091  1.00 31.93  ? 45  LYS A CB  1 
ATOM   269  C  CG  . LYS A 1 45  ? -18.463 23.061  0.384   1.00 33.03  ? 45  LYS A CG  1 
ATOM   270  C  CD  . LYS A 1 45  ? -19.552 22.707  -0.615  1.00 34.32  ? 45  LYS A CD  1 
ATOM   271  C  CE  . LYS A 1 45  ? -18.972 22.039  -1.851  1.00 34.38  ? 45  LYS A CE  1 
ATOM   272  N  NZ  . LYS A 1 45  ? -19.984 21.210  -2.562  1.00 34.12  ? 45  LYS A NZ  1 
ATOM   273  N  N   . ALA A 1 46  ? -15.946 26.861  0.264   1.00 29.81  ? 46  ALA A N   1 
ATOM   274  C  CA  . ALA A 1 46  ? -15.210 27.981  -0.309  1.00 29.39  ? 46  ALA A CA  1 
ATOM   275  C  C   . ALA A 1 46  ? -13.742 27.935  0.100   1.00 28.67  ? 46  ALA A C   1 
ATOM   276  O  O   . ALA A 1 46  ? -12.854 28.206  -0.707  1.00 28.83  ? 46  ALA A O   1 
ATOM   277  C  CB  . ALA A 1 46  ? -15.840 29.300  0.111   1.00 29.31  ? 46  ALA A CB  1 
ATOM   278  N  N   . SER A 1 47  ? -13.497 27.590  1.360   1.00 27.76  ? 47  SER A N   1 
ATOM   279  C  CA  . SER A 1 47  ? -12.137 27.497  1.877   1.00 26.96  ? 47  SER A CA  1 
ATOM   280  C  C   . SER A 1 47  ? -11.472 26.198  1.436   1.00 25.41  ? 47  SER A C   1 
ATOM   281  O  O   . SER A 1 47  ? -10.312 26.191  1.025   1.00 24.83  ? 47  SER A O   1 
ATOM   282  C  CB  . SER A 1 47  ? -12.136 27.596  3.404   1.00 27.21  ? 47  SER A CB  1 
ATOM   283  O  OG  . SER A 1 47  ? -13.456 27.566  3.918   1.00 29.15  ? 47  SER A OG  1 
ATOM   284  N  N   . LEU A 1 48  ? -12.216 25.100  1.524   1.00 24.46  ? 48  LEU A N   1 
ATOM   285  C  CA  . LEU A 1 48  ? -11.705 23.794  1.126   1.00 23.58  ? 48  LEU A CA  1 
ATOM   286  C  C   . LEU A 1 48  ? -11.164 23.832  -0.299  1.00 22.68  ? 48  LEU A C   1 
ATOM   287  O  O   . LEU A 1 48  ? -10.068 23.345  -0.571  1.00 21.68  ? 48  LEU A O   1 
ATOM   288  C  CB  . LEU A 1 48  ? -12.798 22.730  1.247   1.00 24.00  ? 48  LEU A CB  1 
ATOM   289  C  CG  . LEU A 1 48  ? -12.341 21.274  1.133   1.00 24.36  ? 48  LEU A CG  1 
ATOM   290  C  CD1 . LEU A 1 48  ? -11.346 20.934  2.232   1.00 23.44  ? 48  LEU A CD1 1 
ATOM   291  C  CD2 . LEU A 1 48  ? -13.535 20.332  1.175   1.00 24.49  ? 48  LEU A CD2 1 
ATOM   292  N  N   . TYR A 1 49  ? -11.943 24.413  -1.206  1.00 22.09  ? 49  TYR A N   1 
ATOM   293  C  CA  . TYR A 1 49  ? -11.544 24.525  -2.589  1.00 21.34  ? 49  TYR A CA  1 
ATOM   294  C  C   . TYR A 1 49  ? -10.230 25.283  -2.788  1.00 20.24  ? 49  TYR A C   1 
ATOM   295  O  O   . TYR A 1 49  ? -9.521  25.006  -3.749  1.00 20.45  ? 49  TYR A O   1 
ATOM   296  C  CB  . TYR A 1 49  ? -12.661 25.145  -3.429  1.00 21.71  ? 49  TYR A CB  1 
ATOM   297  C  CG  . TYR A 1 49  ? -13.788 24.197  -3.658  1.00 21.50  ? 49  TYR A CG  1 
ATOM   298  C  CD1 . TYR A 1 49  ? -13.539 22.862  -3.845  1.00 21.78  ? 49  TYR A CD1 1 
ATOM   299  C  CD2 . TYR A 1 49  ? -15.101 24.639  -3.715  1.00 22.20  ? 49  TYR A CD2 1 
ATOM   300  C  CE1 . TYR A 1 49  ? -14.549 21.991  -4.049  1.00 24.07  ? 49  TYR A CE1 1 
ATOM   301  C  CE2 . TYR A 1 49  ? -16.136 23.756  -3.921  1.00 22.87  ? 49  TYR A CE2 1 
ATOM   302  C  CZ  . TYR A 1 49  ? -15.851 22.427  -4.085  1.00 23.75  ? 49  TYR A CZ  1 
ATOM   303  O  OH  . TYR A 1 49  ? -16.828 21.472  -4.281  1.00 25.98  ? 49  TYR A OH  1 
ATOM   304  N  N   . TYR A 1 50  ? -9.871  26.197  -1.894  1.00 18.42  ? 50  TYR A N   1 
ATOM   305  C  CA  . TYR A 1 50  ? -8.494  26.712  -1.936  1.00 17.64  ? 50  TYR A CA  1 
ATOM   306  C  C   . TYR A 1 50  ? -7.414  25.608  -1.915  1.00 17.46  ? 50  TYR A C   1 
ATOM   307  O  O   . TYR A 1 50  ? -6.403  25.744  -2.582  1.00 17.83  ? 50  TYR A O   1 
ATOM   308  C  CB  . TYR A 1 50  ? -8.239  27.713  -0.802  1.00 17.42  ? 50  TYR A CB  1 
ATOM   309  C  CG  . TYR A 1 50  ? -6.808  28.195  -0.644  1.00 15.35  ? 50  TYR A CG  1 
ATOM   310  C  CD1 . TYR A 1 50  ? -6.392  29.424  -1.146  1.00 15.38  ? 50  TYR A CD1 1 
ATOM   311  C  CD2 . TYR A 1 50  ? -5.891  27.439  0.038   1.00 13.56  ? 50  TYR A CD2 1 
ATOM   312  C  CE1 . TYR A 1 50  ? -5.073  29.862  -0.977  1.00 14.39  ? 50  TYR A CE1 1 
ATOM   313  C  CE2 . TYR A 1 50  ? -4.611  27.860  0.220   1.00 13.20  ? 50  TYR A CE2 1 
ATOM   314  C  CZ  . TYR A 1 50  ? -4.197  29.065  -0.279  1.00 12.42  ? 50  TYR A CZ  1 
ATOM   315  O  OH  . TYR A 1 50  ? -2.909  29.443  -0.067  1.00 7.50   ? 50  TYR A OH  1 
ATOM   316  N  N   . TYR A 1 51  ? -7.652  24.546  -1.153  1.00 17.06  ? 51  TYR A N   1 
ATOM   317  C  CA  . TYR A 1 51  ? -6.702  23.444  -1.055  1.00 16.12  ? 51  TYR A CA  1 
ATOM   318  C  C   . TYR A 1 51  ? -6.978  22.382  -2.114  1.00 16.95  ? 51  TYR A C   1 
ATOM   319  O  O   . TYR A 1 51  ? -6.055  21.862  -2.740  1.00 16.98  ? 51  TYR A O   1 
ATOM   320  C  CB  . TYR A 1 51  ? -6.749  22.820  0.341   1.00 15.37  ? 51  TYR A CB  1 
ATOM   321  C  CG  . TYR A 1 51  ? -6.540  23.812  1.463   1.00 12.83  ? 51  TYR A CG  1 
ATOM   322  C  CD1 . TYR A 1 51  ? -5.266  24.095  1.937   1.00 9.99   ? 51  TYR A CD1 1 
ATOM   323  C  CD2 . TYR A 1 51  ? -7.617  24.466  2.046   1.00 10.41  ? 51  TYR A CD2 1 
ATOM   324  C  CE1 . TYR A 1 51  ? -5.071  25.001  2.963   1.00 9.74   ? 51  TYR A CE1 1 
ATOM   325  C  CE2 . TYR A 1 51  ? -7.432  25.373  3.072   1.00 11.45  ? 51  TYR A CE2 1 
ATOM   326  C  CZ  . TYR A 1 51  ? -6.157  25.636  3.526   1.00 11.27  ? 51  TYR A CZ  1 
ATOM   327  O  OH  . TYR A 1 51  ? -5.967  26.540  4.547   1.00 9.06   ? 51  TYR A OH  1 
ATOM   328  N  N   . PHE A 1 52  ? -8.254  22.064  -2.309  1.00 17.63  ? 52  PHE A N   1 
ATOM   329  C  CA  . PHE A 1 52  ? -8.653  21.064  -3.292  1.00 18.29  ? 52  PHE A CA  1 
ATOM   330  C  C   . PHE A 1 52  ? -9.868  21.528  -4.088  1.00 19.74  ? 52  PHE A C   1 
ATOM   331  O  O   . PHE A 1 52  ? -10.863 21.973  -3.517  1.00 20.16  ? 52  PHE A O   1 
ATOM   332  C  CB  . PHE A 1 52  ? -8.951  19.729  -2.607  1.00 18.10  ? 52  PHE A CB  1 
ATOM   333  C  CG  . PHE A 1 52  ? -7.855  19.258  -1.694  1.00 15.27  ? 52  PHE A CG  1 
ATOM   334  C  CD1 . PHE A 1 52  ? -6.880  18.388  -2.151  1.00 12.61  ? 52  PHE A CD1 1 
ATOM   335  C  CD2 . PHE A 1 52  ? -7.800  19.685  -0.378  1.00 13.81  ? 52  PHE A CD2 1 
ATOM   336  C  CE1 . PHE A 1 52  ? -5.870  17.953  -1.314  1.00 12.28  ? 52  PHE A CE1 1 
ATOM   337  C  CE2 . PHE A 1 52  ? -6.792  19.255  0.465   1.00 13.53  ? 52  PHE A CE2 1 
ATOM   338  C  CZ  . PHE A 1 52  ? -5.827  18.387  -0.004  1.00 12.25  ? 52  PHE A CZ  1 
ATOM   339  N  N   . PRO A 1 53  ? -9.780  21.418  -5.410  1.00 20.81  ? 53  PRO A N   1 
ATOM   340  C  CA  . PRO A 1 53  ? -10.876 21.830  -6.292  1.00 21.37  ? 53  PRO A CA  1 
ATOM   341  C  C   . PRO A 1 53  ? -11.611 20.630  -6.879  1.00 21.89  ? 53  PRO A C   1 
ATOM   342  O  O   . PRO A 1 53  ? -12.338 20.774  -7.862  1.00 21.51  ? 53  PRO A O   1 
ATOM   343  C  CB  . PRO A 1 53  ? -10.158 22.601  -7.400  1.00 21.56  ? 53  PRO A CB  1 
ATOM   344  C  CG  . PRO A 1 53  ? -8.797  22.003  -7.444  1.00 20.62  ? 53  PRO A CG  1 
ATOM   345  C  CD  . PRO A 1 53  ? -8.460  21.643  -6.025  1.00 20.57  ? 53  PRO A CD  1 
ATOM   346  N  N   . ASP A 1 54  ? -11.418 19.459  -6.279  1.00 22.90  ? 54  ASP A N   1 
ATOM   347  C  CA  . ASP A 1 54  ? -12.066 18.241  -6.750  1.00 23.30  ? 54  ASP A CA  1 
ATOM   348  C  C   . ASP A 1 54  ? -11.914 17.109  -5.740  1.00 23.83  ? 54  ASP A C   1 
ATOM   349  O  O   . ASP A 1 54  ? -10.843 16.919  -5.163  1.00 24.02  ? 54  ASP A O   1 
ATOM   350  C  CB  . ASP A 1 54  ? -11.493 17.818  -8.104  1.00 23.04  ? 54  ASP A CB  1 
ATOM   351  C  CG  . ASP A 1 54  ? -12.472 16.999  -8.921  1.00 24.54  ? 54  ASP A CG  1 
ATOM   352  O  OD1 . ASP A 1 54  ? -13.563 16.683  -8.402  1.00 30.40  ? 54  ASP A OD1 1 
ATOM   353  O  OD2 . ASP A 1 54  ? -12.151 16.672  -10.084 1.00 24.21  ? 54  ASP A OD2 1 
ATOM   354  N  N   . LYS A 1 55  ? -12.992 16.361  -5.531  1.00 24.24  ? 55  LYS A N   1 
ATOM   355  C  CA  . LYS A 1 55  ? -12.980 15.246  -4.591  1.00 24.46  ? 55  LYS A CA  1 
ATOM   356  C  C   . LYS A 1 55  ? -11.894 14.237  -4.946  1.00 25.54  ? 55  LYS A C   1 
ATOM   357  O  O   . LYS A 1 55  ? -11.290 13.625  -4.066  1.00 25.64  ? 55  LYS A O   1 
ATOM   358  C  CB  . LYS A 1 55  ? -14.346 14.559  -4.558  1.00 24.22  ? 55  LYS A CB  1 
ATOM   359  C  CG  . LYS A 1 55  ? -14.511 13.560  -3.423  1.00 23.86  ? 55  LYS A CG  1 
ATOM   360  C  CD  . LYS A 1 55  ? -15.621 12.565  -3.721  1.00 22.84  ? 55  LYS A CD  1 
ATOM   361  C  CE  . LYS A 1 55  ? -16.980 13.244  -3.746  1.00 21.75  ? 55  LYS A CE  1 
ATOM   362  N  NZ  . LYS A 1 55  ? -18.084 12.271  -3.970  1.00 20.95  ? 55  LYS A NZ  1 
ATOM   363  N  N   . GLU A 1 56  ? -11.650 14.070  -6.242  1.00 26.79  ? 56  GLU A N   1 
ATOM   364  C  CA  . GLU A 1 56  ? -10.636 13.135  -6.717  1.00 27.93  ? 56  GLU A CA  1 
ATOM   365  C  C   . GLU A 1 56  ? -9.244  13.554  -6.258  1.00 28.69  ? 56  GLU A C   1 
ATOM   366  O  O   . GLU A 1 56  ? -8.455  12.726  -5.802  1.00 29.42  ? 56  GLU A O   1 
ATOM   367  C  CB  . GLU A 1 56  ? -10.677 13.029  -8.242  1.00 28.01  ? 56  GLU A CB  1 
ATOM   368  C  CG  . GLU A 1 56  ? -11.366 14.198  -8.927  1.00 28.84  ? 56  GLU A CG  1 
ATOM   369  C  CD  . GLU A 1 56  ? -12.877 14.103  -8.866  1.00 29.74  ? 56  GLU A CD  1 
ATOM   370  O  OE1 . GLU A 1 56  ? -13.396 13.489  -7.911  1.00 28.43  ? 56  GLU A OE1 1 
ATOM   371  O  OE2 . GLU A 1 56  ? -13.545 14.641  -9.774  1.00 30.29  ? 56  GLU A OE2 1 
ATOM   372  N  N   . THR A 1 57  ? -8.948  14.844  -6.381  1.00 29.50  ? 57  THR A N   1 
ATOM   373  C  CA  . THR A 1 57  ? -7.625  15.386  -5.971  1.00 29.83  ? 57  THR A CA  1 
ATOM   374  C  C   . THR A 1 57  ? -7.311  15.110  -4.497  1.00 30.43  ? 57  THR A C   1 
ATOM   375  O  O   . THR A 1 57  ? -6.177  14.702  -4.151  1.00 30.69  ? 57  THR A O   1 
ATOM   376  C  CB  . THR A 1 57  ? -7.564  16.892  -6.126  1.00 29.68  ? 57  THR A CB  1 
ATOM   377  O  OG1 . THR A 1 57  ? -8.034  17.224  -7.430  1.00 28.55  ? 57  THR A OG1 1 
ATOM   378  C  CG2 . THR A 1 57  ? -6.119  17.402  -5.887  1.00 28.31  ? 57  THR A CG2 1 
ATOM   379  N  N   . LEU A 1 58  ? -8.325  15.369  -3.649  1.00 30.33  ? 58  LEU A N   1 
ATOM   380  C  CA  . LEU A 1 58  ? -8.230  15.116  -2.228  1.00 29.90  ? 58  LEU A CA  1 
ATOM   381  C  C   . LEU A 1 58  ? -7.987  13.621  -2.036  1.00 31.33  ? 58  LEU A C   1 
ATOM   382  O  O   . LEU A 1 58  ? -7.011  13.194  -1.400  1.00 31.84  ? 58  LEU A O   1 
ATOM   383  C  CB  . LEU A 1 58  ? -9.483  15.604  -1.510  1.00 28.65  ? 58  LEU A CB  1 
ATOM   384  C  CG  . LEU A 1 58  ? -9.396  15.473  0.002   1.00 25.60  ? 58  LEU A CG  1 
ATOM   385  C  CD1 . LEU A 1 58  ? -8.117  16.051  0.572   1.00 21.08  ? 58  LEU A CD1 1 
ATOM   386  C  CD2 . LEU A 1 58  ? -10.574 16.108  0.637   1.00 22.66  ? 58  LEU A CD2 1 
ATOM   387  N  N   . PHE A 1 59  ? -8.834  12.807  -2.645  1.00 32.37  ? 59  PHE A N   1 
ATOM   388  C  CA  . PHE A 1 59  ? -8.569  11.395  -2.610  1.00 32.92  ? 59  PHE A CA  1 
ATOM   389  C  C   . PHE A 1 59  ? -7.086  11.092  -2.956  1.00 33.12  ? 59  PHE A C   1 
ATOM   390  O  O   . PHE A 1 59  ? -6.421  10.425  -2.191  1.00 33.36  ? 59  PHE A O   1 
ATOM   391  C  CB  . PHE A 1 59  ? -9.534  10.635  -3.504  1.00 33.08  ? 59  PHE A CB  1 
ATOM   392  C  CG  . PHE A 1 59  ? -9.545  9.168   -3.232  1.00 34.83  ? 59  PHE A CG  1 
ATOM   393  C  CD1 . PHE A 1 59  ? -10.535 8.603   -2.466  1.00 36.72  ? 59  PHE A CD1 1 
ATOM   394  C  CD2 . PHE A 1 59  ? -8.519  8.351   -3.706  1.00 36.78  ? 59  PHE A CD2 1 
ATOM   395  C  CE1 . PHE A 1 59  ? -10.521 7.233   -2.216  1.00 38.70  ? 59  PHE A CE1 1 
ATOM   396  C  CE2 . PHE A 1 59  ? -8.495  6.985   -3.459  1.00 36.91  ? 59  PHE A CE2 1 
ATOM   397  C  CZ  . PHE A 1 59  ? -9.479  6.419   -2.721  1.00 37.85  ? 59  PHE A CZ  1 
ATOM   398  N  N   . GLU A 1 60  ? -6.543  11.588  -4.060  1.00 33.40  ? 60  GLU A N   1 
ATOM   399  C  CA  . GLU A 1 60  ? -5.140  11.280  -4.341  1.00 34.34  ? 60  GLU A CA  1 
ATOM   400  C  C   . GLU A 1 60  ? -4.186  11.662  -3.174  1.00 33.44  ? 60  GLU A C   1 
ATOM   401  O  O   . GLU A 1 60  ? -3.143  10.997  -2.952  1.00 33.01  ? 60  GLU A O   1 
ATOM   402  C  CB  . GLU A 1 60  ? -4.607  12.016  -5.577  1.00 35.81  ? 60  GLU A CB  1 
ATOM   403  C  CG  . GLU A 1 60  ? -5.399  11.965  -6.901  1.00 39.74  ? 60  GLU A CG  1 
ATOM   404  C  CD  . GLU A 1 60  ? -4.644  12.711  -8.055  1.00 45.53  ? 60  GLU A CD  1 
ATOM   405  O  OE1 . GLU A 1 60  ? -4.195  13.888  -7.869  1.00 47.18  ? 60  GLU A OE1 1 
ATOM   406  O  OE2 . GLU A 1 60  ? -4.503  12.112  -9.155  1.00 49.59  ? 60  GLU A OE2 1 
ATOM   407  N  N   . ALA A 1 61  ? -4.499  12.765  -2.480  1.00 31.99  ? 61  ALA A N   1 
ATOM   408  C  CA  . ALA A 1 61  ? -3.631  13.233  -1.412  1.00 31.04  ? 61  ALA A CA  1 
ATOM   409  C  C   . ALA A 1 61  ? -3.692  12.143  -0.393  1.00 31.02  ? 61  ALA A C   1 
ATOM   410  O  O   . ALA A 1 61  ? -2.676  11.653  0.064   1.00 31.90  ? 61  ALA A O   1 
ATOM   411  C  CB  . ALA A 1 61  ? -4.116  14.553  -0.834  1.00 30.38  ? 61  ALA A CB  1 
ATOM   412  N  N   . VAL A 1 62  ? -4.902  11.709  -0.073  1.00 30.66  ? 62  VAL A N   1 
ATOM   413  C  CA  . VAL A 1 62  ? -5.054  10.645  0.880   1.00 30.46  ? 62  VAL A CA  1 
ATOM   414  C  C   . VAL A 1 62  ? -4.327  9.369   0.461   1.00 30.95  ? 62  VAL A C   1 
ATOM   415  O  O   . VAL A 1 62  ? -3.818  8.678   1.336   1.00 31.29  ? 62  VAL A O   1 
ATOM   416  C  CB  . VAL A 1 62  ? -6.518  10.288  1.143   1.00 30.32  ? 62  VAL A CB  1 
ATOM   417  C  CG1 . VAL A 1 62  ? -6.595  9.277   2.313   1.00 28.27  ? 62  VAL A CG1 1 
ATOM   418  C  CG2 . VAL A 1 62  ? -7.370  11.574  1.369   1.00 29.60  ? 62  VAL A CG2 1 
ATOM   419  N  N   . ILE A 1 63  ? -4.309  9.040   -0.841  1.00 31.10  ? 63  ILE A N   1 
ATOM   420  C  CA  . ILE A 1 63  ? -3.594  7.849   -1.307  1.00 31.18  ? 63  ILE A CA  1 
ATOM   421  C  C   . ILE A 1 63  ? -2.143  8.086   -1.071  1.00 32.06  ? 63  ILE A C   1 
ATOM   422  O  O   . ILE A 1 63  ? -1.450  7.214   -0.541  1.00 31.83  ? 63  ILE A O   1 
ATOM   423  C  CB  . ILE A 1 63  ? -3.735  7.549   -2.815  1.00 31.20  ? 63  ILE A CB  1 
ATOM   424  C  CG1 . ILE A 1 63  ? -5.172  7.216   -3.175  1.00 31.18  ? 63  ILE A CG1 1 
ATOM   425  C  CG2 . ILE A 1 63  ? -2.841  6.398   -3.203  1.00 28.67  ? 63  ILE A CG2 1 
ATOM   426  C  CD1 . ILE A 1 63  ? -5.800  6.237   -2.262  1.00 32.71  ? 63  ILE A CD1 1 
ATOM   427  N  N   . LYS A 1 64  ? -1.663  9.260   -1.467  1.00 32.96  ? 64  LYS A N   1 
ATOM   428  C  CA  . LYS A 1 64  ? -0.248  9.525   -1.275  1.00 34.11  ? 64  LYS A CA  1 
ATOM   429  C  C   . LYS A 1 64  ? 0.107   9.541   0.224   1.00 33.76  ? 64  LYS A C   1 
ATOM   430  O  O   . LYS A 1 64  ? 1.151   9.018   0.589   1.00 34.31  ? 64  LYS A O   1 
ATOM   431  C  CB  . LYS A 1 64  ? 0.276   10.773  -2.015  1.00 34.41  ? 64  LYS A CB  1 
ATOM   432  C  CG  . LYS A 1 64  ? 0.164   10.536  -3.536  1.00 38.35  ? 64  LYS A CG  1 
ATOM   433  C  CD  . LYS A 1 64  ? 0.648   11.691  -4.475  1.00 43.28  ? 64  LYS A CD  1 
ATOM   434  C  CE  . LYS A 1 64  ? 0.425   11.327  -6.034  1.00 44.72  ? 64  LYS A CE  1 
ATOM   435  N  NZ  . LYS A 1 64  ? 1.214   10.112  -6.568  1.00 45.36  ? 64  LYS A NZ  1 
ATOM   436  N  N   . LYS A 1 65  ? -0.752  10.042  1.111   1.00 33.14  ? 65  LYS A N   1 
ATOM   437  C  CA  . LYS A 1 65  ? -0.373  10.002  2.528   1.00 32.51  ? 65  LYS A CA  1 
ATOM   438  C  C   . LYS A 1 65  ? -0.173  8.567   2.930   1.00 32.80  ? 65  LYS A C   1 
ATOM   439  O  O   . LYS A 1 65  ? 0.744   8.267   3.667   1.00 33.20  ? 65  LYS A O   1 
ATOM   440  C  CB  . LYS A 1 65  ? -1.388  10.645  3.477   1.00 31.98  ? 65  LYS A CB  1 
ATOM   441  C  CG  . LYS A 1 65  ? -0.978  10.544  4.983   1.00 30.20  ? 65  LYS A CG  1 
ATOM   442  C  CD  . LYS A 1 65  ? -2.017  11.167  5.942   1.00 29.38  ? 65  LYS A CD  1 
ATOM   443  C  CE  . LYS A 1 65  ? -1.940  10.607  7.368   1.00 28.60  ? 65  LYS A CE  1 
ATOM   444  N  NZ  . LYS A 1 65  ? -2.680  11.414  8.389   1.00 27.25  ? 65  LYS A NZ  1 
ATOM   445  N  N   . GLU A 1 66  ? -1.041  7.692   2.438   1.00 33.09  ? 66  GLU A N   1 
ATOM   446  C  CA  . GLU A 1 66  ? -1.056  6.286   2.832   1.00 33.26  ? 66  GLU A CA  1 
ATOM   447  C  C   . GLU A 1 66  ? 0.183   5.580   2.295   1.00 32.78  ? 66  GLU A C   1 
ATOM   448  O  O   . GLU A 1 66  ? 0.824   4.800   2.970   1.00 32.11  ? 66  GLU A O   1 
ATOM   449  C  CB  . GLU A 1 66  ? -2.309  5.614   2.275   1.00 33.76  ? 66  GLU A CB  1 
ATOM   450  C  CG  . GLU A 1 66  ? -2.763  4.396   3.033   1.00 35.76  ? 66  GLU A CG  1 
ATOM   451  C  CD  . GLU A 1 66  ? -3.458  4.768   4.322   1.00 39.18  ? 66  GLU A CD  1 
ATOM   452  O  OE1 . GLU A 1 66  ? -3.998  5.898   4.397   1.00 39.31  ? 66  GLU A OE1 1 
ATOM   453  O  OE2 . GLU A 1 66  ? -3.453  3.926   5.258   1.00 42.21  ? 66  GLU A OE2 1 
ATOM   454  N  N   . GLN A 1 67  ? 0.532   5.879   1.067   1.00 32.82  ? 67  GLN A N   1 
ATOM   455  C  CA  . GLN A 1 67  ? 1.758   5.338   0.518   1.00 33.18  ? 67  GLN A CA  1 
ATOM   456  C  C   . GLN A 1 67  ? 3.005   5.732   1.324   1.00 33.40  ? 67  GLN A C   1 
ATOM   457  O  O   . GLN A 1 67  ? 3.915   4.904   1.524   1.00 33.62  ? 67  GLN A O   1 
ATOM   458  C  CB  . GLN A 1 67  ? 1.891   5.781   -0.916  1.00 33.16  ? 67  GLN A CB  1 
ATOM   459  C  CG  . GLN A 1 67  ? 0.795   5.192   -1.736  1.00 33.83  ? 67  GLN A CG  1 
ATOM   460  C  CD  . GLN A 1 67  ? 0.979   5.410   -3.183  1.00 34.19  ? 67  GLN A CD  1 
ATOM   461  O  OE1 . GLN A 1 67  ? 0.836   4.479   -3.950  1.00 32.52  ? 67  GLN A OE1 1 
ATOM   462  N  NE2 . GLN A 1 67  ? 1.309   6.652   -3.585  1.00 36.90  ? 67  GLN A NE2 1 
ATOM   463  N  N   . ASN A 1 68  ? 3.045   6.982   1.791   1.00 32.94  ? 68  ASN A N   1 
ATOM   464  C  CA  . ASN A 1 68  ? 4.140   7.435   2.643   1.00 32.66  ? 68  ASN A CA  1 
ATOM   465  C  C   . ASN A 1 68  ? 4.161   6.674   3.993   1.00 31.69  ? 68  ASN A C   1 
ATOM   466  O  O   . ASN A 1 68  ? 5.212   6.261   4.495   1.00 32.15  ? 68  ASN A O   1 
ATOM   467  C  CB  . ASN A 1 68  ? 4.068   8.951   2.865   1.00 33.02  ? 68  ASN A CB  1 
ATOM   468  C  CG  . ASN A 1 68  ? 4.100   9.762   1.541   1.00 34.90  ? 68  ASN A CG  1 
ATOM   469  O  OD1 . ASN A 1 68  ? 4.933   9.523   0.640   1.00 35.67  ? 68  ASN A OD1 1 
ATOM   470  N  ND2 . ASN A 1 68  ? 3.180   10.735  1.436   1.00 35.95  ? 68  ASN A ND2 1 
ATOM   471  N  N   . VAL A 1 69  ? 3.006   6.443   4.576   1.00 30.16  ? 69  VAL A N   1 
ATOM   472  C  CA  . VAL A 1 69  ? 2.980   5.694   5.824   1.00 29.20  ? 69  VAL A CA  1 
ATOM   473  C  C   . VAL A 1 69  ? 3.659   4.308   5.647   1.00 29.14  ? 69  VAL A C   1 
ATOM   474  O  O   . VAL A 1 69  ? 4.203   3.748   6.599   1.00 28.76  ? 69  VAL A O   1 
ATOM   475  C  CB  . VAL A 1 69  ? 1.507   5.547   6.386   1.00 28.90  ? 69  VAL A CB  1 
ATOM   476  C  CG1 . VAL A 1 69  ? 1.476   4.633   7.595   1.00 26.85  ? 69  VAL A CG1 1 
ATOM   477  C  CG2 . VAL A 1 69  ? 0.882   6.926   6.695   1.00 26.41  ? 69  VAL A CG2 1 
ATOM   478  N  N   . PHE A 1 70  ? 3.628   3.760   4.434   1.00 28.89  ? 70  PHE A N   1 
ATOM   479  C  CA  . PHE A 1 70  ? 4.162   2.434   4.222   1.00 28.58  ? 70  PHE A CA  1 
ATOM   480  C  C   . PHE A 1 70  ? 5.653   2.538   4.338   1.00 29.76  ? 70  PHE A C   1 
ATOM   481  O  O   . PHE A 1 70  ? 6.307   1.688   4.946   1.00 29.92  ? 70  PHE A O   1 
ATOM   482  C  CB  . PHE A 1 70  ? 3.764   1.900   2.854   1.00 27.82  ? 70  PHE A CB  1 
ATOM   483  C  CG  . PHE A 1 70  ? 4.422   0.612   2.491   1.00 24.83  ? 70  PHE A CG  1 
ATOM   484  C  CD1 . PHE A 1 70  ? 4.103   -0.559  3.161   1.00 24.35  ? 70  PHE A CD1 1 
ATOM   485  C  CD2 . PHE A 1 70  ? 5.367   0.565   1.483   1.00 22.36  ? 70  PHE A CD2 1 
ATOM   486  C  CE1 . PHE A 1 70  ? 4.706   -1.752  2.825   1.00 22.98  ? 70  PHE A CE1 1 
ATOM   487  C  CE2 . PHE A 1 70  ? 5.959   -0.618  1.132   1.00 20.79  ? 70  PHE A CE2 1 
ATOM   488  C  CZ  . PHE A 1 70  ? 5.647   -1.770  1.792   1.00 21.23  ? 70  PHE A CZ  1 
ATOM   489  N  N   . PHE A 1 71  ? 6.179   3.612   3.775   1.00 30.99  ? 71  PHE A N   1 
ATOM   490  C  CA  . PHE A 1 71  ? 7.613   3.814   3.692   1.00 32.45  ? 71  PHE A CA  1 
ATOM   491  C  C   . PHE A 1 71  ? 8.244   4.147   5.031   1.00 33.56  ? 71  PHE A C   1 
ATOM   492  O  O   . PHE A 1 71  ? 9.291   3.608   5.422   1.00 33.26  ? 71  PHE A O   1 
ATOM   493  C  CB  . PHE A 1 71  ? 7.880   4.941   2.733   1.00 32.35  ? 71  PHE A CB  1 
ATOM   494  C  CG  . PHE A 1 71  ? 7.591   4.593   1.320   1.00 34.86  ? 71  PHE A CG  1 
ATOM   495  C  CD1 . PHE A 1 71  ? 8.086   3.420   0.760   1.00 38.74  ? 71  PHE A CD1 1 
ATOM   496  C  CD2 . PHE A 1 71  ? 6.835   5.423   0.530   1.00 36.72  ? 71  PHE A CD2 1 
ATOM   497  C  CE1 . PHE A 1 71  ? 7.833   3.096   -0.591  1.00 39.17  ? 71  PHE A CE1 1 
ATOM   498  C  CE2 . PHE A 1 71  ? 6.584   5.094   -0.814  1.00 38.18  ? 71  PHE A CE2 1 
ATOM   499  C  CZ  . PHE A 1 71  ? 7.085   3.935   -1.368  1.00 37.17  ? 71  PHE A CZ  1 
ATOM   500  N  N   . ASP A 1 72  ? 7.596   5.054   5.727   1.00 35.13  ? 72  ASP A N   1 
ATOM   501  C  CA  . ASP A 1 72  ? 7.878   5.268   7.121   1.00 37.01  ? 72  ASP A CA  1 
ATOM   502  C  C   . ASP A 1 72  ? 7.961   3.976   7.954   1.00 37.67  ? 72  ASP A C   1 
ATOM   503  O  O   . ASP A 1 72  ? 8.865   3.806   8.767   1.00 38.39  ? 72  ASP A O   1 
ATOM   504  C  CB  . ASP A 1 72  ? 6.796   6.179   7.698   1.00 37.92  ? 72  ASP A CB  1 
ATOM   505  C  CG  . ASP A 1 72  ? 7.000   7.637   7.318   1.00 40.25  ? 72  ASP A CG  1 
ATOM   506  O  OD1 . ASP A 1 72  ? 7.786   7.909   6.374   1.00 42.98  ? 72  ASP A OD1 1 
ATOM   507  O  OD2 . ASP A 1 72  ? 6.390   8.509   7.984   1.00 43.90  ? 72  ASP A OD2 1 
ATOM   508  N  N   . GLU A 1 73  ? 7.022   3.071   7.785   1.00 38.41  ? 73  GLU A N   1 
ATOM   509  C  CA  . GLU A 1 73  ? 7.073   1.868   8.572   1.00 39.40  ? 73  GLU A CA  1 
ATOM   510  C  C   . GLU A 1 73  ? 8.194   0.959   8.077   1.00 39.65  ? 73  GLU A C   1 
ATOM   511  O  O   . GLU A 1 73  ? 8.766   0.211   8.863   1.00 39.40  ? 73  GLU A O   1 
ATOM   512  C  CB  . GLU A 1 73  ? 5.738   1.146   8.512   1.00 40.10  ? 73  GLU A CB  1 
ATOM   513  C  CG  . GLU A 1 73  ? 5.455   0.355   9.769   1.00 42.93  ? 73  GLU A CG  1 
ATOM   514  C  CD  . GLU A 1 73  ? 4.983   1.248   10.915  1.00 47.14  ? 73  GLU A CD  1 
ATOM   515  O  OE1 . GLU A 1 73  ? 4.816   2.474   10.674  1.00 49.79  ? 73  GLU A OE1 1 
ATOM   516  O  OE2 . GLU A 1 73  ? 4.761   0.730   12.049  1.00 49.26  ? 73  GLU A OE2 1 
HETATM 517  N  N   . MSE A 1 74  ? 8.483   1.006   6.773   1.00 40.02  ? 74  MSE A N   1 
HETATM 518  C  CA  . MSE A 1 74  ? 9.575   0.237   6.190   1.00 40.38  ? 74  MSE A CA  1 
HETATM 519  C  C   . MSE A 1 74  ? 10.904  0.670   6.744   1.00 39.96  ? 74  MSE A C   1 
HETATM 520  O  O   . MSE A 1 74  ? 11.732  -0.157  7.151   1.00 39.35  ? 74  MSE A O   1 
HETATM 521  C  CB  . MSE A 1 74  ? 9.604   0.423   4.688   1.00 41.01  ? 74  MSE A CB  1 
HETATM 522  C  CG  . MSE A 1 74  ? 8.673   -0.486  3.984   1.00 43.60  ? 74  MSE A CG  1 
HETATM 523  SE SE  . MSE A 1 74  ? 9.032   -2.377  4.452   0.95 51.56  ? 74  MSE A SE  1 
HETATM 524  C  CE  . MSE A 1 74  ? 9.901   -3.040  2.821   1.00 49.22  ? 74  MSE A CE  1 
ATOM   525  N  N   . ASP A 1 75  ? 11.096  1.981   6.749   1.00 39.68  ? 75  ASP A N   1 
ATOM   526  C  CA  . ASP A 1 75  ? 12.217  2.591   7.453   1.00 39.83  ? 75  ASP A CA  1 
ATOM   527  C  C   . ASP A 1 75  ? 12.357  2.099   8.895   1.00 39.75  ? 75  ASP A C   1 
ATOM   528  O  O   . ASP A 1 75  ? 13.474  1.816   9.308   1.00 40.22  ? 75  ASP A O   1 
ATOM   529  C  CB  . ASP A 1 75  ? 12.112  4.122   7.448   1.00 39.85  ? 75  ASP A CB  1 
ATOM   530  C  CG  . ASP A 1 75  ? 12.436  4.751   6.076   1.00 40.65  ? 75  ASP A CG  1 
ATOM   531  O  OD1 . ASP A 1 75  ? 12.759  4.023   5.097   1.00 43.68  ? 75  ASP A OD1 1 
ATOM   532  O  OD2 . ASP A 1 75  ? 12.371  5.998   5.977   1.00 40.12  ? 75  ASP A OD2 1 
ATOM   533  N  N   . LYS A 1 76  ? 11.262  2.002   9.661   1.00 39.55  ? 76  LYS A N   1 
ATOM   534  C  CA  . LYS A 1 76  ? 11.352  1.450   11.030  1.00 39.82  ? 76  LYS A CA  1 
ATOM   535  C  C   . LYS A 1 76  ? 11.920  0.032   10.969  1.00 40.12  ? 76  LYS A C   1 
ATOM   536  O  O   . LYS A 1 76  ? 12.984  -0.245  11.491  1.00 40.28  ? 76  LYS A O   1 
ATOM   537  C  CB  . LYS A 1 76  ? 10.004  1.449   11.764  1.00 39.80  ? 76  LYS A CB  1 
ATOM   538  C  CG  . LYS A 1 76  ? 9.626   2.764   12.449  1.00 40.57  ? 76  LYS A CG  1 
ATOM   539  C  CD  . LYS A 1 76  ? 10.097  2.851   13.957  1.00 42.30  ? 76  LYS A CD  1 
ATOM   540  C  CE  . LYS A 1 76  ? 10.465  4.326   14.439  1.00 42.04  ? 76  LYS A CE  1 
ATOM   541  N  NZ  . LYS A 1 76  ? 9.922   4.679   15.800  1.00 40.68  ? 76  LYS A NZ  1 
ATOM   542  N  N   . ILE A 1 77  ? 11.236  -0.851  10.263  1.00 40.90  ? 77  ILE A N   1 
ATOM   543  C  CA  . ILE A 1 77  ? 11.685  -2.241  10.131  1.00 41.28  ? 77  ILE A CA  1 
ATOM   544  C  C   . ILE A 1 77  ? 13.150  -2.322  9.739   1.00 41.08  ? 77  ILE A C   1 
ATOM   545  O  O   . ILE A 1 77  ? 13.886  -3.144  10.273  1.00 40.73  ? 77  ILE A O   1 
ATOM   546  C  CB  . ILE A 1 77  ? 10.916  -3.008  9.037   1.00 41.45  ? 77  ILE A CB  1 
ATOM   547  C  CG1 . ILE A 1 77  ? 9.416   -2.986  9.311   1.00 42.49  ? 77  ILE A CG1 1 
ATOM   548  C  CG2 . ILE A 1 77  ? 11.426  -4.466  8.947   1.00 40.79  ? 77  ILE A CG2 1 
ATOM   549  C  CD1 . ILE A 1 77  ? 8.536   -3.470  8.079   1.00 45.23  ? 77  ILE A CD1 1 
ATOM   550  N  N   . LEU A 1 78  ? 13.537  -1.481  8.777   1.00 40.87  ? 78  LEU A N   1 
ATOM   551  C  CA  . LEU A 1 78  ? 14.852  -1.557  8.155   1.00 40.61  ? 78  LEU A CA  1 
ATOM   552  C  C   . LEU A 1 78  ? 15.961  -1.034  9.062   1.00 40.76  ? 78  LEU A C   1 
ATOM   553  O  O   . LEU A 1 78  ? 17.143  -1.420  8.917   1.00 40.60  ? 78  LEU A O   1 
ATOM   554  C  CB  . LEU A 1 78  ? 14.858  -0.778  6.846   1.00 40.34  ? 78  LEU A CB  1 
ATOM   555  C  CG  . LEU A 1 78  ? 14.199  -1.445  5.656   1.00 39.25  ? 78  LEU A CG  1 
ATOM   556  C  CD1 . LEU A 1 78  ? 14.254  -0.457  4.498   1.00 39.44  ? 78  LEU A CD1 1 
ATOM   557  C  CD2 . LEU A 1 78  ? 14.868  -2.755  5.313   1.00 35.83  ? 78  LEU A CD2 1 
ATOM   558  N  N   . ASN A 1 79  ? 15.575  -0.149  9.979   1.00 40.67  ? 79  ASN A N   1 
ATOM   559  C  CA  . ASN A 1 79  ? 16.500  0.405   10.946  1.00 41.16  ? 79  ASN A CA  1 
ATOM   560  C  C   . ASN A 1 79  ? 16.281  -0.274  12.299  1.00 40.96  ? 79  ASN A C   1 
ATOM   561  O  O   . ASN A 1 79  ? 16.656  0.250   13.318  1.00 41.01  ? 79  ASN A O   1 
ATOM   562  C  CB  . ASN A 1 79  ? 16.337  1.939   11.055  1.00 41.36  ? 79  ASN A CB  1 
ATOM   563  C  CG  . ASN A 1 79  ? 16.458  2.690   9.679   1.00 41.92  ? 79  ASN A CG  1 
ATOM   564  O  OD1 . ASN A 1 79  ? 16.452  3.934   9.663   1.00 42.01  ? 79  ASN A OD1 1 
ATOM   565  N  ND2 . ASN A 1 79  ? 16.558  1.948   8.546   1.00 38.81  ? 79  ASN A ND2 1 
ATOM   566  N  N   . SER A 1 80  ? 15.670  -1.452  12.291  1.00 41.25  ? 80  SER A N   1 
ATOM   567  C  CA  . SER A 1 80  ? 15.405  -2.221  13.512  1.00 41.36  ? 80  SER A CA  1 
ATOM   568  C  C   . SER A 1 80  ? 16.436  -3.328  13.656  1.00 41.60  ? 80  SER A C   1 
ATOM   569  O  O   . SER A 1 80  ? 16.444  -4.047  14.651  1.00 41.53  ? 80  SER A O   1 
ATOM   570  C  CB  . SER A 1 80  ? 13.975  -2.829  13.495  1.00 41.44  ? 80  SER A CB  1 
ATOM   571  O  OG  . SER A 1 80  ? 13.848  -4.032  12.721  1.00 40.94  ? 80  SER A OG  1 
ATOM   572  N  N   . GLY A 1 81  ? 17.286  -3.476  12.641  1.00 41.97  ? 81  GLY A N   1 
ATOM   573  C  CA  . GLY A 1 81  ? 18.339  -4.497  12.625  1.00 42.08  ? 81  GLY A CA  1 
ATOM   574  C  C   . GLY A 1 81  ? 17.936  -5.898  13.052  1.00 42.07  ? 81  GLY A C   1 
ATOM   575  O  O   . GLY A 1 81  ? 18.494  -6.431  13.993  1.00 42.12  ? 81  GLY A O   1 
ATOM   576  N  N   . ILE A 1 82  ? 16.951  -6.475  12.373  1.00 42.32  ? 82  ILE A N   1 
ATOM   577  C  CA  . ILE A 1 82  ? 16.695  -7.922  12.404  1.00 42.38  ? 82  ILE A CA  1 
ATOM   578  C  C   . ILE A 1 82  ? 17.358  -8.518  11.141  1.00 42.66  ? 82  ILE A C   1 
ATOM   579  O  O   . ILE A 1 82  ? 18.006  -7.778  10.394  1.00 42.70  ? 82  ILE A O   1 
ATOM   580  C  CB  . ILE A 1 82  ? 15.186  -8.193  12.541  1.00 42.46  ? 82  ILE A CB  1 
ATOM   581  C  CG1 . ILE A 1 82  ? 14.387  -7.638  11.327  1.00 42.65  ? 82  ILE A CG1 1 
ATOM   582  C  CG2 . ILE A 1 82  ? 14.716  -7.568  13.857  1.00 42.08  ? 82  ILE A CG2 1 
ATOM   583  C  CD1 . ILE A 1 82  ? 12.837  -7.993  11.248  1.00 41.69  ? 82  ILE A CD1 1 
ATOM   584  N  N   . ASP A 1 83  ? 17.260  -9.818  10.887  1.00 42.96  ? 83  ASP A N   1 
ATOM   585  C  CA  . ASP A 1 83  ? 18.032  -10.370 9.760   1.00 43.67  ? 83  ASP A CA  1 
ATOM   586  C  C   . ASP A 1 83  ? 17.321  -10.170 8.400   1.00 43.98  ? 83  ASP A C   1 
ATOM   587  O  O   . ASP A 1 83  ? 16.215  -9.617  8.356   1.00 44.16  ? 83  ASP A O   1 
ATOM   588  C  CB  . ASP A 1 83  ? 18.478  -11.818 10.044  1.00 43.77  ? 83  ASP A CB  1 
ATOM   589  C  CG  . ASP A 1 83  ? 17.423  -12.872 9.706   1.00 45.90  ? 83  ASP A CG  1 
ATOM   590  O  OD1 . ASP A 1 83  ? 17.669  -14.064 10.048  1.00 46.84  ? 83  ASP A OD1 1 
ATOM   591  O  OD2 . ASP A 1 83  ? 16.375  -12.541 9.091   1.00 48.63  ? 83  ASP A OD2 1 
ATOM   592  N  N   . ALA A 1 84  ? 17.961  -10.574 7.295   1.00 44.17  ? 84  ALA A N   1 
ATOM   593  C  CA  . ALA A 1 84  ? 17.371  -10.396 5.945   1.00 44.13  ? 84  ALA A CA  1 
ATOM   594  C  C   . ALA A 1 84  ? 16.013  -11.055 5.864   1.00 44.48  ? 84  ALA A C   1 
ATOM   595  O  O   . ALA A 1 84  ? 15.046  -10.438 5.408   1.00 44.42  ? 84  ALA A O   1 
ATOM   596  C  CB  . ALA A 1 84  ? 18.272  -10.960 4.868   1.00 43.78  ? 84  ALA A CB  1 
ATOM   597  N  N   . THR A 1 85  ? 15.953  -12.309 6.316   1.00 44.82  ? 85  THR A N   1 
ATOM   598  C  CA  . THR A 1 85  ? 14.698  -13.087 6.367   1.00 44.98  ? 85  THR A CA  1 
ATOM   599  C  C   . THR A 1 85  ? 13.579  -12.384 7.199   1.00 45.41  ? 85  THR A C   1 
ATOM   600  O  O   . THR A 1 85  ? 12.495  -12.091 6.671   1.00 45.30  ? 85  THR A O   1 
ATOM   601  C  CB  . THR A 1 85  ? 14.994  -14.514 6.886   1.00 44.87  ? 85  THR A CB  1 
ATOM   602  O  OG1 . THR A 1 85  ? 16.150  -15.019 6.204   1.00 44.40  ? 85  THR A OG1 1 
ATOM   603  C  CG2 . THR A 1 85  ? 13.834  -15.453 6.657   1.00 43.64  ? 85  THR A CG2 1 
ATOM   604  N  N   . ALA A 1 86  ? 13.854  -12.067 8.464   1.00 45.76  ? 86  ALA A N   1 
ATOM   605  C  CA  . ALA A 1 86  ? 12.859  -11.402 9.313   1.00 46.27  ? 86  ALA A CA  1 
ATOM   606  C  C   . ALA A 1 86  ? 12.340  -10.118 8.688   1.00 47.14  ? 86  ALA A C   1 
ATOM   607  O  O   . ALA A 1 86  ? 11.185  -9.767  8.901   1.00 48.01  ? 86  ALA A O   1 
ATOM   608  C  CB  . ALA A 1 86  ? 13.427  -11.105 10.676  1.00 45.96  ? 86  ALA A CB  1 
ATOM   609  N  N   . LEU A 1 87  ? 13.201  -9.405  7.953   1.00 47.76  ? 87  LEU A N   1 
ATOM   610  C  CA  . LEU A 1 87  ? 12.816  -8.139  7.301   1.00 47.97  ? 87  LEU A CA  1 
ATOM   611  C  C   . LEU A 1 87  ? 11.857  -8.455  6.151   1.00 48.74  ? 87  LEU A C   1 
ATOM   612  O  O   . LEU A 1 87  ? 10.774  -7.855  6.018   1.00 48.68  ? 87  LEU A O   1 
ATOM   613  C  CB  . LEU A 1 87  ? 14.046  -7.376  6.767   1.00 47.52  ? 87  LEU A CB  1 
ATOM   614  C  CG  . LEU A 1 87  ? 14.914  -6.629  7.781   1.00 46.29  ? 87  LEU A CG  1 
ATOM   615  C  CD1 . LEU A 1 87  ? 16.305  -6.444  7.239   1.00 45.22  ? 87  LEU A CD1 1 
ATOM   616  C  CD2 . LEU A 1 87  ? 14.294  -5.296  8.152   1.00 44.52  ? 87  LEU A CD2 1 
ATOM   617  N  N   . LEU A 1 88  ? 12.262  -9.423  5.337   1.00 49.18  ? 88  LEU A N   1 
ATOM   618  C  CA  . LEU A 1 88  ? 11.496  -9.791  4.177   1.00 49.44  ? 88  LEU A CA  1 
ATOM   619  C  C   . LEU A 1 88  ? 10.070  -10.157 4.592   1.00 50.01  ? 88  LEU A C   1 
ATOM   620  O  O   . LEU A 1 88  ? 9.086   -9.750  3.949   1.00 50.54  ? 88  LEU A O   1 
ATOM   621  C  CB  . LEU A 1 88  ? 12.149  -10.964 3.492   1.00 49.37  ? 88  LEU A CB  1 
ATOM   622  C  CG  . LEU A 1 88  ? 12.195  -10.798 1.981   1.00 49.73  ? 88  LEU A CG  1 
ATOM   623  C  CD1 . LEU A 1 88  ? 13.468  -10.079 1.558   1.00 48.87  ? 88  LEU A CD1 1 
ATOM   624  C  CD2 . LEU A 1 88  ? 12.104  -12.166 1.307   1.00 50.55  ? 88  LEU A CD2 1 
ATOM   625  N  N   . LYS A 1 89  ? 9.954   -10.909 5.683   1.00 49.84  ? 89  LYS A N   1 
ATOM   626  C  CA  . LYS A 1 89  ? 8.654   -11.337 6.158   1.00 49.50  ? 89  LYS A CA  1 
ATOM   627  C  C   . LYS A 1 89  ? 7.900   -10.148 6.714   1.00 49.37  ? 89  LYS A C   1 
ATOM   628  O  O   . LYS A 1 89  ? 6.712   -9.962  6.445   1.00 49.21  ? 89  LYS A O   1 
ATOM   629  C  CB  . LYS A 1 89  ? 8.816   -12.397 7.234   1.00 49.63  ? 89  LYS A CB  1 
ATOM   630  C  CG  . LYS A 1 89  ? 9.393   -13.716 6.737   1.00 50.21  ? 89  LYS A CG  1 
ATOM   631  C  CD  . LYS A 1 89  ? 9.566   -14.668 7.903   1.00 51.58  ? 89  LYS A CD  1 
ATOM   632  C  CE  . LYS A 1 89  ? 9.906   -16.095 7.486   1.00 53.34  ? 89  LYS A CE  1 
ATOM   633  N  NZ  . LYS A 1 89  ? 9.746   -17.070 8.659   1.00 55.18  ? 89  LYS A NZ  1 
ATOM   634  N  N   . LYS A 1 90  ? 8.597   -9.331  7.485   1.00 49.28  ? 90  LYS A N   1 
ATOM   635  C  CA  . LYS A 1 90  ? 7.964   -8.172  8.091   1.00 49.78  ? 90  LYS A CA  1 
ATOM   636  C  C   . LYS A 1 90  ? 7.434   -7.249  6.985   1.00 49.03  ? 90  LYS A C   1 
ATOM   637  O  O   . LYS A 1 90  ? 6.425   -6.556  7.148   1.00 48.97  ? 90  LYS A O   1 
ATOM   638  C  CB  . LYS A 1 90  ? 8.955   -7.425  9.003   1.00 50.44  ? 90  LYS A CB  1 
ATOM   639  C  CG  . LYS A 1 90  ? 8.347   -6.965  10.339  1.00 53.15  ? 90  LYS A CG  1 
ATOM   640  C  CD  . LYS A 1 90  ? 8.481   -8.026  11.458  1.00 56.78  ? 90  LYS A CD  1 
ATOM   641  C  CE  . LYS A 1 90  ? 7.229   -8.077  12.396  1.00 58.81  ? 90  LYS A CE  1 
ATOM   642  N  NZ  . LYS A 1 90  ? 7.214   -7.039  13.494  1.00 59.66  ? 90  LYS A NZ  1 
ATOM   643  N  N   . TYR A 1 91  ? 8.122   -7.274  5.854   1.00 48.04  ? 91  TYR A N   1 
ATOM   644  C  CA  . TYR A 1 91  ? 7.738   -6.494  4.691   1.00 47.62  ? 91  TYR A CA  1 
ATOM   645  C  C   . TYR A 1 91  ? 6.454   -6.993  4.081   1.00 46.79  ? 91  TYR A C   1 
ATOM   646  O  O   . TYR A 1 91  ? 5.538   -6.226  3.779   1.00 45.81  ? 91  TYR A O   1 
ATOM   647  C  CB  . TYR A 1 91  ? 8.860   -6.547  3.632   1.00 48.00  ? 91  TYR A CB  1 
ATOM   648  C  CG  . TYR A 1 91  ? 8.378   -6.450  2.208   1.00 47.88  ? 91  TYR A CG  1 
ATOM   649  C  CD1 . TYR A 1 91  ? 7.756   -5.293  1.736   1.00 49.29  ? 91  TYR A CD1 1 
ATOM   650  C  CD2 . TYR A 1 91  ? 8.534   -7.507  1.345   1.00 46.75  ? 91  TYR A CD2 1 
ATOM   651  C  CE1 . TYR A 1 91  ? 7.305   -5.198  0.435   1.00 48.95  ? 91  TYR A CE1 1 
ATOM   652  C  CE2 . TYR A 1 91  ? 8.102   -7.436  0.047   1.00 47.82  ? 91  TYR A CE2 1 
ATOM   653  C  CZ  . TYR A 1 91  ? 7.477   -6.284  -0.420  1.00 49.35  ? 91  TYR A CZ  1 
ATOM   654  O  OH  . TYR A 1 91  ? 7.029   -6.228  -1.742  1.00 47.65  ? 91  TYR A OH  1 
ATOM   655  N  N   . VAL A 1 92  ? 6.417   -8.296  3.868   1.00 46.31  ? 92  VAL A N   1 
ATOM   656  C  CA  . VAL A 1 92  ? 5.232   -8.896  3.318   1.00 46.04  ? 92  VAL A CA  1 
ATOM   657  C  C   . VAL A 1 92  ? 4.020   -8.510  4.173   1.00 45.80  ? 92  VAL A C   1 
ATOM   658  O  O   . VAL A 1 92  ? 3.002   -8.076  3.626   1.00 45.47  ? 92  VAL A O   1 
ATOM   659  C  CB  . VAL A 1 92  ? 5.320   -10.420 3.222   1.00 45.74  ? 92  VAL A CB  1 
ATOM   660  C  CG1 . VAL A 1 92  ? 4.115   -10.941 2.489   1.00 45.89  ? 92  VAL A CG1 1 
ATOM   661  C  CG2 . VAL A 1 92  ? 6.553   -10.841 2.491   1.00 45.34  ? 92  VAL A CG2 1 
ATOM   662  N  N   . LYS A 1 93  ? 4.139   -8.632  5.499   1.00 45.57  ? 93  LYS A N   1 
ATOM   663  C  CA  . LYS A 1 93  ? 3.035   -8.256  6.395   1.00 45.65  ? 93  LYS A CA  1 
ATOM   664  C  C   . LYS A 1 93  ? 2.649   -6.810  6.161   1.00 45.23  ? 93  LYS A C   1 
ATOM   665  O  O   . LYS A 1 93  ? 1.469   -6.459  6.141   1.00 44.97  ? 93  LYS A O   1 
ATOM   666  C  CB  . LYS A 1 93  ? 3.402   -8.461  7.861   1.00 45.93  ? 93  LYS A CB  1 
ATOM   667  C  CG  . LYS A 1 93  ? 3.602   -9.968  8.290   1.00 48.80  ? 93  LYS A CG  1 
ATOM   668  C  CD  . LYS A 1 93  ? 4.010   -10.216 9.807   1.00 50.99  ? 93  LYS A CD  1 
ATOM   669  C  CE  . LYS A 1 93  ? 4.160   -11.742 10.137  1.00 51.82  ? 93  LYS A CE  1 
ATOM   670  N  NZ  . LYS A 1 93  ? 4.570   -12.042 11.559  1.00 52.50  ? 93  LYS A NZ  1 
ATOM   671  N  N   . LEU A 1 94  ? 3.649   -5.966  5.979   1.00 44.80  ? 94  LEU A N   1 
ATOM   672  C  CA  . LEU A 1 94  ? 3.384   -4.567  5.934   1.00 44.57  ? 94  LEU A CA  1 
ATOM   673  C  C   . LEU A 1 94  ? 2.746   -4.290  4.592   1.00 44.41  ? 94  LEU A C   1 
ATOM   674  O  O   . LEU A 1 94  ? 1.774   -3.528  4.501   1.00 46.13  ? 94  LEU A O   1 
ATOM   675  C  CB  . LEU A 1 94  ? 4.662   -3.792  6.098   1.00 44.56  ? 94  LEU A CB  1 
ATOM   676  C  CG  . LEU A 1 94  ? 4.471   -2.319  6.414   1.00 46.41  ? 94  LEU A CG  1 
ATOM   677  C  CD1 . LEU A 1 94  ? 3.743   -2.226  7.714   1.00 46.53  ? 94  LEU A CD1 1 
ATOM   678  C  CD2 . LEU A 1 94  ? 5.834   -1.512  6.477   1.00 47.27  ? 94  LEU A CD2 1 
ATOM   679  N  N   . ARG A 1 95  ? 3.282   -4.892  3.535   1.00 42.47  ? 95  ARG A N   1 
ATOM   680  C  CA  . ARG A 1 95  ? 2.726   -4.703  2.199   1.00 40.37  ? 95  ARG A CA  1 
ATOM   681  C  C   . ARG A 1 95  ? 1.261   -5.128  2.175   1.00 39.30  ? 95  ARG A C   1 
ATOM   682  O  O   . ARG A 1 95  ? 0.413   -4.462  1.582   1.00 38.89  ? 95  ARG A O   1 
ATOM   683  C  CB  . ARG A 1 95  ? 3.524   -5.502  1.166   1.00 40.41  ? 95  ARG A CB  1 
ATOM   684  C  CG  . ARG A 1 95  ? 3.168   -5.182  -0.275  1.00 38.72  ? 95  ARG A CG  1 
ATOM   685  C  CD  . ARG A 1 95  ? 3.020   -3.685  -0.490  1.00 39.02  ? 95  ARG A CD  1 
ATOM   686  N  NE  . ARG A 1 95  ? 2.771   -3.353  -1.889  1.00 38.15  ? 95  ARG A NE  1 
ATOM   687  C  CZ  . ARG A 1 95  ? 1.575   -3.049  -2.383  1.00 37.88  ? 95  ARG A CZ  1 
ATOM   688  N  NH1 . ARG A 1 95  ? 1.441   -2.761  -3.671  1.00 37.81  ? 95  ARG A NH1 1 
ATOM   689  N  NH2 . ARG A 1 95  ? 0.513   -3.032  -1.590  1.00 37.06  ? 95  ARG A NH2 1 
ATOM   690  N  N   . SER A 1 96  ? 0.982   -6.247  2.834   1.00 38.03  ? 96  SER A N   1 
ATOM   691  C  CA  . SER A 1 96  ? -0.374  -6.788  2.956   1.00 37.23  ? 96  SER A CA  1 
ATOM   692  C  C   . SER A 1 96  ? -1.321  -5.797  3.618   1.00 36.66  ? 96  SER A C   1 
ATOM   693  O  O   . SER A 1 96  ? -2.419  -5.573  3.162   1.00 36.06  ? 96  SER A O   1 
ATOM   694  C  CB  . SER A 1 96  ? -0.293  -8.055  3.804   1.00 37.07  ? 96  SER A CB  1 
ATOM   695  O  OG  . SER A 1 96  ? -1.390  -8.887  3.637   1.00 38.32  ? 96  SER A OG  1 
ATOM   696  N  N   . LEU A 1 97  ? -0.869  -5.184  4.694   1.00 36.75  ? 97  LEU A N   1 
ATOM   697  C  CA  . LEU A 1 97  ? -1.695  -4.292  5.455   1.00 36.86  ? 97  LEU A CA  1 
ATOM   698  C  C   . LEU A 1 97  ? -1.956  -3.008  4.690   1.00 36.71  ? 97  LEU A C   1 
ATOM   699  O  O   . LEU A 1 97  ? -3.010  -2.391  4.795   1.00 36.82  ? 97  LEU A O   1 
ATOM   700  C  CB  . LEU A 1 97  ? -0.958  -3.958  6.727   1.00 37.32  ? 97  LEU A CB  1 
ATOM   701  C  CG  . LEU A 1 97  ? -1.779  -3.142  7.711   1.00 38.47  ? 97  LEU A CG  1 
ATOM   702  C  CD1 . LEU A 1 97  ? -2.871  -4.059  8.204   1.00 37.39  ? 97  LEU A CD1 1 
ATOM   703  C  CD2 . LEU A 1 97  ? -0.890  -2.579  8.846   1.00 38.95  ? 97  LEU A CD2 1 
ATOM   704  N  N   . HIS A 1 98  ? -0.970  -2.580  3.926   1.00 36.49  ? 98  HIS A N   1 
ATOM   705  C  CA  . HIS A 1 98  ? -1.160  -1.435  3.035   1.00 36.35  ? 98  HIS A CA  1 
ATOM   706  C  C   . HIS A 1 98  ? -2.324  -1.706  2.091   1.00 35.97  ? 98  HIS A C   1 
ATOM   707  O  O   . HIS A 1 98  ? -3.235  -0.881  1.924   1.00 36.36  ? 98  HIS A O   1 
ATOM   708  C  CB  . HIS A 1 98  ? 0.129   -1.167  2.245   1.00 36.41  ? 98  HIS A CB  1 
ATOM   709  C  CG  . HIS A 1 98  ? 0.091   0.045   1.354   1.00 36.48  ? 98  HIS A CG  1 
ATOM   710  N  ND1 . HIS A 1 98  ? -0.177  1.312   1.824   1.00 35.19  ? 98  HIS A ND1 1 
ATOM   711  C  CD2 . HIS A 1 98  ? 0.373   0.184   0.033   1.00 36.33  ? 98  HIS A CD2 1 
ATOM   712  C  CE1 . HIS A 1 98  ? -0.105  2.169   0.819   1.00 35.74  ? 98  HIS A CE1 1 
ATOM   713  N  NE2 . HIS A 1 98  ? 0.227   1.510   -0.278  1.00 35.04  ? 98  HIS A NE2 1 
ATOM   714  N  N   . PHE A 1 99  ? -2.289  -2.874  1.474   1.00 35.17  ? 99  PHE A N   1 
ATOM   715  C  CA  . PHE A 1 99  ? -3.292  -3.220  0.499   1.00 34.58  ? 99  PHE A CA  1 
ATOM   716  C  C   . PHE A 1 99  ? -4.675  -3.109  1.130   1.00 34.64  ? 99  PHE A C   1 
ATOM   717  O  O   . PHE A 1 99  ? -5.623  -2.570  0.545   1.00 33.80  ? 99  PHE A O   1 
ATOM   718  C  CB  . PHE A 1 99  ? -3.032  -4.629  0.015   1.00 34.33  ? 99  PHE A CB  1 
ATOM   719  C  CG  . PHE A 1 99  ? -4.051  -5.121  -0.904  1.00 33.85  ? 99  PHE A CG  1 
ATOM   720  C  CD1 . PHE A 1 99  ? -4.413  -4.365  -2.002  1.00 33.57  ? 99  PHE A CD1 1 
ATOM   721  C  CD2 . PHE A 1 99  ? -4.673  -6.328  -0.677  1.00 35.65  ? 99  PHE A CD2 1 
ATOM   722  C  CE1 . PHE A 1 99  ? -5.375  -4.805  -2.878  1.00 34.58  ? 99  PHE A CE1 1 
ATOM   723  C  CE2 . PHE A 1 99  ? -5.649  -6.802  -1.564  1.00 36.74  ? 99  PHE A CE2 1 
ATOM   724  C  CZ  . PHE A 1 99  ? -5.995  -6.047  -2.674  1.00 35.94  ? 99  PHE A CZ  1 
ATOM   725  N  N   . ARG A 1 100 ? -4.741  -3.608  2.362   1.00 34.89  ? 100 ARG A N   1 
ATOM   726  C  CA  . ARG A 1 100 ? -5.916  -3.535  3.190   1.00 34.86  ? 100 ARG A CA  1 
ATOM   727  C  C   . ARG A 1 100 ? -6.385  -2.098  3.355   1.00 35.13  ? 100 ARG A C   1 
ATOM   728  O  O   . ARG A 1 100 ? -7.557  -1.816  3.103   1.00 34.94  ? 100 ARG A O   1 
ATOM   729  C  CB  . ARG A 1 100 ? -5.584  -4.115  4.537   1.00 35.06  ? 100 ARG A CB  1 
ATOM   730  C  CG  . ARG A 1 100 ? -6.777  -4.571  5.290   1.00 36.85  ? 100 ARG A CG  1 
ATOM   731  C  CD  . ARG A 1 100 ? -6.495  -4.483  6.771   1.00 39.89  ? 100 ARG A CD  1 
ATOM   732  N  NE  . ARG A 1 100 ? -7.490  -5.223  7.493   1.00 43.42  ? 100 ARG A NE  1 
ATOM   733  C  CZ  . ARG A 1 100 ? -7.517  -6.560  7.582   1.00 49.80  ? 100 ARG A CZ  1 
ATOM   734  N  NH1 . ARG A 1 100 ? -6.562  -7.314  6.997   1.00 51.58  ? 100 ARG A NH1 1 
ATOM   735  N  NH2 . ARG A 1 100 ? -8.502  -7.159  8.282   1.00 50.56  ? 100 ARG A NH2 1 
ATOM   736  N  N   . HIS A 1 101 ? -5.483  -1.184  3.747   1.00 35.06  ? 101 HIS A N   1 
ATOM   737  C  CA  . HIS A 1 101 ? -5.866  0.229   3.878   1.00 35.19  ? 101 HIS A CA  1 
ATOM   738  C  C   . HIS A 1 101 ? -6.506  0.766   2.626   1.00 34.12  ? 101 HIS A C   1 
ATOM   739  O  O   . HIS A 1 101 ? -7.583  1.347   2.712   1.00 34.03  ? 101 HIS A O   1 
ATOM   740  C  CB  . HIS A 1 101 ? -4.704  1.108   4.263   1.00 35.57  ? 101 HIS A CB  1 
ATOM   741  C  CG  . HIS A 1 101 ? -4.075  0.720   5.564   1.00 40.36  ? 101 HIS A CG  1 
ATOM   742  N  ND1 . HIS A 1 101 ? -4.798  0.162   6.602   1.00 44.19  ? 101 HIS A ND1 1 
ATOM   743  C  CD2 . HIS A 1 101 ? -2.791  0.803   5.998   1.00 43.61  ? 101 HIS A CD2 1 
ATOM   744  C  CE1 . HIS A 1 101 ? -3.984  -0.095  7.612   1.00 45.40  ? 101 HIS A CE1 1 
ATOM   745  N  NE2 . HIS A 1 101 ? -2.762  0.289   7.273   1.00 45.57  ? 101 HIS A NE2 1 
ATOM   746  N  N   . LEU A 1 102 ? -5.871  0.534   1.479   1.00 33.11  ? 102 LEU A N   1 
ATOM   747  C  CA  . LEU A 1 102 ? -6.345  1.058   0.206   1.00 32.47  ? 102 LEU A CA  1 
ATOM   748  C  C   . LEU A 1 102 ? -7.709  0.525   -0.195  1.00 32.66  ? 102 LEU A C   1 
ATOM   749  O  O   . LEU A 1 102 ? -8.548  1.292   -0.643  1.00 31.68  ? 102 LEU A O   1 
ATOM   750  C  CB  . LEU A 1 102 ? -5.329  0.773   -0.901  1.00 32.57  ? 102 LEU A CB  1 
ATOM   751  C  CG  . LEU A 1 102 ? -4.226  1.810   -1.287  1.00 31.75  ? 102 LEU A CG  1 
ATOM   752  C  CD1 . LEU A 1 102 ? -4.123  3.028   -0.391  1.00 29.70  ? 102 LEU A CD1 1 
ATOM   753  C  CD2 . LEU A 1 102 ? -2.909  1.091   -1.336  1.00 30.70  ? 102 LEU A CD2 1 
ATOM   754  N  N   . LEU A 1 103 ? -7.947  -0.772  -0.031  1.00 33.65  ? 103 LEU A N   1 
ATOM   755  C  CA  . LEU A 1 103 ? -9.246  -1.347  -0.383  1.00 33.89  ? 103 LEU A CA  1 
ATOM   756  C  C   . LEU A 1 103 ? -10.368 -0.755  0.474   1.00 34.55  ? 103 LEU A C   1 
ATOM   757  O  O   . LEU A 1 103 ? -11.501 -0.593  0.021   1.00 35.00  ? 103 LEU A O   1 
ATOM   758  C  CB  . LEU A 1 103 ? -9.217  -2.870  -0.233  1.00 34.24  ? 103 LEU A CB  1 
ATOM   759  C  CG  . LEU A 1 103 ? -8.925  -3.670  -1.504  1.00 35.49  ? 103 LEU A CG  1 
ATOM   760  C  CD1 . LEU A 1 103 ? -9.339  -2.887  -2.741  1.00 36.91  ? 103 LEU A CD1 1 
ATOM   761  C  CD2 . LEU A 1 103 ? -7.453  -4.049  -1.574  1.00 38.96  ? 103 LEU A CD2 1 
ATOM   762  N  N   . ASN A 1 104 ? -10.025 -0.439  1.717   1.00 35.10  ? 104 ASN A N   1 
ATOM   763  C  CA  . ASN A 1 104 ? -10.933 0.131   2.700   1.00 35.60  ? 104 ASN A CA  1 
ATOM   764  C  C   . ASN A 1 104 ? -11.234 1.605   2.392   1.00 34.93  ? 104 ASN A C   1 
ATOM   765  O  O   . ASN A 1 104 ? -12.331 2.047   2.609   1.00 34.35  ? 104 ASN A O   1 
ATOM   766  C  CB  . ASN A 1 104 ? -10.327 -0.156  4.102   1.00 36.26  ? 104 ASN A CB  1 
ATOM   767  C  CG  . ASN A 1 104 ? -11.027 0.570   5.272   1.00 38.97  ? 104 ASN A CG  1 
ATOM   768  O  OD1 . ASN A 1 104 ? -12.269 0.534   5.461   1.00 41.92  ? 104 ASN A OD1 1 
ATOM   769  N  ND2 . ASN A 1 104 ? -10.187 1.189   6.122   1.00 41.50  ? 104 ASN A ND2 1 
ATOM   770  N  N   . LEU A 1 105 ? -10.286 2.340   1.827   1.00 35.12  ? 105 LEU A N   1 
ATOM   771  C  CA  . LEU A 1 105 ? -10.563 3.697   1.339   1.00 35.24  ? 105 LEU A CA  1 
ATOM   772  C  C   . LEU A 1 105 ? -11.307 3.744   0.006   1.00 35.50  ? 105 LEU A C   1 
ATOM   773  O  O   . LEU A 1 105 ? -12.083 4.672   -0.204  1.00 34.86  ? 105 LEU A O   1 
ATOM   774  C  CB  . LEU A 1 105 ? -9.270  4.478   1.154   1.00 35.13  ? 105 LEU A CB  1 
ATOM   775  C  CG  . LEU A 1 105 ? -8.363  4.681   2.355   1.00 35.68  ? 105 LEU A CG  1 
ATOM   776  C  CD1 . LEU A 1 105 ? -6.995  5.163   1.875   1.00 35.69  ? 105 LEU A CD1 1 
ATOM   777  C  CD2 . LEU A 1 105 ? -8.984  5.638   3.376   1.00 36.57  ? 105 LEU A CD2 1 
ATOM   778  N  N   . SER A 1 106 ? -11.055 2.780   -0.892  1.00 36.22  ? 106 SER A N   1 
ATOM   779  C  CA  . SER A 1 106 ? -11.502 2.889   -2.304  1.00 36.96  ? 106 SER A CA  1 
ATOM   780  C  C   . SER A 1 106 ? -12.862 2.241   -2.652  1.00 38.01  ? 106 SER A C   1 
ATOM   781  O  O   . SER A 1 106 ? -13.696 2.909   -3.286  1.00 38.88  ? 106 SER A O   1 
ATOM   782  C  CB  . SER A 1 106 ? -10.434 2.383   -3.282  1.00 36.93  ? 106 SER A CB  1 
ATOM   783  O  OG  . SER A 1 106 ? -10.472 0.979   -3.428  1.00 35.81  ? 106 SER A OG  1 
ATOM   784  N  N   . LYS A 1 107 ? -13.066 0.991   -2.250  1.00 38.15  ? 107 LYS A N   1 
ATOM   785  C  CA  . LYS A 1 107 ? -14.315 0.291   -2.528  1.00 38.38  ? 107 LYS A CA  1 
ATOM   786  C  C   . LYS A 1 107 ? -14.874 0.682   -3.892  1.00 39.21  ? 107 LYS A C   1 
ATOM   787  O  O   . LYS A 1 107 ? -15.896 1.360   -3.984  1.00 38.91  ? 107 LYS A O   1 
ATOM   788  C  CB  . LYS A 1 107 ? -15.346 0.581   -1.435  1.00 38.01  ? 107 LYS A CB  1 
ATOM   789  C  CG  . LYS A 1 107 ? -14.901 1.624   -0.423  1.00 37.86  ? 107 LYS A CG  1 
ATOM   790  C  CD  . LYS A 1 107 ? -15.735 1.553   0.846   1.00 35.54  ? 107 LYS A CD  1 
ATOM   791  C  CE  . LYS A 1 107 ? -14.958 2.066   2.047   1.00 33.89  ? 107 LYS A CE  1 
ATOM   792  N  NZ  . LYS A 1 107 ? -15.528 1.570   3.330   1.00 32.40  ? 107 LYS A NZ  1 
ATOM   793  N  N   . LEU A 1 108 ? -14.195 0.248   -4.950  1.00 40.13  ? 108 LEU A N   1 
ATOM   794  C  CA  . LEU A 1 108 ? -14.621 0.551   -6.310  1.00 41.41  ? 108 LEU A CA  1 
ATOM   795  C  C   . LEU A 1 108 ? -13.705 -0.079  -7.353  1.00 42.53  ? 108 LEU A C   1 
ATOM   796  O  O   . LEU A 1 108 ? -13.115 -1.133  -7.120  1.00 42.31  ? 108 LEU A O   1 
ATOM   797  C  CB  . LEU A 1 108 ? -14.728 2.063   -6.515  1.00 41.09  ? 108 LEU A CB  1 
ATOM   798  N  N   . ARG A 1 109 ? -13.591 0.576   -8.504  1.00 43.78  ? 109 ARG A N   1 
ATOM   799  C  CA  . ARG A 1 109 ? -12.715 0.104   -9.571  1.00 44.52  ? 109 ARG A CA  1 
ATOM   800  C  C   . ARG A 1 109 ? -11.412 0.897   -9.609  1.00 45.22  ? 109 ARG A C   1 
ATOM   801  O  O   . ARG A 1 109 ? -10.883 1.190   -10.681 1.00 45.69  ? 109 ARG A O   1 
ATOM   802  C  CB  . ARG A 1 109 ? -13.423 0.193   -10.924 1.00 43.56  ? 109 ARG A CB  1 
ATOM   803  N  N   . SER A 1 110 ? -10.902 1.243   -8.431  1.00 45.45  ? 110 SER A N   1 
ATOM   804  C  CA  . SER A 1 110 ? -9.663  2.002   -8.327  1.00 45.46  ? 110 SER A CA  1 
ATOM   805  C  C   . SER A 1 110 ? -8.467  1.169   -8.779  1.00 45.31  ? 110 SER A C   1 
ATOM   806  O  O   . SER A 1 110 ? -7.658  1.618   -9.590  1.00 44.90  ? 110 SER A O   1 
ATOM   807  C  CB  . SER A 1 110 ? -9.451  2.489   -6.892  1.00 45.35  ? 110 SER A CB  1 
ATOM   808  O  OG  . SER A 1 110 ? -8.117  2.924   -6.693  1.00 44.12  ? 110 SER A OG  1 
ATOM   809  N  N   . ASP A 1 111 ? -8.364  -0.045  -8.248  1.00 44.86  ? 111 ASP A N   1 
ATOM   810  C  CA  . ASP A 1 111 ? -7.272  -0.940  -8.595  1.00 44.13  ? 111 ASP A CA  1 
ATOM   811  C  C   . ASP A 1 111 ? -7.551  -1.643  -9.951  1.00 44.57  ? 111 ASP A C   1 
ATOM   812  O  O   . ASP A 1 111 ? -6.624  -1.875  -10.726 1.00 44.39  ? 111 ASP A O   1 
ATOM   813  C  CB  . ASP A 1 111 ? -7.072  -1.995  -7.494  1.00 43.75  ? 111 ASP A CB  1 
ATOM   814  C  CG  . ASP A 1 111 ? -7.148  -1.427  -6.048  1.00 43.26  ? 111 ASP A CG  1 
ATOM   815  O  OD1 . ASP A 1 111 ? -8.223  -0.874  -5.683  1.00 42.24  ? 111 ASP A OD1 1 
ATOM   816  O  OD2 . ASP A 1 111 ? -6.164  -1.586  -5.261  1.00 37.60  ? 111 ASP A OD2 1 
ATOM   817  N  N   . PHE A 1 112 ? -8.828  -1.987  -10.262 1.00 20.00  ? 112 PHE A N   1 
ATOM   818  C  CA  . PHE A 1 112 ? -9.183  -2.814  -11.411 1.00 20.00  ? 112 PHE A CA  1 
ATOM   819  C  C   . PHE A 1 112 ? -9.513  -1.954  -12.627 1.00 20.00  ? 112 PHE A C   1 
ATOM   820  O  O   . PHE A 1 112 ? -10.496 -1.210  -12.623 1.00 46.52  ? 112 PHE A O   1 
ATOM   821  C  CB  . PHE A 1 112 ? -10.367 -3.721  -11.071 1.00 20.00  ? 112 PHE A CB  1 
ATOM   822  N  N   . THR A 1 116 ? -8.617  2.382   -11.882 1.00 49.56  ? 116 THR A N   1 
ATOM   823  C  CA  . THR A 1 116 ? -7.558  2.370   -12.883 1.00 49.34  ? 116 THR A CA  1 
ATOM   824  C  C   . THR A 1 116 ? -7.646  3.512   -13.941 1.00 48.86  ? 116 THR A C   1 
ATOM   825  O  O   . THR A 1 116 ? -8.109  3.286   -15.074 1.00 48.99  ? 116 THR A O   1 
ATOM   826  C  CB  . THR A 1 116 ? -7.520  0.985   -13.567 1.00 49.55  ? 116 THR A CB  1 
ATOM   827  O  OG1 . THR A 1 116 ? -6.224  0.798   -14.135 1.00 50.70  ? 116 THR A OG1 1 
ATOM   828  C  CG2 . THR A 1 116 ? -8.641  0.814   -14.660 1.00 49.27  ? 116 THR A CG2 1 
ATOM   829  N  N   . LYS A 1 117 ? -7.145  4.703   -13.562 1.00 48.08  ? 117 LYS A N   1 
ATOM   830  C  CA  . LYS A 1 117 ? -7.199  5.976   -14.350 1.00 47.28  ? 117 LYS A CA  1 
ATOM   831  C  C   . LYS A 1 117 ? -5.764  6.365   -14.806 1.00 46.74  ? 117 LYS A C   1 
ATOM   832  O  O   . LYS A 1 117 ? -4.861  5.552   -14.655 1.00 47.19  ? 117 LYS A O   1 
ATOM   833  C  CB  . LYS A 1 117 ? -7.853  7.073   -13.492 1.00 47.14  ? 117 LYS A CB  1 
ATOM   834  C  CG  . LYS A 1 117 ? -9.132  6.602   -12.736 1.00 47.12  ? 117 LYS A CG  1 
ATOM   835  C  CD  . LYS A 1 117 ? -8.836  5.886   -11.391 1.00 46.36  ? 117 LYS A CD  1 
ATOM   836  C  CE  . LYS A 1 117 ? -9.575  4.562   -11.193 1.00 46.34  ? 117 LYS A CE  1 
ATOM   837  N  NZ  . LYS A 1 117 ? -10.874 4.573   -10.442 1.00 47.32  ? 117 LYS A NZ  1 
ATOM   838  N  N   . PRO A 1 118 ? -5.520  7.577   -15.374 1.00 46.02  ? 118 PRO A N   1 
ATOM   839  C  CA  . PRO A 1 118 ? -4.108  7.766   -15.802 1.00 45.34  ? 118 PRO A CA  1 
ATOM   840  C  C   . PRO A 1 118 ? -3.168  8.125   -14.639 1.00 44.69  ? 118 PRO A C   1 
ATOM   841  O  O   . PRO A 1 118 ? -2.087  7.562   -14.533 1.00 44.21  ? 118 PRO A O   1 
ATOM   842  C  CB  . PRO A 1 118 ? -4.191  8.903   -16.826 1.00 45.30  ? 118 PRO A CB  1 
ATOM   843  C  CG  . PRO A 1 118 ? -5.408  9.688   -16.444 1.00 45.64  ? 118 PRO A CG  1 
ATOM   844  C  CD  . PRO A 1 118 ? -6.324  8.794   -15.610 1.00 45.95  ? 118 PRO A CD  1 
ATOM   845  N  N   . VAL A 1 119 ? -3.597  9.044   -13.776 1.00 44.22  ? 119 VAL A N   1 
ATOM   846  C  CA  . VAL A 1 119 ? -2.849  9.431   -12.581 1.00 43.79  ? 119 VAL A CA  1 
ATOM   847  C  C   . VAL A 1 119 ? -2.379  8.221   -11.782 1.00 43.80  ? 119 VAL A C   1 
ATOM   848  O  O   . VAL A 1 119 ? -1.183  8.042   -11.516 1.00 43.49  ? 119 VAL A O   1 
ATOM   849  C  CB  . VAL A 1 119 ? -3.723  10.268  -11.637 1.00 43.61  ? 119 VAL A CB  1 
ATOM   850  C  CG1 . VAL A 1 119 ? -3.191  10.143  -10.207 1.00 43.52  ? 119 VAL A CG1 1 
ATOM   851  C  CG2 . VAL A 1 119 ? -3.788  11.720  -12.105 1.00 43.21  ? 119 VAL A CG2 1 
ATOM   852  N  N   . PHE A 1 120 ? -3.353  7.401   -11.397 1.00 43.87  ? 120 PHE A N   1 
ATOM   853  C  CA  . PHE A 1 120 ? -3.113  6.186   -10.626 1.00 43.38  ? 120 PHE A CA  1 
ATOM   854  C  C   . PHE A 1 120 ? -2.288  5.213   -11.398 1.00 43.70  ? 120 PHE A C   1 
ATOM   855  O  O   . PHE A 1 120 ? -1.494  4.508   -10.822 1.00 43.18  ? 120 PHE A O   1 
ATOM   856  C  CB  . PHE A 1 120 ? -4.420  5.555   -10.262 1.00 42.92  ? 120 PHE A CB  1 
ATOM   857  C  CG  . PHE A 1 120 ? -5.214  6.406   -9.377  1.00 42.37  ? 120 PHE A CG  1 
ATOM   858  C  CD1 . PHE A 1 120 ? -4.899  6.499   -8.048  1.00 42.20  ? 120 PHE A CD1 1 
ATOM   859  C  CD2 . PHE A 1 120 ? -6.222  7.185   -9.873  1.00 42.34  ? 120 PHE A CD2 1 
ATOM   860  C  CE1 . PHE A 1 120 ? -5.622  7.307   -7.207  1.00 42.17  ? 120 PHE A CE1 1 
ATOM   861  C  CE2 . PHE A 1 120 ? -6.952  8.000   -9.041  1.00 42.18  ? 120 PHE A CE2 1 
ATOM   862  C  CZ  . PHE A 1 120 ? -6.657  8.064   -7.708  1.00 41.89  ? 120 PHE A CZ  1 
ATOM   863  N  N   . ALA A 1 121 ? -2.468  5.182   -12.713 1.00 44.62  ? 121 ALA A N   1 
ATOM   864  C  CA  . ALA A 1 121 ? -1.503  4.522   -13.587 1.00 45.35  ? 121 ALA A CA  1 
ATOM   865  C  C   . ALA A 1 121 ? -0.072  4.807   -13.087 1.00 45.99  ? 121 ALA A C   1 
ATOM   866  O  O   . ALA A 1 121 ? 0.713   3.876   -12.850 1.00 45.99  ? 121 ALA A O   1 
ATOM   867  C  CB  . ALA A 1 121 ? -1.672  4.988   -15.027 1.00 45.31  ? 121 ALA A CB  1 
ATOM   868  N  N   . LYS A 1 122 ? 0.249   6.088   -12.886 1.00 46.33  ? 122 LYS A N   1 
ATOM   869  C  CA  . LYS A 1 122 ? 1.573   6.449   -12.399 1.00 46.52  ? 122 LYS A CA  1 
ATOM   870  C  C   . LYS A 1 122 ? 1.767   6.157   -10.876 1.00 46.63  ? 122 LYS A C   1 
ATOM   871  O  O   . LYS A 1 122 ? 2.796   5.581   -10.517 1.00 47.22  ? 122 LYS A O   1 
ATOM   872  C  CB  . LYS A 1 122 ? 1.942   7.891   -12.784 1.00 46.52  ? 122 LYS A CB  1 
ATOM   873  C  CG  . LYS A 1 122 ? 2.178   8.115   -14.305 1.00 46.61  ? 122 LYS A CG  1 
ATOM   874  C  CD  . LYS A 1 122 ? 0.870   8.303   -15.073 1.00 46.14  ? 122 LYS A CD  1 
ATOM   875  C  CE  . LYS A 1 122 ? 1.044   9.037   -16.390 1.00 45.82  ? 122 LYS A CE  1 
ATOM   876  N  NZ  . LYS A 1 122 ? -0.277  9.365   -17.023 1.00 45.24  ? 122 LYS A NZ  1 
ATOM   877  N  N   . ALA A 1 123 ? 0.828   6.500   -9.983  1.00 46.08  ? 123 ALA A N   1 
ATOM   878  C  CA  . ALA A 1 123 ? 1.077   6.258   -8.539  1.00 46.18  ? 123 ALA A CA  1 
ATOM   879  C  C   . ALA A 1 123 ? 1.389   4.766   -8.283  1.00 46.95  ? 123 ALA A C   1 
ATOM   880  O  O   . ALA A 1 123 ? 2.263   4.423   -7.492  1.00 47.04  ? 123 ALA A O   1 
ATOM   881  C  CB  . ALA A 1 123 ? -0.084  6.736   -7.656  1.00 45.51  ? 123 ALA A CB  1 
ATOM   882  N  N   . PHE A 1 124 ? 0.665   3.887   -8.969  1.00 47.62  ? 124 PHE A N   1 
ATOM   883  C  CA  . PHE A 1 124 ? 0.963   2.460   -8.976  1.00 47.94  ? 124 PHE A CA  1 
ATOM   884  C  C   . PHE A 1 124 ? 2.415   2.284   -9.355  1.00 47.01  ? 124 PHE A C   1 
ATOM   885  O  O   . PHE A 1 124 ? 3.219   1.923   -8.515  1.00 47.34  ? 124 PHE A O   1 
ATOM   886  C  CB  . PHE A 1 124 ? 0.048   1.681   -9.980  1.00 48.52  ? 124 PHE A CB  1 
ATOM   887  C  CG  . PHE A 1 124 ? 0.477   0.213   -10.263 1.00 50.73  ? 124 PHE A CG  1 
ATOM   888  C  CD1 . PHE A 1 124 ? 0.031   -0.836  -9.440  1.00 52.29  ? 124 PHE A CD1 1 
ATOM   889  C  CD2 . PHE A 1 124 ? 1.308   -0.108  -11.364 1.00 52.81  ? 124 PHE A CD2 1 
ATOM   890  C  CE1 . PHE A 1 124 ? 0.413   -2.167  -9.690  1.00 53.54  ? 124 PHE A CE1 1 
ATOM   891  C  CE2 . PHE A 1 124 ? 1.693   -1.443  -11.628 1.00 53.69  ? 124 PHE A CE2 1 
ATOM   892  C  CZ  . PHE A 1 124 ? 1.245   -2.470  -10.791 1.00 54.83  ? 124 PHE A CZ  1 
ATOM   893  N  N   . GLU A 1 125 ? 2.743   2.562   -10.610 1.00 46.01  ? 125 GLU A N   1 
ATOM   894  C  CA  . GLU A 1 125 ? 3.988   2.076   -11.190 1.00 45.56  ? 125 GLU A CA  1 
ATOM   895  C  C   . GLU A 1 125 ? 5.247   2.571   -10.439 1.00 44.10  ? 125 GLU A C   1 
ATOM   896  O  O   . GLU A 1 125 ? 6.284   1.881   -10.391 1.00 43.20  ? 125 GLU A O   1 
ATOM   897  C  CB  . GLU A 1 125 ? 4.041   2.427   -12.679 1.00 45.98  ? 125 GLU A CB  1 
ATOM   898  C  CG  . GLU A 1 125 ? 5.097   1.637   -13.499 1.00 49.39  ? 125 GLU A CG  1 
ATOM   899  C  CD  . GLU A 1 125 ? 4.911   0.095   -13.483 1.00 54.23  ? 125 GLU A CD  1 
ATOM   900  O  OE1 . GLU A 1 125 ? 5.933   -0.642  -13.394 1.00 56.50  ? 125 GLU A OE1 1 
ATOM   901  O  OE2 . GLU A 1 125 ? 3.747   -0.382  -13.566 1.00 58.28  ? 125 GLU A OE2 1 
ATOM   902  N  N   . SER A 1 126 ? 5.136   3.750   -9.831  1.00 42.88  ? 126 SER A N   1 
ATOM   903  C  CA  . SER A 1 126 ? 6.239   4.322   -9.068  1.00 42.14  ? 126 SER A CA  1 
ATOM   904  C  C   . SER A 1 126 ? 6.420   3.542   -7.781  1.00 41.04  ? 126 SER A C   1 
ATOM   905  O  O   . SER A 1 126 ? 7.495   3.026   -7.499  1.00 41.42  ? 126 SER A O   1 
ATOM   906  C  CB  . SER A 1 126 ? 6.004   5.813   -8.787  1.00 42.06  ? 126 SER A CB  1 
ATOM   907  O  OG  . SER A 1 126 ? 4.915   5.998   -7.908  1.00 43.03  ? 126 SER A OG  1 
ATOM   908  N  N   . PHE A 1 127 ? 5.346   3.438   -7.019  1.00 39.90  ? 127 PHE A N   1 
ATOM   909  C  CA  . PHE A 1 127 ? 5.311   2.585   -5.843  1.00 38.84  ? 127 PHE A CA  1 
ATOM   910  C  C   . PHE A 1 127 ? 5.872   1.194   -6.156  1.00 38.92  ? 127 PHE A C   1 
ATOM   911  O  O   . PHE A 1 127 ? 6.873   0.791   -5.581  1.00 39.43  ? 127 PHE A O   1 
ATOM   912  C  CB  . PHE A 1 127 ? 3.889   2.492   -5.379  1.00 38.30  ? 127 PHE A CB  1 
ATOM   913  C  CG  . PHE A 1 127 ? 3.749   1.988   -4.025  1.00 37.94  ? 127 PHE A CG  1 
ATOM   914  C  CD1 . PHE A 1 127 ? 3.724   2.866   -2.959  1.00 38.11  ? 127 PHE A CD1 1 
ATOM   915  C  CD2 . PHE A 1 127 ? 3.597   0.633   -3.792  1.00 37.21  ? 127 PHE A CD2 1 
ATOM   916  C  CE1 . PHE A 1 127 ? 3.582   2.394   -1.675  1.00 38.56  ? 127 PHE A CE1 1 
ATOM   917  C  CE2 . PHE A 1 127 ? 3.452   0.156   -2.512  1.00 37.71  ? 127 PHE A CE2 1 
ATOM   918  C  CZ  . PHE A 1 127 ? 3.439   1.024   -1.451  1.00 37.63  ? 127 PHE A CZ  1 
ATOM   919  N  N   . LYS A 1 128 ? 5.291   0.494   -7.121  1.00 38.65  ? 128 LYS A N   1 
ATOM   920  C  CA  . LYS A 1 128 ? 5.795   -0.802  -7.493  1.00 38.94  ? 128 LYS A CA  1 
ATOM   921  C  C   . LYS A 1 128 ? 7.294   -0.757  -7.775  1.00 39.08  ? 128 LYS A C   1 
ATOM   922  O  O   . LYS A 1 128 ? 8.003   -1.720  -7.489  1.00 39.42  ? 128 LYS A O   1 
ATOM   923  C  CB  . LYS A 1 128 ? 5.015   -1.356  -8.683  1.00 39.34  ? 128 LYS A CB  1 
ATOM   924  C  CG  . LYS A 1 128 ? 5.049   -2.896  -8.823  1.00 39.91  ? 128 LYS A CG  1 
ATOM   925  C  CD  . LYS A 1 128 ? 5.955   -3.337  -9.955  1.00 41.33  ? 128 LYS A CD  1 
ATOM   926  C  CE  . LYS A 1 128 ? 5.287   -3.207  -11.309 1.00 41.83  ? 128 LYS A CE  1 
ATOM   927  N  NZ  . LYS A 1 128 ? 4.727   -4.513  -11.809 1.00 42.90  ? 128 LYS A NZ  1 
ATOM   928  N  N   . GLN A 1 129 ? 7.797   0.348   -8.307  1.00 39.31  ? 129 GLN A N   1 
ATOM   929  C  CA  . GLN A 1 129 ? 9.240   0.432   -8.498  1.00 40.02  ? 129 GLN A CA  1 
ATOM   930  C  C   . GLN A 1 129 ? 9.981   0.767   -7.235  1.00 38.84  ? 129 GLN A C   1 
ATOM   931  O  O   . GLN A 1 129 ? 10.967  0.115   -6.947  1.00 39.73  ? 129 GLN A O   1 
ATOM   932  C  CB  . GLN A 1 129 ? 9.674   1.318   -9.669  1.00 40.66  ? 129 GLN A CB  1 
ATOM   933  C  CG  . GLN A 1 129 ? 10.102  0.454   -10.897 1.00 45.20  ? 129 GLN A CG  1 
ATOM   934  C  CD  . GLN A 1 129 ? 10.817  1.253   -12.029 1.00 52.68  ? 129 GLN A CD  1 
ATOM   935  O  OE1 . GLN A 1 129 ? 10.785  2.504   -12.064 1.00 57.08  ? 129 GLN A OE1 1 
ATOM   936  N  NE2 . GLN A 1 129 ? 11.451  0.522   -12.973 1.00 54.73  ? 129 GLN A NE2 1 
ATOM   937  N  N   . LYS A 1 130 ? 9.511   1.711   -6.439  1.00 37.55  ? 130 LYS A N   1 
ATOM   938  C  CA  . LYS A 1 130 ? 10.137  1.914   -5.139  1.00 36.59  ? 130 LYS A CA  1 
ATOM   939  C  C   . LYS A 1 130 ? 10.199  0.611   -4.377  1.00 36.14  ? 130 LYS A C   1 
ATOM   940  O  O   . LYS A 1 130 ? 11.190  0.312   -3.719  1.00 35.88  ? 130 LYS A O   1 
ATOM   941  C  CB  . LYS A 1 130 ? 9.414   2.967   -4.318  1.00 36.57  ? 130 LYS A CB  1 
ATOM   942  C  CG  . LYS A 1 130 ? 10.145  4.300   -4.334  1.00 37.29  ? 130 LYS A CG  1 
ATOM   943  C  CD  . LYS A 1 130 ? 9.768   5.203   -3.190  1.00 39.14  ? 130 LYS A CD  1 
ATOM   944  C  CE  . LYS A 1 130 ? 8.530   6.024   -3.530  1.00 42.51  ? 130 LYS A CE  1 
ATOM   945  N  NZ  . LYS A 1 130 ? 8.783   7.120   -4.510  1.00 45.10  ? 130 LYS A NZ  1 
ATOM   946  N  N   . GLU A 1 131 ? 9.148   -0.186  -4.533  1.00 35.72  ? 131 GLU A N   1 
ATOM   947  C  CA  . GLU A 1 131 ? 8.972   -1.414  -3.784  1.00 35.24  ? 131 GLU A CA  1 
ATOM   948  C  C   . GLU A 1 131 ? 9.975   -2.443  -4.198  1.00 34.50  ? 131 GLU A C   1 
ATOM   949  O  O   . GLU A 1 131 ? 10.575  -3.092  -3.356  1.00 34.18  ? 131 GLU A O   1 
ATOM   950  C  CB  . GLU A 1 131 ? 7.572   -1.946  -4.039  1.00 35.84  ? 131 GLU A CB  1 
ATOM   951  C  CG  . GLU A 1 131 ? 7.101   -3.081  -3.111  1.00 37.79  ? 131 GLU A CG  1 
ATOM   952  C  CD  . GLU A 1 131 ? 5.640   -3.460  -3.336  1.00 40.24  ? 131 GLU A CD  1 
ATOM   953  O  OE1 . GLU A 1 131 ? 4.919   -2.711  -4.059  1.00 44.03  ? 131 GLU A OE1 1 
ATOM   954  O  OE2 . GLU A 1 131 ? 5.210   -4.518  -2.816  1.00 40.33  ? 131 GLU A OE2 1 
ATOM   955  N  N   . VAL A 1 132 ? 10.135  -2.609  -5.505  1.00 33.94  ? 132 VAL A N   1 
ATOM   956  C  CA  . VAL A 1 132 ? 11.123  -3.535  -6.026  1.00 33.60  ? 132 VAL A CA  1 
ATOM   957  C  C   . VAL A 1 132 ? 12.468  -3.139  -5.449  1.00 33.33  ? 132 VAL A C   1 
ATOM   958  O  O   . VAL A 1 132 ? 13.223  -4.005  -4.961  1.00 33.08  ? 132 VAL A O   1 
ATOM   959  C  CB  . VAL A 1 132 ? 11.155  -3.540  -7.570  1.00 33.66  ? 132 VAL A CB  1 
ATOM   960  C  CG1 . VAL A 1 132 ? 12.388  -4.262  -8.092  1.00 33.61  ? 132 VAL A CG1 1 
ATOM   961  C  CG2 . VAL A 1 132 ? 9.896   -4.225  -8.104  1.00 34.64  ? 132 VAL A CG2 1 
ATOM   962  N  N   . GLU A 1 133 ? 12.746  -1.831  -5.451  1.00 32.65  ? 133 GLU A N   1 
ATOM   963  C  CA  . GLU A 1 133 ? 14.018  -1.330  -4.924  1.00 32.40  ? 133 GLU A CA  1 
ATOM   964  C  C   . GLU A 1 133 ? 14.176  -1.641  -3.433  1.00 30.81  ? 133 GLU A C   1 
ATOM   965  O  O   . GLU A 1 133 ? 15.208  -2.189  -3.014  1.00 30.56  ? 133 GLU A O   1 
ATOM   966  C  CB  . GLU A 1 133 ? 14.162  0.174   -5.083  1.00 33.31  ? 133 GLU A CB  1 
ATOM   967  C  CG  . GLU A 1 133 ? 14.233  0.717   -6.487  1.00 37.92  ? 133 GLU A CG  1 
ATOM   968  C  CD  . GLU A 1 133 ? 15.377  0.143   -7.312  1.00 44.73  ? 133 GLU A CD  1 
ATOM   969  O  OE1 . GLU A 1 133 ? 16.492  -0.019  -6.699  1.00 48.95  ? 133 GLU A OE1 1 
ATOM   970  O  OE2 . GLU A 1 133 ? 15.172  -0.119  -8.549  1.00 45.74  ? 133 GLU A OE2 1 
ATOM   971  N  N   . ILE A 1 134 ? 13.181  -1.301  -2.614  1.00 28.47  ? 134 ILE A N   1 
ATOM   972  C  CA  . ILE A 1 134 ? 13.306  -1.655  -1.212  1.00 27.01  ? 134 ILE A CA  1 
ATOM   973  C  C   . ILE A 1 134 ? 13.677  -3.131  -1.105  1.00 26.50  ? 134 ILE A C   1 
ATOM   974  O  O   . ILE A 1 134 ? 14.654  -3.510  -0.423  1.00 27.25  ? 134 ILE A O   1 
ATOM   975  C  CB  . ILE A 1 134 ? 12.050  -1.411  -0.411  1.00 26.61  ? 134 ILE A CB  1 
ATOM   976  C  CG1 . ILE A 1 134 ? 11.811  0.088   -0.233  1.00 26.83  ? 134 ILE A CG1 1 
ATOM   977  C  CG2 . ILE A 1 134 ? 12.155  -2.070  0.920   1.00 23.29  ? 134 ILE A CG2 1 
ATOM   978  C  CD1 . ILE A 1 134 ? 10.303  0.406   -0.028  1.00 27.23  ? 134 ILE A CD1 1 
ATOM   979  N  N   . VAL A 1 135 ? 12.954  -3.959  -1.839  1.00 25.14  ? 135 VAL A N   1 
ATOM   980  C  CA  . VAL A 1 135 ? 13.182  -5.377  -1.731  1.00 24.43  ? 135 VAL A CA  1 
ATOM   981  C  C   . VAL A 1 135 ? 14.607  -5.746  -2.206  1.00 24.18  ? 135 VAL A C   1 
ATOM   982  O  O   . VAL A 1 135 ? 15.320  -6.526  -1.555  1.00 23.43  ? 135 VAL A O   1 
ATOM   983  C  CB  . VAL A 1 135 ? 12.054  -6.177  -2.431  1.00 24.45  ? 135 VAL A CB  1 
ATOM   984  C  CG1 . VAL A 1 135 ? 12.506  -7.616  -2.662  1.00 23.37  ? 135 VAL A CG1 1 
ATOM   985  C  CG2 . VAL A 1 135 ? 10.757  -6.089  -1.576  1.00 21.56  ? 135 VAL A CG2 1 
ATOM   986  N  N   . ALA A 1 136 ? 15.054  -5.124  -3.291  1.00 23.59  ? 136 ALA A N   1 
ATOM   987  C  CA  . ALA A 1 136 ? 16.369  -5.430  -3.809  1.00 23.22  ? 136 ALA A CA  1 
ATOM   988  C  C   . ALA A 1 136 ? 17.395  -5.172  -2.710  1.00 23.49  ? 136 ALA A C   1 
ATOM   989  O  O   . ALA A 1 136 ? 18.486  -5.814  -2.660  1.00 23.52  ? 136 ALA A O   1 
ATOM   990  C  CB  . ALA A 1 136 ? 16.654  -4.610  -5.046  1.00 22.76  ? 136 ALA A CB  1 
ATOM   991  N  N   . GLY A 1 137 ? 17.035  -4.245  -1.813  1.00 23.30  ? 137 GLY A N   1 
ATOM   992  C  CA  . GLY A 1 137 ? 17.944  -3.800  -0.760  1.00 22.94  ? 137 GLY A CA  1 
ATOM   993  C  C   . GLY A 1 137 ? 18.012  -4.805  0.346   1.00 22.66  ? 137 GLY A C   1 
ATOM   994  O  O   . GLY A 1 137 ? 19.061  -5.036  0.924   1.00 21.99  ? 137 GLY A O   1 
ATOM   995  N  N   . ILE A 1 138 ? 16.873  -5.423  0.631   1.00 22.90  ? 138 ILE A N   1 
ATOM   996  C  CA  . ILE A 1 138 ? 16.845  -6.496  1.625   1.00 22.61  ? 138 ILE A CA  1 
ATOM   997  C  C   . ILE A 1 138 ? 17.580  -7.713  1.071   1.00 22.84  ? 138 ILE A C   1 
ATOM   998  O  O   . ILE A 1 138 ? 18.393  -8.325  1.751   1.00 22.37  ? 138 ILE A O   1 
ATOM   999  C  CB  . ILE A 1 138 ? 15.429  -6.870  2.046   1.00 22.13  ? 138 ILE A CB  1 
ATOM   1000 C  CG1 . ILE A 1 138 ? 14.625  -5.598  2.414   1.00 22.03  ? 138 ILE A CG1 1 
ATOM   1001 C  CG2 . ILE A 1 138 ? 15.521  -7.799  3.205   1.00 21.51  ? 138 ILE A CG2 1 
ATOM   1002 C  CD1 . ILE A 1 138 ? 13.206  -5.788  2.951   1.00 20.84  ? 138 ILE A CD1 1 
ATOM   1003 N  N   . ILE A 1 139 ? 17.327  -8.033  -0.188  1.00 23.43  ? 139 ILE A N   1 
ATOM   1004 C  CA  . ILE A 1 139 ? 18.058  -9.112  -0.836  1.00 23.75  ? 139 ILE A CA  1 
ATOM   1005 C  C   . ILE A 1 139 ? 19.551  -8.822  -0.721  1.00 24.32  ? 139 ILE A C   1 
ATOM   1006 O  O   . ILE A 1 139 ? 20.343  -9.679  -0.323  1.00 23.98  ? 139 ILE A O   1 
ATOM   1007 C  CB  . ILE A 1 139 ? 17.581  -9.325  -2.304  1.00 23.70  ? 139 ILE A CB  1 
ATOM   1008 C  CG1 . ILE A 1 139 ? 16.148  -9.913  -2.265  1.00 24.94  ? 139 ILE A CG1 1 
ATOM   1009 C  CG2 . ILE A 1 139 ? 18.553  -10.218 -3.084  1.00 21.83  ? 139 ILE A CG2 1 
ATOM   1010 C  CD1 . ILE A 1 139 ? 15.432  -10.094 -3.618  1.00 25.99  ? 139 ILE A CD1 1 
ATOM   1011 N  N   . GLN A 1 140 ? 19.930  -7.595  -1.035  1.00 25.00  ? 140 GLN A N   1 
ATOM   1012 C  CA  . GLN A 1 140 ? 21.344  -7.215  -0.982  1.00 25.82  ? 140 GLN A CA  1 
ATOM   1013 C  C   . GLN A 1 140 ? 21.967  -7.426  0.402   1.00 25.91  ? 140 GLN A C   1 
ATOM   1014 O  O   . GLN A 1 140 ? 23.080  -7.902  0.508   1.00 26.01  ? 140 GLN A O   1 
ATOM   1015 C  CB  . GLN A 1 140 ? 21.498  -5.744  -1.400  1.00 26.31  ? 140 GLN A CB  1 
ATOM   1016 C  CG  . GLN A 1 140 ? 22.904  -5.243  -1.406  1.00 26.47  ? 140 GLN A CG  1 
ATOM   1017 C  CD  . GLN A 1 140 ? 23.698  -5.945  -2.441  1.00 28.10  ? 140 GLN A CD  1 
ATOM   1018 O  OE1 . GLN A 1 140 ? 24.517  -6.812  -2.126  1.00 30.18  ? 140 GLN A OE1 1 
ATOM   1019 N  NE2 . GLN A 1 140 ? 23.436  -5.617  -3.702  1.00 28.50  ? 140 GLN A NE2 1 
ATOM   1020 N  N   . TYR A 1 141 ? 21.252  -7.039  1.453   1.00 26.33  ? 141 TYR A N   1 
ATOM   1021 C  CA  . TYR A 1 141 ? 21.705  -7.247  2.826   1.00 26.49  ? 141 TYR A CA  1 
ATOM   1022 C  C   . TYR A 1 141 ? 21.825  -8.741  3.109   1.00 26.89  ? 141 TYR A C   1 
ATOM   1023 O  O   . TYR A 1 141 ? 22.833  -9.201  3.603   1.00 26.98  ? 141 TYR A O   1 
ATOM   1024 C  CB  . TYR A 1 141 ? 20.739  -6.571  3.807   1.00 26.34  ? 141 TYR A CB  1 
ATOM   1025 C  CG  . TYR A 1 141 ? 21.055  -6.747  5.275   1.00 25.82  ? 141 TYR A CG  1 
ATOM   1026 C  CD1 . TYR A 1 141 ? 22.368  -6.985  5.724   1.00 26.18  ? 141 TYR A CD1 1 
ATOM   1027 C  CD2 . TYR A 1 141 ? 20.054  -6.607  6.224   1.00 24.82  ? 141 TYR A CD2 1 
ATOM   1028 C  CE1 . TYR A 1 141 ? 22.645  -7.124  7.057   1.00 25.07  ? 141 TYR A CE1 1 
ATOM   1029 C  CE2 . TYR A 1 141 ? 20.326  -6.738  7.563   1.00 24.90  ? 141 TYR A CE2 1 
ATOM   1030 C  CZ  . TYR A 1 141 ? 21.618  -6.995  7.966   1.00 25.46  ? 141 TYR A CZ  1 
ATOM   1031 O  OH  . TYR A 1 141 ? 21.874  -7.136  9.295   1.00 27.92  ? 141 TYR A OH  1 
ATOM   1032 N  N   . GLY A 1 142 ? 20.795  -9.495  2.762   1.00 27.73  ? 142 GLY A N   1 
ATOM   1033 C  CA  . GLY A 1 142 ? 20.865  -10.957 2.784   1.00 28.19  ? 142 GLY A CA  1 
ATOM   1034 C  C   . GLY A 1 142 ? 22.093  -11.535 2.084   1.00 28.42  ? 142 GLY A C   1 
ATOM   1035 O  O   . GLY A 1 142 ? 22.770  -12.409 2.630   1.00 28.36  ? 142 GLY A O   1 
ATOM   1036 N  N   . ILE A 1 143 ? 22.366  -11.054 0.870   1.00 28.79  ? 143 ILE A N   1 
ATOM   1037 C  CA  . ILE A 1 143 ? 23.532  -11.495 0.107   1.00 28.85  ? 143 ILE A CA  1 
ATOM   1038 C  C   . ILE A 1 143 ? 24.742  -11.249 0.959   1.00 29.34  ? 143 ILE A C   1 
ATOM   1039 O  O   . ILE A 1 143 ? 25.433  -12.200 1.304   1.00 30.50  ? 143 ILE A O   1 
ATOM   1040 C  CB  . ILE A 1 143 ? 23.704  -10.761 -1.264  1.00 29.12  ? 143 ILE A CB  1 
ATOM   1041 C  CG1 . ILE A 1 143 ? 22.718  -11.305 -2.322  1.00 29.03  ? 143 ILE A CG1 1 
ATOM   1042 C  CG2 . ILE A 1 143 ? 25.125  -10.868 -1.776  1.00 26.46  ? 143 ILE A CG2 1 
ATOM   1043 C  CD1 . ILE A 1 143 ? 22.743  -10.521 -3.643  1.00 28.43  ? 143 ILE A CD1 1 
ATOM   1044 N  N   . THR A 1 144 ? 24.983  -9.997  1.348   1.00 29.44  ? 144 THR A N   1 
ATOM   1045 C  CA  . THR A 1 144 ? 26.213  -9.657  2.104   1.00 29.39  ? 144 THR A CA  1 
ATOM   1046 C  C   . THR A 1 144 ? 26.222  -10.338 3.474   1.00 29.12  ? 144 THR A C   1 
ATOM   1047 O  O   . THR A 1 144 ? 27.194  -10.980 3.848   1.00 29.18  ? 144 THR A O   1 
ATOM   1048 C  CB  . THR A 1 144 ? 26.405  -8.129  2.270   1.00 29.48  ? 144 THR A CB  1 
ATOM   1049 O  OG1 . THR A 1 144 ? 25.500  -7.625  3.268   1.00 29.94  ? 144 THR A OG1 1 
ATOM   1050 C  CG2 . THR A 1 144 ? 26.196  -7.389  0.920   1.00 29.21  ? 144 THR A CG2 1 
ATOM   1051 N  N   . THR A 1 145 ? 25.116  -10.222 4.190   1.00 29.15  ? 145 THR A N   1 
ATOM   1052 C  CA  . THR A 1 145 ? 24.896  -10.971 5.421   1.00 29.37  ? 145 THR A CA  1 
ATOM   1053 C  C   . THR A 1 145 ? 25.038  -12.495 5.210   1.00 29.80  ? 145 THR A C   1 
ATOM   1054 O  O   . THR A 1 145 ? 25.158  -13.255 6.172   1.00 29.31  ? 145 THR A O   1 
ATOM   1055 C  CB  . THR A 1 145 ? 23.490  -10.658 5.993   1.00 29.32  ? 145 THR A CB  1 
ATOM   1056 O  OG1 . THR A 1 145 ? 23.488  -10.832 7.409   1.00 29.55  ? 145 THR A OG1 1 
ATOM   1057 C  CG2 . THR A 1 145 ? 22.449  -11.550 5.373   1.00 28.23  ? 145 THR A CG2 1 
ATOM   1058 N  N   . LYS A 1 146 ? 24.989  -12.914 3.945   1.00 30.47  ? 146 LYS A N   1 
ATOM   1059 C  CA  . LYS A 1 146 ? 25.227  -14.295 3.499   1.00 30.91  ? 146 LYS A CA  1 
ATOM   1060 C  C   . LYS A 1 146 ? 24.065  -15.242 3.813   1.00 31.49  ? 146 LYS A C   1 
ATOM   1061 O  O   . LYS A 1 146 ? 24.239  -16.457 3.832   1.00 31.46  ? 146 LYS A O   1 
ATOM   1062 C  CB  . LYS A 1 146 ? 26.580  -14.840 3.999   1.00 30.89  ? 146 LYS A CB  1 
ATOM   1063 C  CG  . LYS A 1 146 ? 27.797  -14.133 3.378   1.00 30.81  ? 146 LYS A CG  1 
ATOM   1064 C  CD  . LYS A 1 146 ? 29.126  -14.671 3.904   1.00 30.32  ? 146 LYS A CD  1 
ATOM   1065 C  CE  . LYS A 1 146 ? 30.292  -13.959 3.245   1.00 30.45  ? 146 LYS A CE  1 
ATOM   1066 N  NZ  . LYS A 1 146 ? 31.602  -14.452 3.760   1.00 31.54  ? 146 LYS A NZ  1 
ATOM   1067 N  N   . GLU A 1 147 ? 22.872  -14.684 4.011   1.00 32.26  ? 147 GLU A N   1 
ATOM   1068 C  CA  . GLU A 1 147 ? 21.664  -15.490 4.198   1.00 32.81  ? 147 GLU A CA  1 
ATOM   1069 C  C   . GLU A 1 147 ? 21.124  -15.922 2.835   1.00 33.67  ? 147 GLU A C   1 
ATOM   1070 O  O   . GLU A 1 147 ? 20.621  -17.027 2.671   1.00 33.19  ? 147 GLU A O   1 
ATOM   1071 C  CB  . GLU A 1 147 ? 20.599  -14.704 4.961   1.00 32.60  ? 147 GLU A CB  1 
ATOM   1072 C  CG  . GLU A 1 147 ? 20.968  -14.344 6.395   1.00 32.34  ? 147 GLU A CG  1 
ATOM   1073 C  CD  . GLU A 1 147 ? 20.046  -13.281 6.979   1.00 33.11  ? 147 GLU A CD  1 
ATOM   1074 O  OE1 . GLU A 1 147 ? 18.812  -13.488 6.984   1.00 35.25  ? 147 GLU A OE1 1 
ATOM   1075 O  OE2 . GLU A 1 147 ? 20.538  -12.226 7.421   1.00 32.05  ? 147 GLU A OE2 1 
ATOM   1076 N  N   . PHE A 1 148 ? 21.238  -15.035 1.854   1.00 35.08  ? 148 PHE A N   1 
ATOM   1077 C  CA  . PHE A 1 148 ? 20.758  -15.320 0.516   1.00 36.08  ? 148 PHE A CA  1 
ATOM   1078 C  C   . PHE A 1 148 ? 21.945  -15.468 -0.426  1.00 36.77  ? 148 PHE A C   1 
ATOM   1079 O  O   . PHE A 1 148 ? 22.926  -14.753 -0.303  1.00 35.97  ? 148 PHE A O   1 
ATOM   1080 C  CB  . PHE A 1 148 ? 19.856  -14.191 -0.011  1.00 36.17  ? 148 PHE A CB  1 
ATOM   1081 C  CG  . PHE A 1 148 ? 18.802  -13.689 0.974   1.00 36.51  ? 148 PHE A CG  1 
ATOM   1082 C  CD1 . PHE A 1 148 ? 18.173  -14.530 1.870   1.00 36.26  ? 148 PHE A CD1 1 
ATOM   1083 C  CD2 . PHE A 1 148 ? 18.394  -12.361 0.933   1.00 37.28  ? 148 PHE A CD2 1 
ATOM   1084 C  CE1 . PHE A 1 148 ? 17.194  -14.038 2.740   1.00 36.61  ? 148 PHE A CE1 1 
ATOM   1085 C  CE2 . PHE A 1 148 ? 17.422  -11.873 1.801   1.00 37.07  ? 148 PHE A CE2 1 
ATOM   1086 C  CZ  . PHE A 1 148 ? 16.822  -12.712 2.699   1.00 37.06  ? 148 PHE A CZ  1 
ATOM   1087 N  N   . LYS A 1 149 ? 21.821  -16.377 -1.385  1.00 38.21  ? 149 LYS A N   1 
ATOM   1088 C  CA  . LYS A 1 149 ? 22.817  -16.545 -2.446  1.00 39.31  ? 149 LYS A CA  1 
ATOM   1089 C  C   . LYS A 1 149 ? 22.709  -15.402 -3.470  1.00 40.55  ? 149 LYS A C   1 
ATOM   1090 O  O   . LYS A 1 149 ? 21.596  -14.931 -3.731  1.00 41.21  ? 149 LYS A O   1 
ATOM   1091 C  CB  . LYS A 1 149 ? 22.578  -17.884 -3.147  1.00 39.06  ? 149 LYS A CB  1 
ATOM   1092 C  CG  . LYS A 1 149 ? 22.844  -19.098 -2.286  1.00 39.12  ? 149 LYS A CG  1 
ATOM   1093 C  CD  . LYS A 1 149 ? 22.564  -20.427 -3.030  1.00 37.50  ? 149 LYS A CD  1 
ATOM   1094 C  CE  . LYS A 1 149 ? 22.863  -21.596 -2.147  1.00 35.49  ? 149 LYS A CE  1 
ATOM   1095 N  NZ  . LYS A 1 149 ? 22.555  -22.801 -2.901  1.00 35.26  ? 149 LYS A NZ  1 
ATOM   1096 N  N   . ARG A 1 150 ? 23.845  -14.962 -4.033  1.00 41.76  ? 150 ARG A N   1 
ATOM   1097 C  CA  . ARG A 1 150 ? 23.861  -14.023 -5.179  1.00 42.62  ? 150 ARG A CA  1 
ATOM   1098 C  C   . ARG A 1 150 ? 23.948  -14.863 -6.417  1.00 43.08  ? 150 ARG A C   1 
ATOM   1099 O  O   . ARG A 1 150 ? 25.015  -15.441 -6.669  1.00 43.24  ? 150 ARG A O   1 
ATOM   1100 C  CB  . ARG A 1 150 ? 25.100  -13.115 -5.200  1.00 43.03  ? 150 ARG A CB  1 
ATOM   1101 C  CG  . ARG A 1 150 ? 25.253  -12.352 -6.554  1.00 44.14  ? 150 ARG A CG  1 
ATOM   1102 C  CD  . ARG A 1 150 ? 26.574  -11.567 -6.802  1.00 44.91  ? 150 ARG A CD  1 
ATOM   1103 N  NE  . ARG A 1 150 ? 27.847  -12.160 -6.344  1.00 46.69  ? 150 ARG A NE  1 
ATOM   1104 C  CZ  . ARG A 1 150 ? 28.333  -13.369 -6.657  1.00 47.30  ? 150 ARG A CZ  1 
ATOM   1105 N  NH1 . ARG A 1 150 ? 27.630  -14.230 -7.390  1.00 48.02  ? 150 ARG A NH1 1 
ATOM   1106 N  NH2 . ARG A 1 150 ? 29.531  -13.738 -6.196  1.00 46.13  ? 150 ARG A NH2 1 
ATOM   1107 N  N   . GLY A 1 151 ? 22.894  -14.940 -7.229  1.00 43.64  ? 151 GLY A N   1 
ATOM   1108 C  CA  . GLY A 1 151 ? 21.633  -14.220 -7.094  1.00 43.79  ? 151 GLY A CA  1 
ATOM   1109 C  C   . GLY A 1 151 ? 21.663  -13.035 -8.034  1.00 43.89  ? 151 GLY A C   1 
ATOM   1110 O  O   . GLY A 1 151 ? 22.689  -12.319 -8.089  1.00 43.45  ? 151 GLY A O   1 
ATOM   1111 N  N   . ASN A 1 152 ? 20.593  -12.859 -8.824  1.00 43.66  ? 152 ASN A N   1 
ATOM   1112 C  CA  . ASN A 1 152 ? 20.305  -11.517 -9.295  1.00 43.76  ? 152 ASN A CA  1 
ATOM   1113 C  C   . ASN A 1 152 ? 19.293  -10.948 -8.330  1.00 43.55  ? 152 ASN A C   1 
ATOM   1114 O  O   . ASN A 1 152 ? 18.116  -11.314 -8.339  1.00 43.32  ? 152 ASN A O   1 
ATOM   1115 C  CB  . ASN A 1 152 ? 19.854  -11.370 -10.753 1.00 43.78  ? 152 ASN A CB  1 
ATOM   1116 C  CG  . ASN A 1 152 ? 19.979  -9.894  -11.246 1.00 44.51  ? 152 ASN A CG  1 
ATOM   1117 O  OD1 . ASN A 1 152 ? 19.118  -9.066  -10.981 1.00 44.38  ? 152 ASN A OD1 1 
ATOM   1118 N  ND2 . ASN A 1 152 ? 21.083  -9.575  -11.919 1.00 45.59  ? 152 ASN A ND2 1 
ATOM   1119 N  N   . LYS A 1 153 ? 19.809  -10.066 -7.479  1.00 43.27  ? 153 LYS A N   1 
ATOM   1120 C  CA  . LYS A 1 153 ? 19.029  -9.387  -6.487  1.00 43.08  ? 153 LYS A CA  1 
ATOM   1121 C  C   . LYS A 1 153 ? 17.836  -8.787  -7.176  1.00 42.95  ? 153 LYS A C   1 
ATOM   1122 O  O   . LYS A 1 153 ? 16.736  -8.822  -6.644  1.00 43.22  ? 153 LYS A O   1 
ATOM   1123 C  CB  . LYS A 1 153 ? 19.855  -8.303  -5.734  1.00 43.01  ? 153 LYS A CB  1 
ATOM   1124 C  CG  . LYS A 1 153 ? 19.896  -6.881  -6.358  1.00 42.76  ? 153 LYS A CG  1 
ATOM   1125 C  CD  . LYS A 1 153 ? 20.934  -5.936  -5.678  1.00 42.27  ? 153 LYS A CD  1 
ATOM   1126 C  CE  . LYS A 1 153 ? 21.087  -4.568  -6.421  1.00 41.96  ? 153 LYS A CE  1 
ATOM   1127 N  NZ  . LYS A 1 153 ? 22.462  -3.921  -6.403  1.00 39.85  ? 153 LYS A NZ  1 
ATOM   1128 N  N   . HIS A 1 154 ? 18.032  -8.261  -8.369  1.00 42.82  ? 154 HIS A N   1 
ATOM   1129 C  CA  . HIS A 1 154 ? 16.986  -7.477  -8.950  1.00 43.48  ? 154 HIS A CA  1 
ATOM   1130 C  C   . HIS A 1 154 ? 15.876  -8.322  -9.526  1.00 43.20  ? 154 HIS A C   1 
ATOM   1131 O  O   . HIS A 1 154 ? 14.706  -8.032  -9.344  1.00 43.15  ? 154 HIS A O   1 
ATOM   1132 C  CB  . HIS A 1 154 ? 17.517  -6.573  -10.013 1.00 44.05  ? 154 HIS A CB  1 
ATOM   1133 C  CG  . HIS A 1 154 ? 16.608  -5.440  -10.290 1.00 48.01  ? 154 HIS A CG  1 
ATOM   1134 N  ND1 . HIS A 1 154 ? 15.792  -5.398  -11.398 1.00 52.63  ? 154 HIS A ND1 1 
ATOM   1135 C  CD2 . HIS A 1 154 ? 16.321  -4.336  -9.560  1.00 52.73  ? 154 HIS A CD2 1 
ATOM   1136 C  CE1 . HIS A 1 154 ? 15.065  -4.292  -11.361 1.00 54.80  ? 154 HIS A CE1 1 
ATOM   1137 N  NE2 . HIS A 1 154 ? 15.368  -3.629  -10.257 1.00 54.78  ? 154 HIS A NE2 1 
ATOM   1138 N  N   . GLU A 1 155 ? 16.249  -9.375  -10.228 1.00 43.09  ? 155 GLU A N   1 
ATOM   1139 C  CA  . GLU A 1 155 ? 15.281  -10.297 -10.801 1.00 42.54  ? 155 GLU A CA  1 
ATOM   1140 C  C   . GLU A 1 155 ? 14.388  -10.855 -9.710  1.00 41.88  ? 155 GLU A C   1 
ATOM   1141 O  O   . GLU A 1 155 ? 13.171  -10.770 -9.783  1.00 42.14  ? 155 GLU A O   1 
ATOM   1142 C  CB  . GLU A 1 155 ? 16.041  -11.424 -11.476 1.00 42.89  ? 155 GLU A CB  1 
ATOM   1143 C  CG  . GLU A 1 155 ? 15.199  -12.437 -12.186 1.00 43.82  ? 155 GLU A CG  1 
ATOM   1144 C  CD  . GLU A 1 155 ? 16.064  -13.490 -12.864 1.00 45.24  ? 155 GLU A CD  1 
ATOM   1145 O  OE1 . GLU A 1 155 ? 17.316  -13.437 -12.740 1.00 45.01  ? 155 GLU A OE1 1 
ATOM   1146 O  OE2 . GLU A 1 155 ? 15.477  -14.391 -13.498 1.00 47.17  ? 155 GLU A OE2 1 
ATOM   1147 N  N   . ASN A 1 156 ? 15.009  -11.418 -8.689  1.00 41.22  ? 156 ASN A N   1 
ATOM   1148 C  CA  . ASN A 1 156 ? 14.297  -11.902 -7.532  1.00 41.10  ? 156 ASN A CA  1 
ATOM   1149 C  C   . ASN A 1 156 ? 13.342  -10.866 -6.949  1.00 41.04  ? 156 ASN A C   1 
ATOM   1150 O  O   . ASN A 1 156 ? 12.153  -11.123 -6.809  1.00 41.25  ? 156 ASN A O   1 
ATOM   1151 C  CB  . ASN A 1 156 ? 15.315  -12.284 -6.471  1.00 41.37  ? 156 ASN A CB  1 
ATOM   1152 C  CG  . ASN A 1 156 ? 16.061  -13.550 -6.813  1.00 41.49  ? 156 ASN A CG  1 
ATOM   1153 O  OD1 . ASN A 1 156 ? 16.001  -14.016 -7.953  1.00 41.41  ? 156 ASN A OD1 1 
ATOM   1154 N  ND2 . ASN A 1 156 ? 16.762  -14.125 -5.824  1.00 40.19  ? 156 ASN A ND2 1 
ATOM   1155 N  N   . ALA A 1 157 ? 13.877  -9.694  -6.620  1.00 40.92  ? 157 ALA A N   1 
ATOM   1156 C  CA  . ALA A 1 157 ? 13.116  -8.590  -6.054  1.00 40.74  ? 157 ALA A CA  1 
ATOM   1157 C  C   . ALA A 1 157 ? 11.783  -8.385  -6.773  1.00 41.19  ? 157 ALA A C   1 
ATOM   1158 O  O   . ALA A 1 157 ? 10.727  -8.408  -6.150  1.00 42.00  ? 157 ALA A O   1 
ATOM   1159 C  CB  . ALA A 1 157 ? 13.929  -7.340  -6.130  1.00 40.24  ? 157 ALA A CB  1 
ATOM   1160 N  N   . GLU A 1 158 ? 11.852  -8.169  -8.088  1.00 41.33  ? 158 GLU A N   1 
ATOM   1161 C  CA  . GLU A 1 158 ? 10.695  -8.118  -8.971  1.00 41.06  ? 158 GLU A CA  1 
ATOM   1162 C  C   . GLU A 1 158 ? 9.781   -9.282  -8.827  1.00 40.67  ? 158 GLU A C   1 
ATOM   1163 O  O   . GLU A 1 158 ? 8.549   -9.145  -8.879  1.00 40.81  ? 158 GLU A O   1 
ATOM   1164 C  CB  . GLU A 1 158 ? 11.153  -8.233  -10.380 1.00 40.98  ? 158 GLU A CB  1 
ATOM   1165 C  CG  . GLU A 1 158 ? 11.428  -6.963  -10.983 1.00 44.08  ? 158 GLU A CG  1 
ATOM   1166 C  CD  . GLU A 1 158 ? 10.687  -6.814  -12.302 1.00 48.73  ? 158 GLU A CD  1 
ATOM   1167 O  OE1 . GLU A 1 158 ? 10.529  -7.838  -13.044 1.00 47.84  ? 158 GLU A OE1 1 
ATOM   1168 O  OE2 . GLU A 1 158 ? 10.282  -5.650  -12.586 1.00 52.28  ? 158 GLU A OE2 1 
ATOM   1169 N  N   . PHE A 1 159 ? 10.391  -10.454 -8.740  1.00 39.82  ? 159 PHE A N   1 
ATOM   1170 C  CA  . PHE A 1 159 ? 9.600   -11.665 -8.701  1.00 39.57  ? 159 PHE A CA  1 
ATOM   1171 C  C   . PHE A 1 159 ? 8.742   -11.668 -7.448  1.00 38.21  ? 159 PHE A C   1 
ATOM   1172 O  O   . PHE A 1 159 ? 7.526   -11.857 -7.521  1.00 37.72  ? 159 PHE A O   1 
ATOM   1173 C  CB  . PHE A 1 159 ? 10.479  -12.915 -8.791  1.00 39.73  ? 159 PHE A CB  1 
ATOM   1174 C  CG  . PHE A 1 159 ? 9.717   -14.176 -9.130  1.00 40.51  ? 159 PHE A CG  1 
ATOM   1175 C  CD1 . PHE A 1 159 ? 8.912   -14.239 -10.264 1.00 41.28  ? 159 PHE A CD1 1 
ATOM   1176 C  CD2 . PHE A 1 159 ? 9.814   -15.302 -8.317  1.00 40.60  ? 159 PHE A CD2 1 
ATOM   1177 C  CE1 . PHE A 1 159 ? 8.234   -15.399 -10.588 1.00 40.54  ? 159 PHE A CE1 1 
ATOM   1178 C  CE2 . PHE A 1 159 ? 9.144   -16.446 -8.629  1.00 39.69  ? 159 PHE A CE2 1 
ATOM   1179 C  CZ  . PHE A 1 159 ? 8.346   -16.498 -9.769  1.00 39.99  ? 159 PHE A CZ  1 
ATOM   1180 N  N   . LEU A 1 160 ? 9.371   -11.423 -6.314  1.00 36.86  ? 160 LEU A N   1 
ATOM   1181 C  CA  . LEU A 1 160 ? 8.628   -11.387 -5.076  1.00 36.44  ? 160 LEU A CA  1 
ATOM   1182 C  C   . LEU A 1 160 ? 7.531   -10.337 -5.162  1.00 35.83  ? 160 LEU A C   1 
ATOM   1183 O  O   . LEU A 1 160 ? 6.373   -10.606 -4.832  1.00 35.10  ? 160 LEU A O   1 
ATOM   1184 C  CB  . LEU A 1 160 ? 9.549   -11.114 -3.888  1.00 36.28  ? 160 LEU A CB  1 
ATOM   1185 C  CG  . LEU A 1 160 ? 8.912   -11.318 -2.519  1.00 36.12  ? 160 LEU A CG  1 
ATOM   1186 C  CD1 . LEU A 1 160 ? 8.036   -10.183 -2.218  1.00 39.47  ? 160 LEU A CD1 1 
ATOM   1187 C  CD2 . LEU A 1 160 ? 8.081   -12.542 -2.508  1.00 34.81  ? 160 LEU A CD2 1 
ATOM   1188 N  N   . VAL A 1 161 ? 7.889   -9.155  -5.642  1.00 35.32  ? 161 VAL A N   1 
ATOM   1189 C  CA  . VAL A 1 161 ? 6.918   -8.076  -5.698  1.00 35.29  ? 161 VAL A CA  1 
ATOM   1190 C  C   . VAL A 1 161 ? 5.746   -8.520  -6.593  1.00 35.57  ? 161 VAL A C   1 
ATOM   1191 O  O   . VAL A 1 161 ? 4.603   -8.501  -6.164  1.00 35.11  ? 161 VAL A O   1 
ATOM   1192 C  CB  . VAL A 1 161 ? 7.573   -6.736  -6.067  1.00 34.78  ? 161 VAL A CB  1 
ATOM   1193 C  CG1 . VAL A 1 161 ? 6.561   -5.652  -6.210  1.00 34.15  ? 161 VAL A CG1 1 
ATOM   1194 C  CG2 . VAL A 1 161 ? 8.534   -6.359  -4.981  1.00 34.14  ? 161 VAL A CG2 1 
ATOM   1195 N  N   . HIS A 1 162 ? 6.044   -9.014  -7.786  1.00 36.20  ? 162 HIS A N   1 
ATOM   1196 C  CA  . HIS A 1 162 ? 5.001   -9.495  -8.688  1.00 36.83  ? 162 HIS A CA  1 
ATOM   1197 C  C   . HIS A 1 162 ? 4.166   -10.674 -8.120  1.00 37.16  ? 162 HIS A C   1 
ATOM   1198 O  O   . HIS A 1 162 ? 2.949   -10.769 -8.339  1.00 36.54  ? 162 HIS A O   1 
ATOM   1199 C  CB  . HIS A 1 162 ? 5.616   -9.915  -10.011 1.00 36.82  ? 162 HIS A CB  1 
ATOM   1200 C  CG  . HIS A 1 162 ? 6.105   -8.776  -10.834 1.00 39.41  ? 162 HIS A CG  1 
ATOM   1201 N  ND1 . HIS A 1 162 ? 5.817   -7.459  -10.536 1.00 41.88  ? 162 HIS A ND1 1 
ATOM   1202 C  CD2 . HIS A 1 162 ? 6.843   -8.754  -11.970 1.00 41.77  ? 162 HIS A CD2 1 
ATOM   1203 C  CE1 . HIS A 1 162 ? 6.368   -6.676  -11.446 1.00 42.01  ? 162 HIS A CE1 1 
ATOM   1204 N  NE2 . HIS A 1 162 ? 6.998   -7.436  -12.324 1.00 42.91  ? 162 HIS A NE2 1 
ATOM   1205 N  N   . LEU A 1 163 ? 4.847   -11.586 -7.435  1.00 37.33  ? 163 LEU A N   1 
ATOM   1206 C  CA  . LEU A 1 163 ? 4.194   -12.703 -6.839  1.00 37.09  ? 163 LEU A CA  1 
ATOM   1207 C  C   . LEU A 1 163 ? 3.137   -12.163 -5.919  1.00 37.39  ? 163 LEU A C   1 
ATOM   1208 O  O   . LEU A 1 163 ? 1.980   -12.590 -5.996  1.00 38.46  ? 163 LEU A O   1 
ATOM   1209 C  CB  . LEU A 1 163 ? 5.174   -13.538 -6.042  1.00 37.13  ? 163 LEU A CB  1 
ATOM   1210 C  CG  . LEU A 1 163 ? 5.886   -14.574 -6.902  1.00 37.80  ? 163 LEU A CG  1 
ATOM   1211 C  CD1 . LEU A 1 163 ? 7.019   -15.220 -6.077  1.00 37.62  ? 163 LEU A CD1 1 
ATOM   1212 C  CD2 . LEU A 1 163 ? 4.888   -15.593 -7.450  1.00 35.48  ? 163 LEU A CD2 1 
ATOM   1213 N  N   . LEU A 1 164 ? 3.496   -11.207 -5.061  1.00 36.82  ? 164 LEU A N   1 
ATOM   1214 C  CA  . LEU A 1 164 ? 2.509   -10.673 -4.117  1.00 35.99  ? 164 LEU A CA  1 
ATOM   1215 C  C   . LEU A 1 164 ? 1.401   -9.961  -4.874  1.00 35.64  ? 164 LEU A C   1 
ATOM   1216 O  O   . LEU A 1 164 ? 0.226   -10.107 -4.570  1.00 36.54  ? 164 LEU A O   1 
ATOM   1217 C  CB  . LEU A 1 164 ? 3.135   -9.709  -3.147  1.00 35.75  ? 164 LEU A CB  1 
ATOM   1218 C  CG  . LEU A 1 164 ? 4.350   -10.270 -2.424  1.00 35.37  ? 164 LEU A CG  1 
ATOM   1219 C  CD1 . LEU A 1 164 ? 4.970   -9.158  -1.561  1.00 33.59  ? 164 LEU A CD1 1 
ATOM   1220 C  CD2 . LEU A 1 164 ? 3.991   -11.566 -1.636  1.00 32.09  ? 164 LEU A CD2 1 
ATOM   1221 N  N   . LEU A 1 165 ? 1.756   -9.224  -5.907  1.00 34.64  ? 165 LEU A N   1 
ATOM   1222 C  CA  . LEU A 1 165 ? 0.735   -8.479  -6.608  1.00 33.87  ? 165 LEU A CA  1 
ATOM   1223 C  C   . LEU A 1 165 ? -0.293  -9.477  -7.194  1.00 33.60  ? 165 LEU A C   1 
ATOM   1224 O  O   . LEU A 1 165 ? -1.490  -9.169  -7.256  1.00 34.22  ? 165 LEU A O   1 
ATOM   1225 C  CB  . LEU A 1 165 ? 1.371   -7.576  -7.662  1.00 33.25  ? 165 LEU A CB  1 
ATOM   1226 C  CG  . LEU A 1 165 ? 0.506   -6.748  -8.609  1.00 33.42  ? 165 LEU A CG  1 
ATOM   1227 C  CD1 . LEU A 1 165 ? -0.378  -5.846  -7.834  1.00 32.31  ? 165 LEU A CD1 1 
ATOM   1228 C  CD2 . LEU A 1 165 ? 1.364   -5.955  -9.687  1.00 31.03  ? 165 LEU A CD2 1 
ATOM   1229 N  N   . GLY A 1 166 ? 0.158   -10.664 -7.578  1.00 32.48  ? 166 GLY A N   1 
ATOM   1230 C  CA  . GLY A 1 166 ? -0.715  -11.623 -8.239  1.00 32.23  ? 166 GLY A CA  1 
ATOM   1231 C  C   . GLY A 1 166 ? -1.725  -12.168 -7.263  1.00 32.29  ? 166 GLY A C   1 
ATOM   1232 O  O   . GLY A 1 166 ? -2.916  -12.379 -7.602  1.00 31.08  ? 166 GLY A O   1 
ATOM   1233 N  N   . VAL A 1 167 ? -1.256  -12.382 -6.031  1.00 32.05  ? 167 VAL A N   1 
ATOM   1234 C  CA  . VAL A 1 167 ? -2.158  -12.812 -4.990  1.00 31.76  ? 167 VAL A CA  1 
ATOM   1235 C  C   . VAL A 1 167 ? -3.285  -11.786 -4.881  1.00 31.71  ? 167 VAL A C   1 
ATOM   1236 O  O   . VAL A 1 167 ? -4.459  -12.115 -4.849  1.00 31.08  ? 167 VAL A O   1 
ATOM   1237 C  CB  . VAL A 1 167 ? -1.452  -12.959 -3.650  1.00 31.75  ? 167 VAL A CB  1 
ATOM   1238 C  CG1 . VAL A 1 167 ? -2.504  -12.993 -2.513  1.00 32.13  ? 167 VAL A CG1 1 
ATOM   1239 C  CG2 . VAL A 1 167 ? -0.559  -14.209 -3.646  1.00 30.44  ? 167 VAL A CG2 1 
ATOM   1240 N  N   . ARG A 1 168 ? -2.917  -10.527 -4.859  1.00 32.02  ? 168 ARG A N   1 
ATOM   1241 C  CA  . ARG A 1 168 ? -3.914  -9.499  -4.747  1.00 32.94  ? 168 ARG A CA  1 
ATOM   1242 C  C   . ARG A 1 168 ? -4.791  -9.441  -5.951  1.00 32.73  ? 168 ARG A C   1 
ATOM   1243 O  O   . ARG A 1 168 ? -5.976  -9.179  -5.837  1.00 33.57  ? 168 ARG A O   1 
ATOM   1244 C  CB  . ARG A 1 168 ? -3.248  -8.171  -4.543  1.00 33.62  ? 168 ARG A CB  1 
ATOM   1245 C  CG  . ARG A 1 168 ? -2.564  -8.168  -3.201  1.00 36.48  ? 168 ARG A CG  1 
ATOM   1246 C  CD  . ARG A 1 168 ? -1.915  -6.847  -2.829  1.00 39.50  ? 168 ARG A CD  1 
ATOM   1247 N  NE  . ARG A 1 168 ? -0.465  -6.873  -3.029  1.00 41.04  ? 168 ARG A NE  1 
ATOM   1248 C  CZ  . ARG A 1 168 ? 0.180   -6.074  -3.852  1.00 42.60  ? 168 ARG A CZ  1 
ATOM   1249 N  NH1 . ARG A 1 168 ? -0.489  -5.176  -4.576  1.00 43.21  ? 168 ARG A NH1 1 
ATOM   1250 N  NH2 . ARG A 1 168 ? 1.502   -6.180  -3.943  1.00 45.32  ? 168 ARG A NH2 1 
HETATM 1251 N  N   . MSE A 1 169 ? -4.246  -9.698  -7.120  1.00 32.12  ? 169 MSE A N   1 
HETATM 1252 C  CA  . MSE A 1 169 ? -5.055  -9.536  -8.306  1.00 31.74  ? 169 MSE A CA  1 
HETATM 1253 C  C   . MSE A 1 169 ? -6.075  -10.640 -8.472  1.00 31.01  ? 169 MSE A C   1 
HETATM 1254 O  O   . MSE A 1 169 ? -7.203  -10.374 -8.846  1.00 30.30  ? 169 MSE A O   1 
HETATM 1255 C  CB  . MSE A 1 169 ? -4.168  -9.437  -9.527  1.00 31.92  ? 169 MSE A CB  1 
HETATM 1256 C  CG  . MSE A 1 169 ? -3.315  -8.177  -9.557  1.00 33.19  ? 169 MSE A CG  1 
HETATM 1257 SE SE  . MSE A 1 169 ? -2.676  -7.842  -11.388 0.70 35.60  ? 169 MSE A SE  1 
HETATM 1258 C  CE  . MSE A 1 169 ? -0.810  -8.236  -11.144 1.00 36.70  ? 169 MSE A CE  1 
ATOM   1259 N  N   . VAL A 1 170 ? -5.650  -11.869 -8.194  1.00 31.03  ? 170 VAL A N   1 
ATOM   1260 C  CA  . VAL A 1 170 ? -6.504  -13.048 -8.276  1.00 30.82  ? 170 VAL A CA  1 
ATOM   1261 C  C   . VAL A 1 170 ? -7.617  -12.946 -7.256  1.00 32.20  ? 170 VAL A C   1 
ATOM   1262 O  O   . VAL A 1 170 ? -8.746  -13.297 -7.559  1.00 31.31  ? 170 VAL A O   1 
ATOM   1263 C  CB  . VAL A 1 170 ? -5.726  -14.359 -8.022  1.00 30.30  ? 170 VAL A CB  1 
ATOM   1264 C  CG1 . VAL A 1 170 ? -6.610  -15.523 -8.192  1.00 29.12  ? 170 VAL A CG1 1 
ATOM   1265 C  CG2 . VAL A 1 170 ? -4.535  -14.515 -8.959  1.00 29.56  ? 170 VAL A CG2 1 
ATOM   1266 N  N   . LYS A 1 171 ? -7.341  -12.417 -6.058  1.00 20.00  ? 171 LYS A N   1 
ATOM   1267 C  CA  . LYS A 1 171 ? -8.342  -12.267 -5.011  1.00 20.00  ? 171 LYS A CA  1 
ATOM   1268 C  C   . LYS A 1 171 ? -9.376  -11.209 -5.385  1.00 20.00  ? 171 LYS A C   1 
ATOM   1269 O  O   . LYS A 1 171 ? -10.521 -11.305 -4.924  1.00 35.96  ? 171 LYS A O   1 
ATOM   1270 C  CB  . LYS A 1 171 ? -7.677  -11.904 -3.682  1.00 20.00  ? 171 LYS A CB  1 
ATOM   1271 N  N   . LEU A 1 172 ? -9.036  -10.209 -6.134  1.00 36.15  ? 172 LEU A N   1 
ATOM   1272 C  CA  . LEU A 1 172 ? -10.066 -9.363  -6.713  1.00 36.14  ? 172 LEU A CA  1 
ATOM   1273 C  C   . LEU A 1 172 ? -10.402 -9.908  -8.100  1.00 36.53  ? 172 LEU A C   1 
ATOM   1274 O  O   . LEU A 1 172 ? -9.781  -10.870 -8.577  1.00 36.50  ? 172 LEU A O   1 
ATOM   1275 C  CB  . LEU A 1 172 ? -9.591  -7.924  -6.769  1.00 36.16  ? 172 LEU A CB  1 
ATOM   1276 C  CG  . LEU A 1 172 ? -8.835  -7.409  -5.541  1.00 35.52  ? 172 LEU A CG  1 
ATOM   1277 C  CD1 . LEU A 1 172 ? -8.687  -5.921  -5.610  1.00 32.87  ? 172 LEU A CD1 1 
ATOM   1278 C  CD2 . LEU A 1 172 ? -9.463  -7.817  -4.191  1.00 35.66  ? 172 LEU A CD2 1 
ATOM   1279 N  N   . LYS A 1 173 ? -11.383 -9.298  -8.754  1.00 37.06  ? 173 LYS A N   1 
ATOM   1280 C  CA  . LYS A 1 173 ? -12.140 -9.959  -9.848  1.00 37.51  ? 173 LYS A CA  1 
ATOM   1281 C  C   . LYS A 1 173 ? -12.942 -11.074 -9.202  1.00 38.91  ? 173 LYS A C   1 
ATOM   1282 O  O   . LYS A 1 173 ? -14.168 -11.024 -9.227  1.00 39.03  ? 173 LYS A O   1 
ATOM   1283 C  CB  . LYS A 1 173 ? -11.259 -10.437 -11.021 1.00 36.93  ? 173 LYS A CB  1 
ATOM   1284 C  CG  . LYS A 1 173 ? -10.686 -11.842 -10.977 1.00 34.66  ? 173 LYS A CG  1 
ATOM   1285 C  CD  . LYS A 1 173 ? -9.919  -12.122 -12.234 1.00 32.59  ? 173 LYS A CD  1 
ATOM   1286 C  CE  . LYS A 1 173 ? -10.274 -13.470 -12.823 1.00 32.52  ? 173 LYS A CE  1 
ATOM   1287 N  NZ  . LYS A 1 173 ? -9.583  -13.680 -14.120 1.00 31.75  ? 173 LYS A NZ  1 
ATOM   1288 N  N   . TYR A 1 174 ? -12.219 -12.020 -8.576  1.00 40.76  ? 174 TYR A N   1 
ATOM   1289 C  CA  . TYR A 1 174 ? -12.726 -13.074 -7.634  1.00 42.16  ? 174 TYR A CA  1 
ATOM   1290 C  C   . TYR A 1 174 ? -13.852 -12.593 -6.698  1.00 41.84  ? 174 TYR A C   1 
ATOM   1291 O  O   . TYR A 1 174 ? -14.861 -13.312 -6.524  1.00 42.44  ? 174 TYR A O   1 
ATOM   1292 C  CB  . TYR A 1 174 ? -11.544 -13.597 -6.754  1.00 43.11  ? 174 TYR A CB  1 
ATOM   1293 C  CG  . TYR A 1 174 ? -11.621 -15.018 -6.160  1.00 45.80  ? 174 TYR A CG  1 
ATOM   1294 C  CD1 . TYR A 1 174 ? -10.698 -16.022 -6.562  1.00 48.23  ? 174 TYR A CD1 1 
ATOM   1295 C  CD2 . TYR A 1 174 ? -12.563 -15.345 -5.168  1.00 48.19  ? 174 TYR A CD2 1 
ATOM   1296 C  CE1 . TYR A 1 174 ? -10.749 -17.324 -6.021  1.00 49.77  ? 174 TYR A CE1 1 
ATOM   1297 C  CE2 . TYR A 1 174 ? -12.630 -16.647 -4.627  1.00 50.60  ? 174 TYR A CE2 1 
ATOM   1298 C  CZ  . TYR A 1 174 ? -11.718 -17.626 -5.058  1.00 50.99  ? 174 TYR A CZ  1 
ATOM   1299 O  OH  . TYR A 1 174 ? -11.782 -18.889 -4.523  1.00 51.59  ? 174 TYR A OH  1 
ATOM   1300 N  N   . LYS A 1 175 ? -13.685 -11.411 -6.115  1.00 40.99  ? 175 LYS A N   1 
ATOM   1301 C  CA  . LYS A 1 175 ? -14.686 -10.852 -5.213  1.00 40.64  ? 175 LYS A CA  1 
ATOM   1302 C  C   . LYS A 1 175 ? -15.210 -9.518  -5.732  1.00 40.55  ? 175 LYS A C   1 
ATOM   1303 O  O   . LYS A 1 175 ? -14.918 -9.122  -6.861  1.00 39.95  ? 175 LYS A O   1 
ATOM   1304 C  CB  . LYS A 1 175 ? -14.104 -10.679 -3.809  1.00 40.58  ? 175 LYS A CB  1 
ATOM   1305 N  N   . GLU A 1 176 ? -15.985 -8.829  -4.902  1.00 40.86  ? 176 GLU A N   1 
ATOM   1306 C  CA  . GLU A 1 176 ? -16.552 -7.538  -5.276  1.00 40.97  ? 176 GLU A CA  1 
ATOM   1307 C  C   . GLU A 1 176 ? -16.484 -6.549  -4.117  1.00 41.49  ? 176 GLU A C   1 
ATOM   1308 O  O   . GLU A 1 176 ? -16.313 -6.941  -2.964  1.00 41.24  ? 176 GLU A O   1 
ATOM   1309 C  CB  . GLU A 1 176 ? -18.000 -7.703  -5.743  1.00 40.61  ? 176 GLU A CB  1 
ATOM   1310 N  N   . ILE A 1 177 ? -16.618 -5.264  -4.433  1.00 20.00  ? 177 ILE A N   1 
ATOM   1311 C  CA  . ILE A 1 177 ? -16.574 -4.219  -3.420  1.00 20.00  ? 177 ILE A CA  1 
ATOM   1312 C  C   . ILE A 1 177 ? -17.355 -4.623  -2.174  1.00 20.00  ? 177 ILE A C   1 
ATOM   1313 O  O   . ILE A 1 177 ? -16.837 -4.571  -1.059  1.00 42.64  ? 177 ILE A O   1 
ATOM   1314 C  CB  . ILE A 1 177 ? -17.128 -2.896  -3.984  1.00 20.00  ? 177 ILE A CB  1 
ATOM   1315 N  N   . ASN A 1 178 ? -18.606 -5.031  -2.372  1.00 42.17  ? 178 ASN A N   1 
ATOM   1316 C  CA  . ASN A 1 178 ? -19.459 -5.448  -1.266  1.00 42.08  ? 178 ASN A CA  1 
ATOM   1317 C  C   . ASN A 1 178 ? -19.233 -6.907  -0.883  1.00 41.97  ? 178 ASN A C   1 
ATOM   1318 O  O   . ASN A 1 178 ? -19.086 -7.233  0.296   1.00 42.04  ? 178 ASN A O   1 
ATOM   1319 C  CB  . ASN A 1 178 ? -20.932 -5.218  -1.611  1.00 41.55  ? 178 ASN A CB  1 
ATOM   1320 N  N   . ASP A 1 179 ? -19.205 -7.779  -1.885  1.00 41.80  ? 179 ASP A N   1 
ATOM   1321 C  CA  . ASP A 1 179 ? -18.996 -9.204  -1.654  1.00 41.61  ? 179 ASP A CA  1 
ATOM   1322 C  C   . ASP A 1 179 ? -17.521 -9.257  -1.268  1.00 41.88  ? 179 ASP A C   1 
ATOM   1323 O  O   . ASP A 1 179 ? -16.670 -9.624  -2.077  1.00 42.47  ? 179 ASP A O   1 
ATOM   1324 C  CB  . ASP A 1 179 ? -19.273 -9.999  -2.932  1.00 41.21  ? 179 ASP A CB  1 
ATOM   1325 N  N   . PHE A 1 180 ? -17.228 -8.889  -0.025  1.00 41.87  ? 180 PHE A N   1 
ATOM   1326 C  CA  . PHE A 1 180 ? -15.902 -9.070  0.555   1.00 41.77  ? 180 PHE A CA  1 
ATOM   1327 C  C   . PHE A 1 180 ? -15.970 -9.139  2.077   1.00 42.14  ? 180 PHE A C   1 
ATOM   1328 O  O   . PHE A 1 180 ? -16.261 -8.145  2.740   1.00 42.39  ? 180 PHE A O   1 
ATOM   1329 C  CB  . PHE A 1 180 ? -14.969 -7.938  0.122   1.00 41.34  ? 180 PHE A CB  1 
ATOM   1330 C  CG  . PHE A 1 180 ? -13.552 -8.377  -0.114  1.00 40.50  ? 180 PHE A CG  1 
ATOM   1331 C  CD1 . PHE A 1 180 ? -13.154 -8.841  -1.356  1.00 39.33  ? 180 PHE A CD1 1 
ATOM   1332 C  CD2 . PHE A 1 180 ? -12.618 -8.324  0.907   1.00 39.46  ? 180 PHE A CD2 1 
ATOM   1333 C  CE1 . PHE A 1 180 ? -11.850 -9.246  -1.576  1.00 37.25  ? 180 PHE A CE1 1 
ATOM   1334 C  CE2 . PHE A 1 180 ? -11.313 -8.727  0.693   1.00 37.30  ? 180 PHE A CE2 1 
ATOM   1335 C  CZ  . PHE A 1 180 ? -10.929 -9.188  -0.549  1.00 36.12  ? 180 PHE A CZ  1 
ATOM   1336 N  N   . ASP A 1 181 ? -15.700 -10.320 2.623   1.00 42.54  ? 181 ASP A N   1 
ATOM   1337 C  CA  . ASP A 1 181 ? -15.732 -10.528 4.115   1.00 42.62  ? 181 ASP A CA  1 
ATOM   1338 C  C   . ASP A 1 181 ? -14.399 -10.288 4.836   1.00 42.45  ? 181 ASP A C   1 
ATOM   1339 O  O   . ASP A 1 181 ? -13.434 -9.881  4.223   1.00 42.23  ? 181 ASP A O   1 
ATOM   1340 C  CB  . ASP A 1 181 ? -16.181 -11.962 4.480   1.00 42.66  ? 181 ASP A CB  1 
ATOM   1341 C  CG  . ASP A 1 181 ? -17.305 -12.485 3.596   1.00 43.65  ? 181 ASP A CG  1 
ATOM   1342 O  OD1 . ASP A 1 181 ? -17.399 -12.029 2.439   1.00 45.87  ? 181 ASP A OD1 1 
ATOM   1343 O  OD2 . ASP A 1 181 ? -18.092 -13.359 4.037   1.00 42.78  ? 181 ASP A OD2 1 
ATOM   1344 N  N   . GLU A 1 182 ? -14.363 -10.563 6.141   1.00 42.33  ? 182 GLU A N   1 
ATOM   1345 C  CA  . GLU A 1 182 ? -13.166 -10.339 6.943   1.00 42.41  ? 182 GLU A CA  1 
ATOM   1346 C  C   . GLU A 1 182 ? -12.230 -11.501 6.724   1.00 42.01  ? 182 GLU A C   1 
ATOM   1347 O  O   . GLU A 1 182 ? -11.014 -11.377 6.885   1.00 41.71  ? 182 GLU A O   1 
ATOM   1348 C  CB  . GLU A 1 182 ? -13.470 -10.218 8.444   1.00 42.76  ? 182 GLU A CB  1 
ATOM   1349 C  CG  . GLU A 1 182 ? -13.894 -11.512 9.181   1.00 43.86  ? 182 GLU A CG  1 
ATOM   1350 C  CD  . GLU A 1 182 ? -15.373 -11.899 8.955   1.00 45.10  ? 182 GLU A CD  1 
ATOM   1351 O  OE1 . GLU A 1 182 ? -16.062 -11.230 8.154   1.00 46.48  ? 182 GLU A OE1 1 
ATOM   1352 O  OE2 . GLU A 1 182 ? -15.867 -12.859 9.580   1.00 45.88  ? 182 GLU A OE2 1 
ATOM   1353 N  N   . SER A 1 183 ? -12.809 -12.642 6.373   1.00 41.96  ? 183 SER A N   1 
ATOM   1354 C  CA  . SER A 1 183 ? -12.033 -13.834 6.032   1.00 42.18  ? 183 SER A CA  1 
ATOM   1355 C  C   . SER A 1 183 ? -11.371 -13.644 4.682   1.00 42.86  ? 183 SER A C   1 
ATOM   1356 O  O   . SER A 1 183 ? -10.373 -14.285 4.385   1.00 42.77  ? 183 SER A O   1 
ATOM   1357 C  CB  . SER A 1 183 ? -12.926 -15.061 5.983   1.00 41.72  ? 183 SER A CB  1 
ATOM   1358 O  OG  . SER A 1 183 ? -14.033 -14.780 5.162   1.00 40.49  ? 183 SER A OG  1 
ATOM   1359 N  N   . ASP A 1 184 ? -11.941 -12.762 3.866   1.00 43.85  ? 184 ASP A N   1 
ATOM   1360 C  CA  . ASP A 1 184 ? -11.335 -12.393 2.591   1.00 44.50  ? 184 ASP A CA  1 
ATOM   1361 C  C   . ASP A 1 184 ? -9.944  -11.798 2.760   1.00 45.07  ? 184 ASP A C   1 
ATOM   1362 O  O   . ASP A 1 184 ? -9.083  -12.034 1.925   1.00 44.97  ? 184 ASP A O   1 
ATOM   1363 C  CB  . ASP A 1 184 ? -12.234 -11.430 1.810   1.00 44.52  ? 184 ASP A CB  1 
ATOM   1364 C  CG  . ASP A 1 184 ? -13.461 -12.120 1.250   1.00 45.09  ? 184 ASP A CG  1 
ATOM   1365 O  OD1 . ASP A 1 184 ? -14.241 -12.688 2.047   1.00 45.47  ? 184 ASP A OD1 1 
ATOM   1366 O  OD2 . ASP A 1 184 ? -13.646 -12.105 0.014   1.00 46.14  ? 184 ASP A OD2 1 
ATOM   1367 N  N   . TYR A 1 185 ? -9.704  -11.070 3.847   1.00 46.05  ? 185 TYR A N   1 
ATOM   1368 C  CA  . TYR A 1 185 ? -8.347  -10.536 4.115   1.00 46.93  ? 185 TYR A CA  1 
ATOM   1369 C  C   . TYR A 1 185 ? -7.467  -11.576 4.790   1.00 47.29  ? 185 TYR A C   1 
ATOM   1370 O  O   . TYR A 1 185 ? -6.280  -11.671 4.532   1.00 47.03  ? 185 TYR A O   1 
ATOM   1371 C  CB  . TYR A 1 185 ? -8.377  -9.266  4.972   1.00 47.11  ? 185 TYR A CB  1 
ATOM   1372 C  CG  . TYR A 1 185 ? -9.453  -8.292  4.573   1.00 47.50  ? 185 TYR A CG  1 
ATOM   1373 C  CD1 . TYR A 1 185 ? -9.182  -7.225  3.717   1.00 48.17  ? 185 TYR A CD1 1 
ATOM   1374 C  CD2 . TYR A 1 185 ? -10.745 -8.446  5.046   1.00 47.40  ? 185 TYR A CD2 1 
ATOM   1375 C  CE1 . TYR A 1 185 ? -10.182 -6.337  3.362   1.00 48.40  ? 185 TYR A CE1 1 
ATOM   1376 C  CE2 . TYR A 1 185 ? -11.737 -7.577  4.700   1.00 48.27  ? 185 TYR A CE2 1 
ATOM   1377 C  CZ  . TYR A 1 185 ? -11.457 -6.531  3.865   1.00 47.88  ? 185 TYR A CZ  1 
ATOM   1378 O  OH  . TYR A 1 185 ? -12.481 -5.691  3.543   1.00 48.51  ? 185 TYR A OH  1 
ATOM   1379 N  N   . GLU A 1 186 ? -8.039  -12.373 5.663   1.00 48.25  ? 186 GLU A N   1 
ATOM   1380 C  CA  . GLU A 1 186 ? -7.246  -13.431 6.227   1.00 49.37  ? 186 GLU A CA  1 
ATOM   1381 C  C   . GLU A 1 186 ? -6.628  -14.248 5.110   1.00 49.59  ? 186 GLU A C   1 
ATOM   1382 O  O   . GLU A 1 186 ? -5.452  -14.627 5.195   1.00 49.83  ? 186 GLU A O   1 
ATOM   1383 C  CB  . GLU A 1 186 ? -8.094  -14.265 7.155   1.00 49.83  ? 186 GLU A CB  1 
ATOM   1384 C  CG  . GLU A 1 186 ? -8.479  -13.426 8.349   1.00 51.99  ? 186 GLU A CG  1 
ATOM   1385 C  CD  . GLU A 1 186 ? -9.384  -14.134 9.303   1.00 54.78  ? 186 GLU A CD  1 
ATOM   1386 O  OE1 . GLU A 1 186 ? -9.889  -15.236 8.963   1.00 56.54  ? 186 GLU A OE1 1 
ATOM   1387 O  OE2 . GLU A 1 186 ? -9.573  -13.573 10.406  1.00 57.36  ? 186 GLU A OE2 1 
ATOM   1388 N  N   . ASP A 1 187 ? -7.424  -14.467 4.053   1.00 49.81  ? 187 ASP A N   1 
ATOM   1389 C  CA  . ASP A 1 187 ? -6.970  -15.121 2.817   1.00 49.84  ? 187 ASP A CA  1 
ATOM   1390 C  C   . ASP A 1 187 ? -5.782  -14.345 2.190   1.00 48.80  ? 187 ASP A C   1 
ATOM   1391 O  O   . ASP A 1 187 ? -4.652  -14.837 2.191   1.00 48.10  ? 187 ASP A O   1 
ATOM   1392 C  CB  . ASP A 1 187 ? -8.149  -15.315 1.814   1.00 50.26  ? 187 ASP A CB  1 
ATOM   1393 C  CG  . ASP A 1 187 ? -7.840  -16.374 0.708   1.00 52.24  ? 187 ASP A CG  1 
ATOM   1394 O  OD1 . ASP A 1 187 ? -7.695  -16.023 -0.506  1.00 55.53  ? 187 ASP A OD1 1 
ATOM   1395 O  OD2 . ASP A 1 187 ? -7.713  -17.565 1.058   1.00 53.78  ? 187 ASP A OD2 1 
ATOM   1396 N  N   . LEU A 1 188 ? -6.019  -13.145 1.685   1.00 47.96  ? 188 LEU A N   1 
ATOM   1397 C  CA  . LEU A 1 188 ? -4.909  -12.370 1.170   1.00 48.19  ? 188 LEU A CA  1 
ATOM   1398 C  C   . LEU A 1 188 ? -3.695  -12.619 2.032   1.00 48.03  ? 188 LEU A C   1 
ATOM   1399 O  O   . LEU A 1 188 ? -2.728  -13.233 1.584   1.00 48.35  ? 188 LEU A O   1 
ATOM   1400 C  CB  . LEU A 1 188 ? -5.191  -10.862 1.144   1.00 48.19  ? 188 LEU A CB  1 
ATOM   1401 C  CG  . LEU A 1 188 ? -6.132  -10.441 0.023   1.00 48.04  ? 188 LEU A CG  1 
ATOM   1402 C  CD1 . LEU A 1 188 ? -6.844  -9.142  0.369   1.00 47.54  ? 188 LEU A CD1 1 
ATOM   1403 C  CD2 . LEU A 1 188 ? -5.383  -10.357 -1.296  1.00 47.95  ? 188 LEU A CD2 1 
ATOM   1404 N  N   . ASP A 1 189 ? -3.755  -12.158 3.276   1.00 47.85  ? 189 ASP A N   1 
ATOM   1405 C  CA  . ASP A 1 189 ? -2.600  -12.201 4.147   1.00 47.71  ? 189 ASP A CA  1 
ATOM   1406 C  C   . ASP A 1 189 ? -1.969  -13.608 4.193   1.00 46.94  ? 189 ASP A C   1 
ATOM   1407 O  O   . ASP A 1 189 ? -0.778  -13.762 3.936   1.00 46.28  ? 189 ASP A O   1 
ATOM   1408 C  CB  . ASP A 1 189 ? -2.960  -11.686 5.537   1.00 47.87  ? 189 ASP A CB  1 
ATOM   1409 C  CG  . ASP A 1 189 ? -1.747  -11.626 6.463   1.00 50.47  ? 189 ASP A CG  1 
ATOM   1410 O  OD1 . ASP A 1 189 ? -0.898  -10.680 6.320   1.00 51.32  ? 189 ASP A OD1 1 
ATOM   1411 O  OD2 . ASP A 1 189 ? -1.652  -12.550 7.331   1.00 53.65  ? 189 ASP A OD2 1 
ATOM   1412 N  N   . LYS A 1 190 ? -2.767  -14.632 4.445   1.00 46.48  ? 190 LYS A N   1 
ATOM   1413 C  CA  . LYS A 1 190 ? -2.218  -15.974 4.590   1.00 46.67  ? 190 LYS A CA  1 
ATOM   1414 C  C   . LYS A 1 190 ? -1.533  -16.517 3.318   1.00 46.40  ? 190 LYS A C   1 
ATOM   1415 O  O   . LYS A 1 190 ? -0.484  -17.179 3.383   1.00 46.55  ? 190 LYS A O   1 
ATOM   1416 C  CB  . LYS A 1 190 ? -3.291  -16.912 5.178   1.00 46.88  ? 190 LYS A CB  1 
ATOM   1417 C  CG  . LYS A 1 190 ? -3.439  -16.663 6.713   1.00 48.04  ? 190 LYS A CG  1 
ATOM   1418 C  CD  . LYS A 1 190 ? -4.738  -17.127 7.338   1.00 49.59  ? 190 LYS A CD  1 
ATOM   1419 C  CE  . LYS A 1 190 ? -4.633  -17.282 8.889   1.00 50.60  ? 190 LYS A CE  1 
ATOM   1420 N  NZ  . LYS A 1 190 ? -4.692  -18.702 9.417   1.00 49.98  ? 190 LYS A NZ  1 
ATOM   1421 N  N   . ASN A 1 191 ? -2.098  -16.185 2.166   1.00 46.12  ? 191 ASN A N   1 
ATOM   1422 C  CA  . ASN A 1 191 ? -1.469  -16.470 0.872   1.00 45.94  ? 191 ASN A CA  1 
ATOM   1423 C  C   . ASN A 1 191 ? -0.141  -15.766 0.609   1.00 46.69  ? 191 ASN A C   1 
ATOM   1424 O  O   . ASN A 1 191 ? 0.823   -16.383 0.151   1.00 46.39  ? 191 ASN A O   1 
ATOM   1425 C  CB  . ASN A 1 191 ? -2.395  -16.013 -0.232  1.00 45.78  ? 191 ASN A CB  1 
ATOM   1426 C  CG  . ASN A 1 191 ? -3.504  -16.950 -0.460  1.00 43.28  ? 191 ASN A CG  1 
ATOM   1427 O  OD1 . ASN A 1 191 ? -3.265  -18.140 -0.656  1.00 37.90  ? 191 ASN A OD1 1 
ATOM   1428 N  ND2 . ASN A 1 191 ? -4.740  -16.429 -0.467  1.00 39.43  ? 191 ASN A ND2 1 
HETATM 1429 N  N   . MSE A 1 192 ? -0.121  -14.458 0.848   1.00 47.50  ? 192 MSE A N   1 
HETATM 1430 C  CA  . MSE A 1 192 ? 1.093   -13.679 0.688   1.00 48.40  ? 192 MSE A CA  1 
HETATM 1431 C  C   . MSE A 1 192 ? 2.272   -14.201 1.506   1.00 48.56  ? 192 MSE A C   1 
HETATM 1432 O  O   . MSE A 1 192 ? 3.393   -14.020 1.105   1.00 48.68  ? 192 MSE A O   1 
HETATM 1433 C  CB  . MSE A 1 192 ? 0.839   -12.192 0.931   1.00 48.75  ? 192 MSE A CB  1 
HETATM 1434 C  CG  . MSE A 1 192 ? 0.263   -11.500 -0.311  1.00 51.77  ? 192 MSE A CG  1 
HETATM 1435 SE SE  . MSE A 1 192 ? -0.185  -9.553  -0.175  0.80 62.10  ? 192 MSE A SE  1 
HETATM 1436 C  CE  . MSE A 1 192 ? 1.629   -8.702  -0.030  1.00 59.94  ? 192 MSE A CE  1 
ATOM   1437 N  N   . CYS A 1 193 ? 1.999   -14.885 2.612   1.00 49.36  ? 193 CYS A N   1 
ATOM   1438 C  CA  . CYS A 1 193 ? 3.058   -15.534 3.378   1.00 50.35  ? 193 CYS A CA  1 
ATOM   1439 C  C   . CYS A 1 193 ? 3.566   -16.762 2.623   1.00 49.24  ? 193 CYS A C   1 
ATOM   1440 O  O   . CYS A 1 193 ? 4.747   -16.857 2.286   1.00 49.22  ? 193 CYS A O   1 
ATOM   1441 C  CB  . CYS A 1 193 ? 2.551   -15.937 4.763   1.00 50.49  ? 193 CYS A CB  1 
ATOM   1442 S  SG  . CYS A 1 193 ? 1.852   -14.577 5.727   1.00 58.71  ? 193 CYS A SG  1 
ATOM   1443 N  N   . LYS A 1 194 ? 2.657   -17.695 2.359   1.00 48.17  ? 194 LYS A N   1 
ATOM   1444 C  CA  . LYS A 1 194 ? 2.945   -18.879 1.600   1.00 47.18  ? 194 LYS A CA  1 
ATOM   1445 C  C   . LYS A 1 194 ? 3.979   -18.487 0.540   1.00 46.31  ? 194 LYS A C   1 
ATOM   1446 O  O   . LYS A 1 194 ? 5.063   -19.059 0.473   1.00 46.28  ? 194 LYS A O   1 
ATOM   1447 C  CB  . LYS A 1 194 ? 1.675   -19.397 0.937   1.00 47.26  ? 194 LYS A CB  1 
ATOM   1448 C  CG  . LYS A 1 194 ? 0.796   -20.264 1.793   1.00 46.40  ? 194 LYS A CG  1 
ATOM   1449 C  CD  . LYS A 1 194 ? 0.011   -21.298 0.939   1.00 45.41  ? 194 LYS A CD  1 
ATOM   1450 C  CE  . LYS A 1 194 ? 0.259   -22.705 1.420   1.00 44.71  ? 194 LYS A CE  1 
ATOM   1451 N  NZ  . LYS A 1 194 ? -0.681  -23.597 0.768   1.00 45.28  ? 194 LYS A NZ  1 
ATOM   1452 N  N   . VAL A 1 195 ? 3.643   -17.471 -0.249  1.00 45.06  ? 195 VAL A N   1 
ATOM   1453 C  CA  . VAL A 1 195 ? 4.511   -17.010 -1.315  1.00 44.36  ? 195 VAL A CA  1 
ATOM   1454 C  C   . VAL A 1 195 ? 5.874   -16.540 -0.758  1.00 43.86  ? 195 VAL A C   1 
ATOM   1455 O  O   . VAL A 1 195 ? 6.915   -17.084 -1.143  1.00 43.32  ? 195 VAL A O   1 
ATOM   1456 C  CB  . VAL A 1 195 ? 3.814   -15.898 -2.125  1.00 44.55  ? 195 VAL A CB  1 
ATOM   1457 C  CG1 . VAL A 1 195 ? 4.735   -15.362 -3.243  1.00 44.89  ? 195 VAL A CG1 1 
ATOM   1458 C  CG2 . VAL A 1 195 ? 2.486   -16.403 -2.684  1.00 42.82  ? 195 VAL A CG2 1 
ATOM   1459 N  N   . ALA A 1 196 ? 5.850   -15.554 0.150   1.00 43.32  ? 196 ALA A N   1 
ATOM   1460 C  CA  . ALA A 1 196 ? 7.016   -15.145 0.968   1.00 42.96  ? 196 ALA A CA  1 
ATOM   1461 C  C   . ALA A 1 196 ? 7.862   -16.336 1.464   1.00 43.27  ? 196 ALA A C   1 
ATOM   1462 O  O   . ALA A 1 196 ? 9.067   -16.455 1.185   1.00 43.06  ? 196 ALA A O   1 
ATOM   1463 C  CB  . ALA A 1 196 ? 6.538   -14.347 2.159   1.00 42.50  ? 196 ALA A CB  1 
ATOM   1464 N  N   . GLY A 1 197 ? 7.225   -17.229 2.199   1.00 43.49  ? 197 GLY A N   1 
ATOM   1465 C  CA  . GLY A 1 197 ? 7.888   -18.431 2.631   1.00 44.15  ? 197 GLY A CA  1 
ATOM   1466 C  C   . GLY A 1 197 ? 8.609   -19.183 1.533   1.00 44.78  ? 197 GLY A C   1 
ATOM   1467 O  O   . GLY A 1 197 ? 9.754   -19.601 1.699   1.00 44.78  ? 197 GLY A O   1 
HETATM 1468 N  N   . MSE A 1 198 ? 7.947   -19.361 0.406   1.00 45.81  ? 198 MSE A N   1 
HETATM 1469 C  CA  . MSE A 1 198 ? 8.532   -20.143 -0.664  1.00 47.15  ? 198 MSE A CA  1 
HETATM 1470 C  C   . MSE A 1 198 ? 9.692   -19.418 -1.326  1.00 47.92  ? 198 MSE A C   1 
HETATM 1471 O  O   . MSE A 1 198 ? 10.723  -20.010 -1.656  1.00 47.98  ? 198 MSE A O   1 
HETATM 1472 C  CB  . MSE A 1 198 ? 7.491   -20.416 -1.708  1.00 47.61  ? 198 MSE A CB  1 
HETATM 1473 C  CG  . MSE A 1 198 ? 6.303   -21.200 -1.225  1.00 49.28  ? 198 MSE A CG  1 
HETATM 1474 SE SE  . MSE A 1 198 ? 5.166   -21.537 -2.771  0.70 54.61  ? 198 MSE A SE  1 
HETATM 1475 C  CE  . MSE A 1 198 ? 6.376   -22.752 -3.718  1.00 49.52  ? 198 MSE A CE  1 
ATOM   1476 N  N   . PHE A 1 199 ? 9.503   -18.125 -1.535  1.00 48.69  ? 199 PHE A N   1 
ATOM   1477 C  CA  . PHE A 1 199 ? 10.537  -17.279 -2.099  1.00 49.24  ? 199 PHE A CA  1 
ATOM   1478 C  C   . PHE A 1 199 ? 11.804  -17.363 -1.259  1.00 50.16  ? 199 PHE A C   1 
ATOM   1479 O  O   . PHE A 1 199 ? 12.911  -17.512 -1.797  1.00 50.36  ? 199 PHE A O   1 
ATOM   1480 C  CB  . PHE A 1 199 ? 10.024  -15.848 -2.172  1.00 48.96  ? 199 PHE A CB  1 
ATOM   1481 C  CG  . PHE A 1 199 ? 10.965  -14.899 -2.821  1.00 47.98  ? 199 PHE A CG  1 
ATOM   1482 C  CD1 . PHE A 1 199 ? 11.735  -14.037 -2.047  1.00 46.53  ? 199 PHE A CD1 1 
ATOM   1483 C  CD2 . PHE A 1 199 ? 11.060  -14.835 -4.201  1.00 47.48  ? 199 PHE A CD2 1 
ATOM   1484 C  CE1 . PHE A 1 199 ? 12.594  -13.134 -2.637  1.00 46.42  ? 199 PHE A CE1 1 
ATOM   1485 C  CE2 . PHE A 1 199 ? 11.927  -13.926 -4.812  1.00 47.29  ? 199 PHE A CE2 1 
ATOM   1486 C  CZ  . PHE A 1 199 ? 12.695  -13.075 -4.023  1.00 47.20  ? 199 PHE A CZ  1 
ATOM   1487 N  N   . LEU A 1 200 ? 11.643  -17.288 0.059   1.00 50.93  ? 200 LEU A N   1 
ATOM   1488 C  CA  . LEU A 1 200 ? 12.793  -17.347 0.925   1.00 51.64  ? 200 LEU A CA  1 
ATOM   1489 C  C   . LEU A 1 200 ? 13.599  -18.633 0.665   1.00 53.61  ? 200 LEU A C   1 
ATOM   1490 O  O   . LEU A 1 200 ? 14.827  -18.582 0.568   1.00 53.58  ? 200 LEU A O   1 
ATOM   1491 C  CB  . LEU A 1 200 ? 12.366  -17.224 2.377   1.00 50.81  ? 200 LEU A CB  1 
ATOM   1492 C  CG  . LEU A 1 200 ? 12.063  -15.814 2.856   1.00 49.30  ? 200 LEU A CG  1 
ATOM   1493 C  CD1 . LEU A 1 200 ? 11.527  -15.816 4.281   1.00 46.88  ? 200 LEU A CD1 1 
ATOM   1494 C  CD2 . LEU A 1 200 ? 13.313  -14.952 2.767   1.00 47.98  ? 200 LEU A CD2 1 
ATOM   1495 N  N   . LYS A 1 201 ? 12.924  -19.775 0.507   1.00 56.01  ? 201 LYS A N   1 
ATOM   1496 C  CA  . LYS A 1 201 ? 13.653  -21.035 0.309   1.00 58.05  ? 201 LYS A CA  1 
ATOM   1497 C  C   . LYS A 1 201 ? 14.316  -21.096 -1.055  1.00 59.98  ? 201 LYS A C   1 
ATOM   1498 O  O   . LYS A 1 201 ? 15.251  -21.864 -1.250  1.00 59.93  ? 201 LYS A O   1 
ATOM   1499 C  CB  . LYS A 1 201 ? 12.780  -22.281 0.523   1.00 58.06  ? 201 LYS A CB  1 
ATOM   1500 C  CG  . LYS A 1 201 ? 13.592  -23.625 0.448   1.00 58.73  ? 201 LYS A CG  1 
ATOM   1501 C  CD  . LYS A 1 201 ? 12.825  -24.870 1.005   1.00 59.56  ? 201 LYS A CD  1 
ATOM   1502 C  CE  . LYS A 1 201 ? 13.736  -25.896 1.726   1.00 59.22  ? 201 LYS A CE  1 
ATOM   1503 N  NZ  . LYS A 1 201 ? 15.111  -26.021 1.154   1.00 58.61  ? 201 LYS A NZ  1 
ATOM   1504 N  N   . GLU A 1 202 ? 13.846  -20.288 -1.996  1.00 62.54  ? 202 GLU A N   1 
ATOM   1505 C  CA  . GLU A 1 202 ? 14.521  -20.182 -3.276  1.00 64.63  ? 202 GLU A CA  1 
ATOM   1506 C  C   . GLU A 1 202 ? 15.825  -19.382 -3.136  1.00 67.07  ? 202 GLU A C   1 
ATOM   1507 O  O   . GLU A 1 202 ? 16.607  -19.364 -4.077  1.00 67.40  ? 202 GLU A O   1 
ATOM   1508 C  CB  . GLU A 1 202 ? 13.586  -19.576 -4.335  1.00 64.52  ? 202 GLU A CB  1 
ATOM   1509 C  CG  . GLU A 1 202 ? 14.207  -19.247 -5.719  1.00 64.09  ? 202 GLU A CG  1 
ATOM   1510 C  CD  . GLU A 1 202 ? 14.473  -20.458 -6.598  1.00 64.22  ? 202 GLU A CD  1 
ATOM   1511 O  OE1 . GLU A 1 202 ? 14.298  -21.598 -6.118  1.00 64.99  ? 202 GLU A OE1 1 
ATOM   1512 O  OE2 . GLU A 1 202 ? 14.838  -20.266 -7.783  1.00 63.00  ? 202 GLU A OE2 1 
ATOM   1513 N  N   . ILE A 1 203 ? 16.090  -18.741 -1.991  1.00 69.87  ? 203 ILE A N   1 
ATOM   1514 C  CA  . ILE A 1 203 ? 17.380  -18.054 -1.819  1.00 72.08  ? 203 ILE A CA  1 
ATOM   1515 C  C   . ILE A 1 203 ? 18.101  -18.208 -0.483  1.00 75.35  ? 203 ILE A C   1 
ATOM   1516 O  O   . ILE A 1 203 ? 19.200  -17.684 -0.331  1.00 75.40  ? 203 ILE A O   1 
ATOM   1517 C  CB  . ILE A 1 203 ? 17.275  -16.546 -2.049  1.00 71.65  ? 203 ILE A CB  1 
ATOM   1518 C  CG1 . ILE A 1 203 ? 15.878  -16.126 -2.515  1.00 69.67  ? 203 ILE A CG1 1 
ATOM   1519 C  CG2 . ILE A 1 203 ? 18.422  -16.113 -2.989  1.00 71.39  ? 203 ILE A CG2 1 
ATOM   1520 C  CD1 . ILE A 1 203 ? 15.501  -14.786 -2.002  1.00 67.13  ? 203 ILE A CD1 1 
ATOM   1521 N  N   . GLN A 1 204 ? 17.503  -18.918 0.469   1.00 79.43  ? 204 GLN A N   1 
ATOM   1522 C  CA  . GLN A 1 204 ? 18.053  -19.084 1.825   1.00 82.98  ? 204 GLN A CA  1 
ATOM   1523 C  C   . GLN A 1 204 ? 19.550  -19.532 1.903   1.00 86.69  ? 204 GLN A C   1 
ATOM   1524 O  O   . GLN A 1 204 ? 20.205  -19.414 2.952   1.00 86.91  ? 204 GLN A O   1 
ATOM   1525 C  CB  . GLN A 1 204 ? 17.179  -20.095 2.577   1.00 82.96  ? 204 GLN A CB  1 
ATOM   1526 C  CG  . GLN A 1 204 ? 17.328  -21.550 2.046   1.00 83.26  ? 204 GLN A CG  1 
ATOM   1527 C  CD  . GLN A 1 204 ? 16.503  -22.578 2.807   1.00 83.26  ? 204 GLN A CD  1 
ATOM   1528 O  OE1 . GLN A 1 204 ? 15.280  -22.527 2.784   1.00 83.68  ? 204 GLN A OE1 1 
ATOM   1529 N  NE2 . GLN A 1 204 ? 17.174  -23.528 3.472   1.00 83.53  ? 204 GLN A NE2 1 
ATOM   1530 N  N   . THR A 1 205 ? 20.057  -20.041 0.790   1.00 91.24  ? 205 THR A N   1 
ATOM   1531 C  CA  . THR A 1 205 ? 21.430  -20.478 0.782   1.00 94.39  ? 205 THR A CA  1 
ATOM   1532 C  C   . THR A 1 205 ? 21.510  -21.951 1.136   1.00 95.11  ? 205 THR A C   1 
ATOM   1533 O  O   . THR A 1 205 ? 21.113  -22.357 2.227   1.00 96.35  ? 205 THR A O   1 
ATOM   1534 C  CB  . THR A 1 205 ? 22.174  -19.717 1.843   1.00 95.73  ? 205 THR A CB  1 
ATOM   1535 O  OG1 . THR A 1 205 ? 22.113  -18.322 1.537   1.00 98.65  ? 205 THR A OG1 1 
ATOM   1536 C  CG2 . THR A 1 205 ? 23.635  -20.149 1.836   1.00 95.60  ? 205 THR A CG2 1 
HETATM 1537 S  S   . SO4 B 2 .   ? -21.436 12.139  9.912   0.90 146.60 ? 217 SO4 A S   1 
HETATM 1538 O  O1  . SO4 B 2 .   ? -21.848 13.535  9.695   0.90 146.99 ? 217 SO4 A O1  1 
HETATM 1539 O  O2  . SO4 B 2 .   ? -22.517 11.452  10.618  0.90 146.83 ? 217 SO4 A O2  1 
HETATM 1540 O  O3  . SO4 B 2 .   ? -21.224 11.500  8.615   0.90 145.50 ? 217 SO4 A O3  1 
HETATM 1541 O  O4  . SO4 B 2 .   ? -20.208 12.042  10.714  0.90 145.42 ? 217 SO4 A O4  1 
HETATM 1542 S  S   . SO4 C 2 .   ? -19.469 17.518  -3.216  0.90 144.52 ? 218 SO4 A S   1 
HETATM 1543 O  O1  . SO4 C 2 .   ? -19.744 18.129  -1.900  0.90 142.57 ? 218 SO4 A O1  1 
HETATM 1544 O  O2  . SO4 C 2 .   ? -20.742 17.242  -3.879  0.90 143.88 ? 218 SO4 A O2  1 
HETATM 1545 O  O3  . SO4 C 2 .   ? -18.745 18.459  -4.068  0.90 145.73 ? 218 SO4 A O3  1 
HETATM 1546 O  O4  . SO4 C 2 .   ? -18.651 16.295  -3.131  0.90 142.65 ? 218 SO4 A O4  1 
# 
